data_1XWH
#
_entry.id   1XWH
#
loop_
_entity.id
_entity.type
_entity.pdbx_description
1 polymer 'Autoimmune regulator'
2 non-polymer 'ZINC ION'
#
_entity_poly.entity_id   1
_entity_poly.type   'polypeptide(L)'
_entity_poly.pdbx_seq_one_letter_code
;GAMAQKNEDECAVCRDGGELICCDGCPRAFHLACLSPPLREIPSGTWRCSSCLQATVQEVQPRAEE
;
_entity_poly.pdbx_strand_id   A
#
loop_
_chem_comp.id
_chem_comp.type
_chem_comp.name
_chem_comp.formula
ZN non-polymer 'ZINC ION' 'Zn 2'
#
# COMPACT_ATOMS: atom_id res chain seq x y z
N GLY A 1 5.28 14.39 14.26
CA GLY A 1 6.04 13.14 14.52
C GLY A 1 5.18 11.91 14.37
N ALA A 2 4.29 11.70 15.34
CA ALA A 2 3.40 10.54 15.33
C ALA A 2 4.19 9.24 15.36
N MET A 3 3.46 8.12 15.34
CA MET A 3 4.09 6.80 15.37
C MET A 3 3.25 5.79 14.58
N ALA A 4 3.92 4.84 13.94
CA ALA A 4 3.24 3.83 13.15
C ALA A 4 4.04 2.53 13.12
N GLN A 5 4.21 1.92 14.29
CA GLN A 5 4.96 0.67 14.39
C GLN A 5 4.07 -0.52 14.04
N LYS A 6 3.02 -0.73 14.84
CA LYS A 6 2.09 -1.83 14.61
C LYS A 6 1.10 -1.47 13.51
N ASN A 7 1.19 -2.20 12.40
CA ASN A 7 0.30 -1.97 11.26
C ASN A 7 -1.09 -2.55 11.51
N GLU A 8 -2.05 -2.16 10.69
CA GLU A 8 -3.42 -2.65 10.82
C GLU A 8 -3.55 -4.03 10.20
N ASP A 9 -4.16 -4.94 10.96
CA ASP A 9 -4.36 -6.31 10.49
C ASP A 9 -5.79 -6.51 10.00
N GLU A 10 -6.37 -5.45 9.46
CA GLU A 10 -7.74 -5.50 8.96
C GLU A 10 -7.83 -4.84 7.58
N CYS A 11 -8.53 -5.50 6.66
CA CYS A 11 -8.70 -5.00 5.30
C CYS A 11 -9.55 -3.72 5.32
N ALA A 12 -9.45 -2.94 4.25
CA ALA A 12 -10.20 -1.70 4.13
C ALA A 12 -11.07 -1.72 2.88
N VAL A 13 -11.14 -2.89 2.25
CA VAL A 13 -11.94 -3.07 1.04
C VAL A 13 -13.18 -3.91 1.30
N CYS A 14 -12.99 -5.12 1.79
CA CYS A 14 -14.10 -6.03 2.07
C CYS A 14 -14.22 -6.33 3.56
N ARG A 15 -13.44 -5.61 4.37
CA ARG A 15 -13.45 -5.80 5.82
C ARG A 15 -13.18 -7.25 6.22
N ASP A 16 -12.49 -7.98 5.35
CA ASP A 16 -12.17 -9.38 5.62
C ASP A 16 -10.69 -9.52 6.00
N GLY A 17 -10.36 -10.59 6.73
CA GLY A 17 -8.99 -10.81 7.14
C GLY A 17 -8.39 -12.05 6.53
N GLY A 18 -7.44 -12.66 7.25
CA GLY A 18 -6.78 -13.85 6.75
C GLY A 18 -5.47 -13.53 6.06
N GLU A 19 -5.44 -13.68 4.74
CA GLU A 19 -4.24 -13.40 3.97
C GLU A 19 -4.18 -11.91 3.62
N LEU A 20 -3.84 -11.10 4.61
CA LEU A 20 -3.77 -9.65 4.43
C LEU A 20 -2.34 -9.18 4.23
N ILE A 21 -2.18 -8.10 3.46
CA ILE A 21 -0.89 -7.52 3.19
C ILE A 21 -0.93 -6.01 3.43
N CYS A 22 -0.23 -5.55 4.46
CA CYS A 22 -0.19 -4.14 4.79
C CYS A 22 0.96 -3.42 4.10
N CYS A 23 0.68 -2.25 3.55
CA CYS A 23 1.69 -1.47 2.86
C CYS A 23 2.82 -1.06 3.80
N ASP A 24 4.01 -0.87 3.24
CA ASP A 24 5.18 -0.50 4.02
C ASP A 24 4.91 0.74 4.88
N GLY A 25 4.88 1.90 4.24
CA GLY A 25 4.64 3.15 4.98
C GLY A 25 3.18 3.37 5.34
N CYS A 26 2.29 2.53 4.82
CA CYS A 26 0.87 2.67 5.09
C CYS A 26 0.34 1.47 5.89
N PRO A 27 -0.02 1.66 7.17
CA PRO A 27 -0.54 0.59 8.03
C PRO A 27 -1.78 -0.08 7.44
N ARG A 28 -2.42 0.60 6.50
CA ARG A 28 -3.62 0.06 5.86
C ARG A 28 -3.36 -1.31 5.24
N ALA A 29 -4.36 -2.19 5.32
CA ALA A 29 -4.23 -3.53 4.78
C ALA A 29 -5.18 -3.74 3.61
N PHE A 30 -4.79 -4.63 2.70
CA PHE A 30 -5.59 -4.91 1.51
C PHE A 30 -5.41 -6.36 1.06
N HIS A 31 -6.34 -6.84 0.23
CA HIS A 31 -6.28 -8.18 -0.29
C HIS A 31 -5.65 -8.18 -1.68
N LEU A 32 -5.12 -9.32 -2.10
CA LEU A 32 -4.48 -9.42 -3.41
C LEU A 32 -5.44 -9.02 -4.53
N ALA A 33 -6.58 -9.72 -4.62
CA ALA A 33 -7.56 -9.43 -5.66
C ALA A 33 -8.23 -8.08 -5.47
N CYS A 34 -8.24 -7.58 -4.24
CA CYS A 34 -8.85 -6.29 -3.95
C CYS A 34 -8.02 -5.14 -4.49
N LEU A 35 -6.69 -5.30 -4.42
CA LEU A 35 -5.77 -4.28 -4.90
C LEU A 35 -5.95 -4.07 -6.41
N SER A 36 -5.73 -2.83 -6.85
CA SER A 36 -5.87 -2.49 -8.26
C SER A 36 -4.61 -1.77 -8.76
N PRO A 37 -3.80 -2.44 -9.62
CA PRO A 37 -4.05 -3.80 -10.10
C PRO A 37 -3.76 -4.87 -9.03
N PRO A 38 -4.48 -6.00 -9.08
CA PRO A 38 -4.29 -7.09 -8.11
C PRO A 38 -2.95 -7.80 -8.28
N LEU A 39 -2.38 -8.24 -7.17
CA LEU A 39 -1.09 -8.94 -7.19
C LEU A 39 -1.29 -10.44 -7.37
N ARG A 40 -0.46 -11.02 -8.22
CA ARG A 40 -0.53 -12.46 -8.49
C ARG A 40 0.11 -13.26 -7.37
N GLU A 41 1.23 -12.76 -6.87
CA GLU A 41 1.96 -13.43 -5.79
C GLU A 41 2.46 -12.41 -4.77
N ILE A 42 2.78 -12.89 -3.57
CA ILE A 42 3.28 -12.02 -2.50
C ILE A 42 4.73 -11.60 -2.78
N PRO A 43 4.99 -10.28 -2.90
CA PRO A 43 6.34 -9.77 -3.16
C PRO A 43 7.23 -9.79 -1.91
N SER A 44 8.49 -10.13 -2.10
CA SER A 44 9.44 -10.18 -1.01
C SER A 44 10.30 -8.92 -0.97
N GLY A 45 9.73 -7.84 -0.47
CA GLY A 45 10.47 -6.59 -0.39
C GLY A 45 9.60 -5.43 0.09
N THR A 46 9.81 -4.25 -0.48
CA THR A 46 9.04 -3.07 -0.10
C THR A 46 7.92 -2.81 -1.09
N TRP A 47 6.69 -3.12 -0.66
CA TRP A 47 5.52 -2.92 -1.50
C TRP A 47 4.86 -1.58 -1.17
N ARG A 48 4.41 -0.87 -2.20
CA ARG A 48 3.77 0.42 -2.01
C ARG A 48 2.39 0.44 -2.67
N CYS A 49 1.40 0.89 -1.93
CA CYS A 49 0.02 0.96 -2.45
C CYS A 49 -0.15 2.18 -3.35
N SER A 50 -1.38 2.39 -3.80
CA SER A 50 -1.68 3.53 -4.67
C SER A 50 -1.39 4.85 -3.96
N SER A 51 -1.74 4.91 -2.68
CA SER A 51 -1.52 6.10 -1.87
C SER A 51 -0.04 6.52 -1.91
N CYS A 52 0.83 5.56 -1.67
CA CYS A 52 2.28 5.82 -1.68
C CYS A 52 2.73 6.36 -3.03
N LEU A 53 2.34 5.68 -4.10
CA LEU A 53 2.72 6.10 -5.45
C LEU A 53 2.17 7.49 -5.77
N GLN A 54 1.02 7.80 -5.19
CA GLN A 54 0.38 9.09 -5.42
C GLN A 54 0.94 10.14 -4.46
N ALA A 55 1.77 9.70 -3.53
CA ALA A 55 2.37 10.60 -2.54
C ALA A 55 3.74 11.06 -2.99
N THR A 56 3.95 11.08 -4.30
CA THR A 56 5.24 11.50 -4.86
C THR A 56 5.24 13.00 -5.17
N VAL A 57 6.21 13.70 -4.62
CA VAL A 57 6.33 15.15 -4.84
C VAL A 57 7.40 15.46 -5.89
N GLN A 58 7.15 16.50 -6.67
CA GLN A 58 8.09 16.92 -7.71
C GLN A 58 9.48 17.13 -7.14
N GLU A 59 10.44 16.33 -7.61
CA GLU A 59 11.81 16.42 -7.14
C GLU A 59 12.51 17.64 -7.74
N VAL A 60 12.66 18.68 -6.92
CA VAL A 60 13.32 19.90 -7.35
C VAL A 60 14.81 19.88 -7.02
N GLN A 61 15.60 20.58 -7.83
CA GLN A 61 17.04 20.64 -7.61
C GLN A 61 17.45 22.01 -7.04
N PRO A 62 17.70 22.09 -5.72
CA PRO A 62 18.10 23.35 -5.06
C PRO A 62 19.46 23.82 -5.54
N ARG A 63 19.87 24.98 -5.05
CA ARG A 63 21.16 25.57 -5.42
C ARG A 63 21.27 25.72 -6.93
N ALA A 64 20.45 26.60 -7.50
CA ALA A 64 20.45 26.85 -8.92
C ALA A 64 21.08 28.20 -9.25
N GLU A 65 22.13 28.55 -8.51
CA GLU A 65 22.82 29.82 -8.71
C GLU A 65 23.90 29.68 -9.77
N GLU A 66 24.21 30.79 -10.45
CA GLU A 66 25.24 30.79 -11.49
C GLU A 66 24.92 29.77 -12.57
ZN ZN B . -10.47 -6.75 0.69
ZN ZN C . 0.90 2.81 1.37
N GLY A 1 1.75 -7.46 11.13
CA GLY A 1 2.86 -6.94 11.96
C GLY A 1 3.81 -8.03 12.39
N ALA A 2 5.01 -7.63 12.82
CA ALA A 2 6.02 -8.58 13.25
C ALA A 2 7.15 -7.87 13.98
N MET A 3 7.88 -7.03 13.27
CA MET A 3 9.05 -6.37 13.82
C MET A 3 8.67 -5.03 14.49
N ALA A 4 7.92 -5.12 15.59
CA ALA A 4 7.55 -3.96 16.39
C ALA A 4 6.99 -2.82 15.54
N GLN A 5 6.17 -3.17 14.57
CA GLN A 5 5.61 -2.20 13.64
C GLN A 5 4.15 -1.95 13.97
N LYS A 6 3.57 -0.97 13.30
CA LYS A 6 2.18 -0.62 13.55
C LYS A 6 1.39 -0.67 12.25
N ASN A 7 0.56 -1.69 12.12
CA ASN A 7 -0.29 -1.84 10.95
C ASN A 7 -1.60 -2.50 11.34
N GLU A 8 -2.64 -2.17 10.60
CA GLU A 8 -3.94 -2.75 10.83
C GLU A 8 -4.05 -4.11 10.16
N ASP A 9 -4.58 -5.08 10.89
CA ASP A 9 -4.73 -6.44 10.37
C ASP A 9 -6.04 -6.59 9.60
N GLU A 10 -6.47 -5.53 8.94
CA GLU A 10 -7.73 -5.53 8.21
C GLU A 10 -7.51 -5.04 6.79
N CYS A 11 -8.13 -5.72 5.83
CA CYS A 11 -8.10 -5.25 4.45
C CYS A 11 -9.07 -4.09 4.27
N ALA A 12 -8.51 -2.88 4.22
CA ALA A 12 -9.30 -1.65 4.06
C ALA A 12 -10.27 -1.70 2.88
N VAL A 13 -10.08 -2.64 1.97
CA VAL A 13 -10.97 -2.78 0.82
C VAL A 13 -12.29 -3.46 1.21
N CYS A 14 -12.19 -4.70 1.69
CA CYS A 14 -13.39 -5.52 1.92
C CYS A 14 -13.67 -5.74 3.40
N ARG A 15 -12.84 -5.14 4.26
CA ARG A 15 -12.98 -5.30 5.73
C ARG A 15 -12.74 -6.75 6.17
N ASP A 16 -12.00 -7.50 5.38
CA ASP A 16 -11.70 -8.90 5.71
C ASP A 16 -10.24 -9.06 6.10
N GLY A 17 -9.91 -10.20 6.68
CA GLY A 17 -8.53 -10.50 7.01
C GLY A 17 -8.08 -11.78 6.37
N GLY A 18 -6.98 -12.35 6.84
CA GLY A 18 -6.48 -13.58 6.27
C GLY A 18 -5.18 -13.38 5.50
N GLU A 19 -5.23 -13.61 4.19
CA GLU A 19 -4.06 -13.48 3.34
C GLU A 19 -3.82 -12.02 3.00
N LEU A 20 -3.33 -11.28 3.97
CA LEU A 20 -3.18 -9.84 3.83
C LEU A 20 -1.76 -9.47 3.44
N ILE A 21 -1.65 -8.40 2.67
CA ILE A 21 -0.38 -7.79 2.36
C ILE A 21 -0.39 -6.37 2.92
N CYS A 22 0.50 -6.09 3.86
CA CYS A 22 0.52 -4.80 4.53
C CYS A 22 1.41 -3.84 3.76
N CYS A 23 1.17 -2.56 3.91
CA CYS A 23 1.93 -1.56 3.20
C CYS A 23 3.02 -0.97 4.09
N ASP A 24 4.15 -0.65 3.49
CA ASP A 24 5.29 -0.09 4.23
C ASP A 24 5.16 1.41 4.39
N GLY A 25 4.29 2.02 3.58
CA GLY A 25 4.06 3.44 3.69
C GLY A 25 2.83 3.74 4.54
N CYS A 26 1.79 2.95 4.36
CA CYS A 26 0.54 3.13 5.08
C CYS A 26 0.28 1.90 5.94
N PRO A 27 -0.20 2.08 7.18
CA PRO A 27 -0.49 0.97 8.10
C PRO A 27 -1.68 0.11 7.66
N ARG A 28 -2.24 0.46 6.51
CA ARG A 28 -3.36 -0.28 5.94
C ARG A 28 -2.90 -1.61 5.34
N ALA A 29 -3.80 -2.58 5.35
CA ALA A 29 -3.55 -3.88 4.75
C ALA A 29 -4.55 -4.14 3.62
N PHE A 30 -4.17 -5.01 2.71
CA PHE A 30 -5.00 -5.29 1.53
C PHE A 30 -4.98 -6.77 1.18
N HIS A 31 -5.98 -7.21 0.41
CA HIS A 31 -5.99 -8.54 -0.17
C HIS A 31 -5.51 -8.48 -1.60
N LEU A 32 -4.90 -9.55 -2.07
CA LEU A 32 -4.25 -9.56 -3.38
C LEU A 32 -5.23 -9.20 -4.50
N ALA A 33 -6.31 -9.96 -4.64
CA ALA A 33 -7.27 -9.74 -5.72
C ALA A 33 -8.14 -8.51 -5.48
N CYS A 34 -8.15 -8.03 -4.24
CA CYS A 34 -8.92 -6.85 -3.90
C CYS A 34 -8.17 -5.58 -4.32
N LEU A 35 -6.87 -5.70 -4.50
CA LEU A 35 -6.06 -4.61 -5.01
C LEU A 35 -6.45 -4.30 -6.45
N SER A 36 -6.24 -3.08 -6.87
CA SER A 36 -6.45 -2.69 -8.25
C SER A 36 -5.25 -1.87 -8.74
N PRO A 37 -4.45 -2.41 -9.67
CA PRO A 37 -4.66 -3.73 -10.28
C PRO A 37 -4.48 -4.88 -9.29
N PRO A 38 -5.23 -5.98 -9.50
CA PRO A 38 -5.22 -7.14 -8.60
C PRO A 38 -3.90 -7.90 -8.65
N LEU A 39 -3.32 -8.11 -7.48
CA LEU A 39 -2.07 -8.86 -7.36
C LEU A 39 -2.39 -10.35 -7.27
N ARG A 40 -1.46 -11.17 -7.73
CA ARG A 40 -1.64 -12.62 -7.69
C ARG A 40 -0.87 -13.21 -6.51
N GLU A 41 0.23 -12.55 -6.13
CA GLU A 41 1.10 -13.05 -5.08
C GLU A 41 1.60 -11.90 -4.23
N ILE A 42 1.97 -12.20 -2.99
CA ILE A 42 2.58 -11.21 -2.12
C ILE A 42 4.07 -11.13 -2.41
N PRO A 43 4.56 -9.94 -2.80
CA PRO A 43 5.98 -9.73 -3.13
C PRO A 43 6.86 -9.72 -1.88
N SER A 44 8.14 -9.97 -2.09
CA SER A 44 9.11 -9.99 -1.01
C SER A 44 9.82 -8.63 -0.93
N GLY A 45 9.59 -7.91 0.17
CA GLY A 45 10.27 -6.64 0.36
C GLY A 45 9.30 -5.54 0.75
N THR A 46 9.77 -4.30 0.69
CA THR A 46 8.95 -3.15 1.02
C THR A 46 7.95 -2.85 -0.10
N TRP A 47 6.68 -2.90 0.23
CA TRP A 47 5.62 -2.67 -0.73
C TRP A 47 4.92 -1.34 -0.45
N ARG A 48 4.58 -0.61 -1.50
CA ARG A 48 3.95 0.68 -1.35
C ARG A 48 2.65 0.71 -2.13
N CYS A 49 1.56 0.96 -1.43
CA CYS A 49 0.24 0.90 -2.04
C CYS A 49 0.00 2.08 -2.98
N SER A 50 -1.18 2.12 -3.60
CA SER A 50 -1.49 3.15 -4.57
C SER A 50 -1.45 4.54 -3.93
N SER A 51 -1.94 4.62 -2.70
CA SER A 51 -1.89 5.86 -1.92
C SER A 51 -0.44 6.36 -1.78
N CYS A 52 0.46 5.46 -1.40
CA CYS A 52 1.87 5.80 -1.25
C CYS A 52 2.49 6.22 -2.58
N LEU A 53 2.09 5.56 -3.65
CA LEU A 53 2.59 5.87 -4.99
C LEU A 53 2.12 7.24 -5.43
N GLN A 54 0.99 7.69 -4.87
CA GLN A 54 0.45 8.99 -5.19
C GLN A 54 0.97 10.06 -4.21
N ALA A 55 1.65 9.61 -3.16
CA ALA A 55 2.12 10.51 -2.12
C ALA A 55 3.51 11.06 -2.46
N THR A 56 3.89 10.91 -3.72
CA THR A 56 5.16 11.39 -4.20
C THR A 56 5.09 12.89 -4.51
N VAL A 57 5.85 13.67 -3.77
CA VAL A 57 5.88 15.12 -3.96
C VAL A 57 7.06 15.53 -4.81
N GLN A 58 7.10 16.79 -5.19
CA GLN A 58 8.15 17.31 -6.05
C GLN A 58 8.99 18.32 -5.30
N GLU A 59 10.27 18.03 -5.14
CA GLU A 59 11.17 18.90 -4.39
C GLU A 59 11.59 20.09 -5.25
N VAL A 60 11.30 21.29 -4.76
CA VAL A 60 11.68 22.51 -5.45
C VAL A 60 13.16 22.80 -5.19
N GLN A 61 13.86 23.27 -6.20
CA GLN A 61 15.28 23.55 -6.08
C GLN A 61 15.51 24.86 -5.35
N PRO A 62 16.32 24.84 -4.28
CA PRO A 62 16.68 26.03 -3.53
C PRO A 62 17.53 26.97 -4.37
N ARG A 63 16.89 27.87 -5.09
CA ARG A 63 17.58 28.70 -6.05
C ARG A 63 18.05 30.00 -5.39
N ALA A 64 19.15 29.91 -4.65
CA ALA A 64 19.83 31.09 -4.15
C ALA A 64 20.86 31.53 -5.17
N GLU A 65 20.51 32.54 -5.95
CA GLU A 65 21.26 32.89 -7.14
C GLU A 65 22.47 33.79 -6.84
N GLU A 66 23.31 33.32 -5.93
CA GLU A 66 24.58 33.96 -5.62
C GLU A 66 25.41 33.06 -4.74
ZN ZN B . -9.42 -7.61 0.35
ZN ZN C . 0.41 2.70 2.05
N GLY A 1 9.87 10.51 6.87
CA GLY A 1 8.68 9.86 7.48
C GLY A 1 8.11 8.78 6.59
N ALA A 2 6.79 8.79 6.44
CA ALA A 2 6.07 7.77 5.65
C ALA A 2 6.36 6.36 6.16
N MET A 3 6.37 6.22 7.47
CA MET A 3 6.61 4.93 8.10
C MET A 3 5.47 4.59 9.04
N ALA A 4 4.82 3.45 8.79
CA ALA A 4 3.66 3.06 9.57
C ALA A 4 4.07 2.30 10.81
N GLN A 5 5.09 1.45 10.67
CA GLN A 5 5.57 0.58 11.75
C GLN A 5 4.52 -0.49 12.07
N LYS A 6 3.44 -0.08 12.73
CA LYS A 6 2.32 -0.96 13.00
C LYS A 6 1.30 -0.87 11.88
N ASN A 7 0.92 -2.00 11.33
CA ASN A 7 -0.04 -2.03 10.24
C ASN A 7 -1.38 -2.55 10.76
N GLU A 8 -2.46 -1.92 10.32
CA GLU A 8 -3.79 -2.32 10.76
C GLU A 8 -4.18 -3.67 10.17
N ASP A 9 -4.80 -4.50 10.98
CA ASP A 9 -5.13 -5.87 10.61
C ASP A 9 -6.46 -5.96 9.88
N GLU A 10 -6.79 -4.92 9.13
CA GLU A 10 -8.06 -4.86 8.41
C GLU A 10 -7.82 -4.51 6.96
N CYS A 11 -8.44 -5.24 6.04
CA CYS A 11 -8.33 -4.93 4.62
C CYS A 11 -9.27 -3.80 4.24
N ALA A 12 -8.70 -2.63 3.97
CA ALA A 12 -9.47 -1.45 3.54
C ALA A 12 -10.05 -1.61 2.14
N VAL A 13 -10.62 -2.77 1.87
CA VAL A 13 -11.32 -3.03 0.61
C VAL A 13 -12.65 -3.70 0.90
N CYS A 14 -12.61 -4.93 1.39
CA CYS A 14 -13.82 -5.69 1.63
C CYS A 14 -14.09 -5.85 3.12
N ARG A 15 -13.34 -5.09 3.93
CA ARG A 15 -13.49 -5.12 5.39
C ARG A 15 -13.34 -6.53 5.96
N ASP A 16 -12.42 -7.28 5.38
CA ASP A 16 -12.19 -8.66 5.80
C ASP A 16 -10.72 -8.85 6.14
N GLY A 17 -10.41 -9.94 6.83
CA GLY A 17 -9.03 -10.23 7.17
C GLY A 17 -8.58 -11.53 6.54
N GLY A 18 -7.60 -12.18 7.13
CA GLY A 18 -7.12 -13.44 6.58
C GLY A 18 -5.74 -13.30 5.98
N GLU A 19 -5.62 -13.62 4.70
CA GLU A 19 -4.33 -13.52 4.01
C GLU A 19 -4.07 -12.10 3.58
N LEU A 20 -3.69 -11.27 4.54
CA LEU A 20 -3.46 -9.86 4.29
C LEU A 20 -2.01 -9.60 3.93
N ILE A 21 -1.80 -8.61 3.07
CA ILE A 21 -0.47 -8.12 2.79
C ILE A 21 -0.40 -6.69 3.28
N CYS A 22 0.54 -6.41 4.16
CA CYS A 22 0.63 -5.12 4.79
C CYS A 22 1.47 -4.16 3.96
N CYS A 23 1.19 -2.87 4.13
CA CYS A 23 1.88 -1.85 3.35
C CYS A 23 3.07 -1.30 4.13
N ASP A 24 4.17 -1.09 3.41
CA ASP A 24 5.43 -0.63 4.00
C ASP A 24 5.35 0.85 4.39
N GLY A 25 4.51 1.60 3.70
CA GLY A 25 4.44 3.03 3.93
C GLY A 25 3.23 3.44 4.75
N CYS A 26 2.10 2.80 4.50
CA CYS A 26 0.85 3.16 5.15
C CYS A 26 0.37 2.01 6.03
N PRO A 27 -0.42 2.31 7.08
CA PRO A 27 -1.00 1.30 7.96
C PRO A 27 -2.11 0.52 7.28
N ARG A 28 -2.25 0.73 5.98
CA ARG A 28 -3.21 0.03 5.16
C ARG A 28 -2.83 -1.42 4.91
N ALA A 29 -3.82 -2.29 5.00
CA ALA A 29 -3.65 -3.70 4.67
C ALA A 29 -4.66 -4.09 3.60
N PHE A 30 -4.28 -5.01 2.74
CA PHE A 30 -5.11 -5.40 1.61
C PHE A 30 -4.98 -6.89 1.33
N HIS A 31 -5.96 -7.43 0.61
CA HIS A 31 -5.85 -8.78 0.09
C HIS A 31 -5.24 -8.74 -1.30
N LEU A 32 -4.59 -9.82 -1.70
CA LEU A 32 -3.83 -9.85 -2.95
C LEU A 32 -4.69 -9.46 -4.14
N ALA A 33 -5.80 -10.17 -4.35
CA ALA A 33 -6.67 -9.91 -5.50
C ALA A 33 -7.62 -8.74 -5.23
N CYS A 34 -7.83 -8.42 -3.96
CA CYS A 34 -8.70 -7.31 -3.60
C CYS A 34 -8.04 -5.98 -3.92
N LEU A 35 -6.74 -6.02 -4.16
CA LEU A 35 -6.00 -4.84 -4.62
C LEU A 35 -6.54 -4.38 -5.98
N SER A 36 -6.38 -3.10 -6.28
CA SER A 36 -6.81 -2.57 -7.56
C SER A 36 -5.71 -1.69 -8.16
N PRO A 37 -5.00 -2.16 -9.21
CA PRO A 37 -5.24 -3.48 -9.83
C PRO A 37 -4.80 -4.64 -8.94
N PRO A 38 -5.43 -5.82 -9.12
CA PRO A 38 -5.17 -6.99 -8.28
C PRO A 38 -3.73 -7.53 -8.41
N LEU A 39 -3.11 -7.75 -7.28
CA LEU A 39 -1.75 -8.27 -7.21
C LEU A 39 -1.78 -9.79 -7.34
N ARG A 40 -0.91 -10.32 -8.21
CA ARG A 40 -0.87 -11.75 -8.49
C ARG A 40 -0.13 -12.53 -7.41
N GLU A 41 1.05 -12.06 -7.04
CA GLU A 41 1.89 -12.79 -6.12
C GLU A 41 2.46 -11.85 -5.06
N ILE A 42 2.75 -12.38 -3.88
CA ILE A 42 3.32 -11.58 -2.81
C ILE A 42 4.80 -11.32 -3.05
N PRO A 43 5.17 -10.07 -3.32
CA PRO A 43 6.54 -9.67 -3.60
C PRO A 43 7.39 -9.58 -2.33
N SER A 44 8.69 -9.76 -2.50
CA SER A 44 9.62 -9.65 -1.38
C SER A 44 10.31 -8.29 -1.40
N GLY A 45 9.96 -7.44 -0.46
CA GLY A 45 10.54 -6.12 -0.38
C GLY A 45 9.60 -5.11 0.22
N THR A 46 9.75 -3.86 -0.20
CA THR A 46 8.94 -2.79 0.34
C THR A 46 7.67 -2.62 -0.47
N TRP A 47 6.65 -3.42 -0.15
CA TRP A 47 5.38 -3.32 -0.86
C TRP A 47 4.64 -2.09 -0.40
N ARG A 48 4.33 -1.22 -1.34
CA ARG A 48 3.67 0.04 -1.03
C ARG A 48 2.43 0.18 -1.88
N CYS A 49 1.30 0.44 -1.22
CA CYS A 49 0.01 0.50 -1.89
C CYS A 49 -0.13 1.74 -2.78
N SER A 50 -1.28 1.89 -3.43
CA SER A 50 -1.49 3.00 -4.34
C SER A 50 -1.38 4.33 -3.61
N SER A 51 -1.90 4.37 -2.38
CA SER A 51 -1.82 5.56 -1.54
C SER A 51 -0.37 6.05 -1.42
N CYS A 52 0.55 5.11 -1.18
CA CYS A 52 1.97 5.44 -1.09
C CYS A 52 2.51 5.95 -2.43
N LEU A 53 2.10 5.30 -3.50
CA LEU A 53 2.59 5.63 -4.83
C LEU A 53 2.17 7.03 -5.24
N GLN A 54 1.00 7.47 -4.77
CA GLN A 54 0.50 8.80 -5.10
C GLN A 54 0.82 9.80 -3.99
N ALA A 55 1.45 9.32 -2.92
CA ALA A 55 1.87 10.18 -1.82
C ALA A 55 3.29 10.66 -2.05
N THR A 56 3.75 10.49 -3.26
CA THR A 56 5.09 10.91 -3.65
C THR A 56 5.08 12.39 -4.01
N VAL A 57 5.68 13.20 -3.14
CA VAL A 57 5.73 14.64 -3.37
C VAL A 57 6.86 14.98 -4.32
N GLN A 58 6.60 15.95 -5.18
CA GLN A 58 7.56 16.36 -6.18
C GLN A 58 8.04 17.78 -5.90
N GLU A 59 7.88 18.18 -4.65
CA GLU A 59 8.35 19.47 -4.19
C GLU A 59 9.73 19.32 -3.58
N VAL A 60 10.50 20.39 -3.57
CA VAL A 60 11.84 20.36 -3.02
C VAL A 60 12.04 21.47 -1.99
N GLN A 61 11.83 21.13 -0.73
CA GLN A 61 12.05 22.08 0.35
C GLN A 61 13.46 21.91 0.90
N PRO A 62 14.13 23.03 1.23
CA PRO A 62 15.47 23.00 1.80
C PRO A 62 15.48 22.33 3.17
N ARG A 63 16.35 21.34 3.35
CA ARG A 63 16.46 20.64 4.63
C ARG A 63 16.88 21.61 5.72
N ALA A 64 16.00 21.80 6.70
CA ALA A 64 16.20 22.81 7.71
C ALA A 64 17.30 22.45 8.69
N GLU A 65 17.38 21.18 9.06
CA GLU A 65 18.35 20.73 10.04
C GLU A 65 18.99 19.41 9.62
N GLU A 66 20.30 19.33 9.79
CA GLU A 66 21.02 18.09 9.56
C GLU A 66 22.10 17.91 10.63
ZN ZN B . -9.94 -7.36 0.40
ZN ZN C . 0.36 2.74 1.93
N GLY A 1 4.42 -10.43 6.47
CA GLY A 1 5.02 -10.20 5.12
C GLY A 1 4.75 -8.81 4.61
N ALA A 2 5.78 -7.95 4.68
CA ALA A 2 5.70 -6.55 4.24
C ALA A 2 4.82 -5.72 5.15
N MET A 3 5.39 -4.68 5.74
CA MET A 3 4.65 -3.77 6.61
C MET A 3 5.45 -2.51 6.86
N ALA A 4 4.78 -1.47 7.36
CA ALA A 4 5.44 -0.20 7.65
C ALA A 4 5.97 -0.18 9.08
N GLN A 5 5.06 -0.02 10.04
CA GLN A 5 5.40 -0.01 11.45
C GLN A 5 4.36 -0.83 12.18
N LYS A 6 3.15 -0.30 12.22
CA LYS A 6 1.99 -1.05 12.63
C LYS A 6 1.32 -1.57 11.37
N ASN A 7 0.48 -2.58 11.48
CA ASN A 7 -0.22 -3.09 10.31
C ASN A 7 -1.67 -3.37 10.68
N GLU A 8 -2.58 -2.81 9.91
CA GLU A 8 -4.00 -2.92 10.19
C GLU A 8 -4.51 -4.33 9.94
N ASP A 9 -5.37 -4.81 10.82
CA ASP A 9 -5.90 -6.17 10.72
C ASP A 9 -7.15 -6.24 9.84
N GLU A 10 -7.42 -5.20 9.07
CA GLU A 10 -8.61 -5.15 8.24
C GLU A 10 -8.24 -4.79 6.81
N CYS A 11 -8.75 -5.55 5.86
CA CYS A 11 -8.60 -5.20 4.45
C CYS A 11 -9.51 -4.03 4.12
N ALA A 12 -8.89 -2.88 3.88
CA ALA A 12 -9.60 -1.65 3.56
C ALA A 12 -10.61 -1.83 2.42
N VAL A 13 -10.46 -2.88 1.64
CA VAL A 13 -11.35 -3.13 0.52
C VAL A 13 -12.68 -3.76 0.97
N CYS A 14 -12.62 -4.99 1.49
CA CYS A 14 -13.83 -5.77 1.73
C CYS A 14 -14.08 -6.05 3.21
N ARG A 15 -13.38 -5.34 4.10
CA ARG A 15 -13.58 -5.50 5.55
C ARG A 15 -13.30 -6.95 5.99
N ASP A 16 -12.26 -7.56 5.46
CA ASP A 16 -11.91 -8.92 5.86
C ASP A 16 -10.44 -9.00 6.23
N GLY A 17 -10.04 -10.10 6.86
CA GLY A 17 -8.66 -10.30 7.20
C GLY A 17 -8.13 -11.62 6.68
N GLY A 18 -7.15 -12.20 7.36
CA GLY A 18 -6.59 -13.46 6.92
C GLY A 18 -5.30 -13.28 6.14
N GLU A 19 -5.39 -13.46 4.82
CA GLU A 19 -4.23 -13.32 3.95
C GLU A 19 -4.02 -11.85 3.57
N LEU A 20 -3.55 -11.06 4.53
CA LEU A 20 -3.41 -9.63 4.32
C LEU A 20 -1.99 -9.25 3.93
N ILE A 21 -1.89 -8.22 3.11
CA ILE A 21 -0.62 -7.62 2.77
C ILE A 21 -0.68 -6.12 3.05
N CYS A 22 0.17 -5.66 3.95
CA CYS A 22 0.17 -4.25 4.33
C CYS A 22 1.37 -3.53 3.75
N CYS A 23 1.14 -2.28 3.34
CA CYS A 23 2.17 -1.48 2.69
C CYS A 23 3.34 -1.16 3.63
N ASP A 24 4.52 -0.97 3.03
CA ASP A 24 5.75 -0.70 3.76
C ASP A 24 5.83 0.76 4.21
N GLY A 25 4.89 1.55 3.70
CA GLY A 25 4.85 2.96 4.02
C GLY A 25 3.51 3.35 4.61
N CYS A 26 2.48 2.61 4.24
CA CYS A 26 1.14 2.85 4.75
C CYS A 26 0.66 1.63 5.54
N PRO A 27 0.16 1.84 6.76
CA PRO A 27 -0.33 0.74 7.63
C PRO A 27 -1.53 0.01 7.04
N ARG A 28 -2.11 0.60 5.98
CA ARG A 28 -3.27 0.03 5.31
C ARG A 28 -3.02 -1.42 4.88
N ALA A 29 -3.97 -2.29 5.20
CA ALA A 29 -3.89 -3.69 4.83
C ALA A 29 -4.88 -4.01 3.73
N PHE A 30 -4.49 -4.92 2.85
CA PHE A 30 -5.31 -5.30 1.71
C PHE A 30 -5.18 -6.79 1.44
N HIS A 31 -6.13 -7.33 0.69
CA HIS A 31 -6.01 -8.68 0.18
C HIS A 31 -5.39 -8.61 -1.20
N LEU A 32 -4.60 -9.63 -1.54
CA LEU A 32 -3.81 -9.61 -2.76
C LEU A 32 -4.69 -9.33 -3.99
N ALA A 33 -5.73 -10.14 -4.19
CA ALA A 33 -6.59 -10.00 -5.35
C ALA A 33 -7.66 -8.92 -5.16
N CYS A 34 -7.96 -8.58 -3.91
CA CYS A 34 -8.97 -7.57 -3.63
C CYS A 34 -8.44 -6.18 -3.90
N LEU A 35 -7.11 -6.05 -3.95
CA LEU A 35 -6.45 -4.79 -4.26
C LEU A 35 -6.85 -4.31 -5.65
N SER A 36 -6.83 -3.00 -5.87
CA SER A 36 -7.01 -2.47 -7.20
C SER A 36 -5.96 -1.41 -7.50
N PRO A 37 -5.04 -1.68 -8.44
CA PRO A 37 -5.02 -2.94 -9.23
C PRO A 37 -4.55 -4.13 -8.40
N PRO A 38 -5.17 -5.30 -8.62
CA PRO A 38 -4.86 -6.51 -7.86
C PRO A 38 -3.48 -7.06 -8.17
N LEU A 39 -2.82 -7.59 -7.14
CA LEU A 39 -1.51 -8.20 -7.30
C LEU A 39 -1.67 -9.70 -7.53
N ARG A 40 -0.77 -10.26 -8.31
CA ARG A 40 -0.80 -11.69 -8.61
C ARG A 40 -0.04 -12.48 -7.54
N GLU A 41 1.00 -11.86 -6.98
CA GLU A 41 1.85 -12.51 -5.98
C GLU A 41 2.25 -11.53 -4.88
N ILE A 42 2.52 -12.04 -3.68
CA ILE A 42 3.00 -11.20 -2.59
C ILE A 42 4.53 -11.09 -2.64
N PRO A 43 5.04 -9.87 -2.87
CA PRO A 43 6.47 -9.63 -3.02
C PRO A 43 7.24 -9.66 -1.70
N SER A 44 8.47 -10.12 -1.76
CA SER A 44 9.36 -10.11 -0.62
C SER A 44 10.18 -8.83 -0.59
N GLY A 45 9.82 -7.93 0.31
CA GLY A 45 10.53 -6.67 0.42
C GLY A 45 9.61 -5.53 0.77
N THR A 46 9.88 -4.37 0.19
CA THR A 46 9.09 -3.18 0.46
C THR A 46 8.04 -2.99 -0.61
N TRP A 47 6.77 -3.19 -0.24
CA TRP A 47 5.67 -3.00 -1.17
C TRP A 47 4.97 -1.69 -0.86
N ARG A 48 4.64 -0.94 -1.91
CA ARG A 48 4.03 0.36 -1.74
C ARG A 48 2.64 0.36 -2.38
N CYS A 49 1.64 0.74 -1.62
CA CYS A 49 0.27 0.72 -2.11
C CYS A 49 -0.04 1.98 -2.91
N SER A 50 -1.30 2.15 -3.29
CA SER A 50 -1.70 3.24 -4.15
C SER A 50 -1.39 4.59 -3.49
N SER A 51 -1.61 4.67 -2.19
CA SER A 51 -1.30 5.88 -1.42
C SER A 51 0.17 6.30 -1.60
N CYS A 52 1.07 5.33 -1.59
CA CYS A 52 2.50 5.60 -1.81
C CYS A 52 2.78 5.96 -3.26
N LEU A 53 1.98 5.42 -4.17
CA LEU A 53 2.12 5.73 -5.59
C LEU A 53 1.65 7.14 -5.89
N GLN A 54 0.53 7.54 -5.29
CA GLN A 54 -0.02 8.88 -5.52
C GLN A 54 0.59 9.89 -4.55
N ALA A 55 1.58 9.45 -3.78
CA ALA A 55 2.30 10.34 -2.88
C ALA A 55 3.10 11.35 -3.67
N THR A 56 3.46 10.95 -4.90
CA THR A 56 4.07 11.86 -5.84
C THR A 56 2.98 12.68 -6.53
N VAL A 57 3.08 13.99 -6.45
CA VAL A 57 2.03 14.86 -6.93
C VAL A 57 1.94 14.83 -8.45
N GLN A 58 0.81 14.37 -8.93
CA GLN A 58 0.53 14.32 -10.35
C GLN A 58 -0.64 15.22 -10.69
N GLU A 59 -1.74 14.97 -10.00
CA GLU A 59 -2.94 15.78 -10.15
C GLU A 59 -3.39 16.27 -8.77
N VAL A 60 -3.71 17.55 -8.68
CA VAL A 60 -4.18 18.11 -7.42
C VAL A 60 -5.66 17.84 -7.25
N GLN A 61 -5.98 16.82 -6.47
CA GLN A 61 -7.37 16.50 -6.16
C GLN A 61 -7.96 17.55 -5.22
N PRO A 62 -9.07 18.17 -5.62
CA PRO A 62 -9.73 19.20 -4.82
C PRO A 62 -10.22 18.64 -3.49
N ARG A 63 -9.85 19.31 -2.40
CA ARG A 63 -10.32 18.91 -1.09
C ARG A 63 -10.82 20.13 -0.31
N ALA A 64 -11.87 20.75 -0.80
CA ALA A 64 -12.47 21.89 -0.15
C ALA A 64 -13.99 21.74 -0.08
N GLU A 65 -14.65 21.97 -1.21
CA GLU A 65 -16.10 21.84 -1.30
C GLU A 65 -16.49 20.65 -2.17
N GLU A 66 -15.58 20.27 -3.06
CA GLU A 66 -15.80 19.15 -3.95
C GLU A 66 -14.50 18.36 -4.09
ZN ZN B . -9.91 -7.82 0.31
ZN ZN C . 1.33 3.00 1.16
N GLY A 1 10.13 4.66 9.74
CA GLY A 1 10.83 3.78 10.70
C GLY A 1 10.14 3.75 12.05
N ALA A 2 10.47 2.73 12.86
CA ALA A 2 9.90 2.52 14.19
C ALA A 2 8.43 2.10 14.13
N MET A 3 7.68 2.73 13.25
CA MET A 3 6.28 2.40 13.05
C MET A 3 6.16 1.19 12.14
N ALA A 4 5.91 0.04 12.74
CA ALA A 4 5.80 -1.21 11.97
C ALA A 4 4.67 -2.08 12.51
N GLN A 5 4.54 -2.13 13.83
CA GLN A 5 3.50 -2.93 14.47
C GLN A 5 2.14 -2.30 14.25
N LYS A 6 2.13 -1.00 14.01
CA LYS A 6 0.90 -0.27 13.77
C LYS A 6 0.41 -0.50 12.35
N ASN A 7 -0.39 -1.53 12.18
CA ASN A 7 -1.02 -1.84 10.89
C ASN A 7 -2.38 -2.48 11.14
N GLU A 8 -3.35 -2.15 10.29
CA GLU A 8 -4.68 -2.73 10.42
C GLU A 8 -4.66 -4.20 9.99
N ASP A 9 -5.23 -5.06 10.82
CA ASP A 9 -5.38 -6.47 10.46
C ASP A 9 -6.68 -6.67 9.68
N GLU A 10 -7.05 -5.65 8.93
CA GLU A 10 -8.29 -5.68 8.18
C GLU A 10 -8.05 -5.11 6.79
N CYS A 11 -8.51 -5.81 5.77
CA CYS A 11 -8.43 -5.32 4.41
C CYS A 11 -9.40 -4.17 4.24
N ALA A 12 -8.86 -2.97 4.15
CA ALA A 12 -9.66 -1.76 4.00
C ALA A 12 -10.51 -1.73 2.72
N VAL A 13 -10.52 -2.84 2.00
CA VAL A 13 -11.38 -2.97 0.82
C VAL A 13 -12.69 -3.70 1.18
N CYS A 14 -12.57 -4.94 1.67
CA CYS A 14 -13.75 -5.78 1.90
C CYS A 14 -13.96 -6.08 3.39
N ARG A 15 -13.19 -5.41 4.26
CA ARG A 15 -13.31 -5.55 5.71
C ARG A 15 -13.08 -7.00 6.17
N ASP A 16 -12.12 -7.68 5.57
CA ASP A 16 -11.75 -9.04 5.99
C ASP A 16 -10.25 -9.16 6.19
N GLY A 17 -9.82 -10.29 6.74
CA GLY A 17 -8.42 -10.50 7.00
C GLY A 17 -7.91 -11.80 6.40
N GLY A 18 -6.85 -12.33 6.96
CA GLY A 18 -6.27 -13.54 6.43
C GLY A 18 -4.97 -13.27 5.69
N GLU A 19 -4.97 -13.49 4.38
CA GLU A 19 -3.80 -13.26 3.56
C GLU A 19 -3.66 -11.79 3.21
N LEU A 20 -3.27 -11.00 4.21
CA LEU A 20 -3.16 -9.57 4.04
C LEU A 20 -1.74 -9.15 3.72
N ILE A 21 -1.61 -8.06 3.02
CA ILE A 21 -0.32 -7.44 2.79
C ILE A 21 -0.38 -5.98 3.17
N CYS A 22 0.37 -5.61 4.21
CA CYS A 22 0.36 -4.24 4.70
C CYS A 22 1.51 -3.46 4.08
N CYS A 23 1.22 -2.25 3.67
CA CYS A 23 2.22 -1.39 3.05
C CYS A 23 3.32 -1.01 4.05
N ASP A 24 4.53 -0.84 3.54
CA ASP A 24 5.67 -0.49 4.37
C ASP A 24 5.75 1.03 4.57
N GLY A 25 4.84 1.73 3.92
CA GLY A 25 4.74 3.17 4.11
C GLY A 25 3.46 3.53 4.84
N CYS A 26 2.38 2.84 4.48
CA CYS A 26 1.07 3.07 5.07
C CYS A 26 0.60 1.82 5.80
N PRO A 27 0.11 1.96 7.04
CA PRO A 27 -0.38 0.82 7.84
C PRO A 27 -1.58 0.10 7.20
N ARG A 28 -2.08 0.67 6.11
CA ARG A 28 -3.18 0.09 5.35
C ARG A 28 -2.86 -1.32 4.87
N ALA A 29 -3.75 -2.26 5.19
CA ALA A 29 -3.59 -3.64 4.75
C ALA A 29 -4.66 -4.00 3.74
N PHE A 30 -4.30 -4.88 2.80
CA PHE A 30 -5.19 -5.24 1.70
C PHE A 30 -4.96 -6.69 1.31
N HIS A 31 -5.92 -7.27 0.59
CA HIS A 31 -5.77 -8.59 0.01
C HIS A 31 -5.24 -8.46 -1.41
N LEU A 32 -4.59 -9.50 -1.89
CA LEU A 32 -3.96 -9.45 -3.22
C LEU A 32 -4.96 -9.11 -4.31
N ALA A 33 -6.02 -9.90 -4.43
CA ALA A 33 -7.01 -9.71 -5.49
C ALA A 33 -7.92 -8.50 -5.22
N CYS A 34 -7.99 -8.08 -3.96
CA CYS A 34 -8.83 -6.95 -3.58
C CYS A 34 -8.18 -5.63 -4.00
N LEU A 35 -6.87 -5.67 -4.21
CA LEU A 35 -6.14 -4.52 -4.72
C LEU A 35 -6.57 -4.20 -6.15
N SER A 36 -6.41 -2.95 -6.56
CA SER A 36 -6.67 -2.55 -7.93
C SER A 36 -5.55 -1.64 -8.43
N PRO A 37 -4.71 -2.13 -9.36
CA PRO A 37 -4.78 -3.48 -9.93
C PRO A 37 -4.42 -4.56 -8.93
N PRO A 38 -5.07 -5.73 -9.02
CA PRO A 38 -4.87 -6.83 -8.09
C PRO A 38 -3.52 -7.53 -8.28
N LEU A 39 -2.94 -7.98 -7.18
CA LEU A 39 -1.70 -8.72 -7.23
C LEU A 39 -1.98 -10.21 -7.26
N ARG A 40 -1.16 -10.96 -8.00
CA ARG A 40 -1.33 -12.40 -8.11
C ARG A 40 -0.47 -13.11 -7.07
N GLU A 41 0.58 -12.44 -6.63
CA GLU A 41 1.50 -13.00 -5.65
C GLU A 41 1.88 -11.92 -4.64
N ILE A 42 2.29 -12.32 -3.46
CA ILE A 42 2.82 -11.38 -2.48
C ILE A 42 4.29 -11.08 -2.79
N PRO A 43 4.60 -9.83 -3.14
CA PRO A 43 5.97 -9.41 -3.44
C PRO A 43 6.89 -9.56 -2.24
N SER A 44 8.03 -10.19 -2.44
CA SER A 44 8.98 -10.41 -1.37
C SER A 44 9.81 -9.16 -1.12
N GLY A 45 9.38 -8.34 -0.19
CA GLY A 45 10.13 -7.16 0.17
C GLY A 45 9.26 -6.01 0.59
N THR A 46 9.79 -4.81 0.56
CA THR A 46 9.07 -3.61 0.94
C THR A 46 8.08 -3.19 -0.14
N TRP A 47 6.81 -3.21 0.22
CA TRP A 47 5.73 -2.95 -0.72
C TRP A 47 5.15 -1.56 -0.51
N ARG A 48 4.70 -0.93 -1.59
CA ARG A 48 4.10 0.40 -1.53
C ARG A 48 2.69 0.36 -2.08
N CYS A 49 1.74 0.86 -1.32
CA CYS A 49 0.36 0.87 -1.77
C CYS A 49 0.09 2.02 -2.73
N SER A 50 -1.13 2.10 -3.24
CA SER A 50 -1.50 3.12 -4.23
C SER A 50 -1.32 4.53 -3.66
N SER A 51 -1.67 4.70 -2.39
CA SER A 51 -1.51 5.98 -1.70
C SER A 51 -0.07 6.49 -1.80
N CYS A 52 0.89 5.58 -1.67
CA CYS A 52 2.31 5.94 -1.76
C CYS A 52 2.65 6.43 -3.16
N LEU A 53 2.05 5.80 -4.17
CA LEU A 53 2.30 6.15 -5.56
C LEU A 53 1.64 7.49 -5.90
N GLN A 54 0.44 7.70 -5.37
CA GLN A 54 -0.33 8.90 -5.63
C GLN A 54 0.35 10.11 -5.01
N ALA A 55 1.12 9.87 -3.94
CA ALA A 55 1.81 10.94 -3.23
C ALA A 55 2.88 11.57 -4.09
N THR A 56 3.38 10.81 -5.06
CA THR A 56 4.39 11.33 -5.98
C THR A 56 3.73 11.84 -7.25
N VAL A 57 4.13 13.03 -7.66
CA VAL A 57 3.57 13.63 -8.87
C VAL A 57 4.58 13.57 -10.00
N GLN A 58 4.16 12.97 -11.10
CA GLN A 58 5.04 12.80 -12.26
C GLN A 58 4.55 13.65 -13.42
N GLU A 59 3.61 14.53 -13.11
CA GLU A 59 3.04 15.43 -14.10
C GLU A 59 3.89 16.69 -14.18
N VAL A 60 5.04 16.58 -14.84
CA VAL A 60 5.98 17.68 -14.93
C VAL A 60 5.97 18.30 -16.32
N GLN A 61 5.50 19.54 -16.40
CA GLN A 61 5.48 20.25 -17.67
C GLN A 61 6.36 21.49 -17.58
N PRO A 62 7.07 21.83 -18.65
CA PRO A 62 7.87 23.05 -18.72
C PRO A 62 6.99 24.28 -18.88
N ARG A 63 6.50 24.78 -17.75
CA ARG A 63 5.54 25.88 -17.74
C ARG A 63 6.13 27.15 -18.33
N ALA A 64 5.73 27.45 -19.57
CA ALA A 64 6.12 28.69 -20.22
C ALA A 64 5.13 29.78 -19.86
N GLU A 65 5.18 30.21 -18.61
CA GLU A 65 4.23 31.15 -18.07
C GLU A 65 4.54 32.58 -18.48
N GLU A 66 3.50 33.35 -18.76
CA GLU A 66 3.66 34.76 -19.11
C GLU A 66 3.23 35.65 -17.94
ZN ZN B . -9.84 -7.74 0.76
ZN ZN C . 1.50 3.07 1.97
N GLY A 1 11.29 5.77 15.32
CA GLY A 1 10.60 6.27 14.10
C GLY A 1 9.11 6.00 14.17
N ALA A 2 8.37 6.53 13.21
CA ALA A 2 6.92 6.36 13.19
C ALA A 2 6.38 6.60 11.78
N MET A 3 6.68 5.69 10.88
CA MET A 3 6.18 5.79 9.51
C MET A 3 4.79 5.16 9.39
N ALA A 4 4.65 3.97 9.96
CA ALA A 4 3.36 3.29 10.01
C ALA A 4 3.10 2.75 11.40
N GLN A 5 4.13 2.13 11.99
CA GLN A 5 4.09 1.58 13.35
C GLN A 5 3.20 0.34 13.44
N LYS A 6 1.91 0.54 13.28
CA LYS A 6 0.96 -0.55 13.35
C LYS A 6 0.69 -1.09 11.96
N ASN A 7 0.16 -2.30 11.88
CA ASN A 7 -0.28 -2.87 10.63
C ASN A 7 -1.71 -3.31 10.81
N GLU A 8 -2.63 -2.67 10.09
CA GLU A 8 -4.05 -2.85 10.33
C GLU A 8 -4.46 -4.28 10.02
N ASP A 9 -5.24 -4.88 10.91
CA ASP A 9 -5.71 -6.24 10.72
C ASP A 9 -6.97 -6.29 9.88
N GLU A 10 -7.13 -5.32 8.99
CA GLU A 10 -8.28 -5.26 8.11
C GLU A 10 -7.85 -4.91 6.70
N CYS A 11 -8.34 -5.65 5.72
CA CYS A 11 -8.21 -5.24 4.34
C CYS A 11 -9.10 -4.04 4.09
N ALA A 12 -8.47 -2.89 3.81
CA ALA A 12 -9.20 -1.65 3.52
C ALA A 12 -10.00 -1.73 2.22
N VAL A 13 -10.67 -2.86 2.02
CA VAL A 13 -11.54 -3.09 0.89
C VAL A 13 -12.78 -3.87 1.32
N CYS A 14 -12.58 -5.04 1.90
CA CYS A 14 -13.69 -5.92 2.25
C CYS A 14 -13.83 -6.13 3.76
N ARG A 15 -12.96 -5.46 4.54
CA ARG A 15 -12.97 -5.60 6.01
C ARG A 15 -12.68 -7.03 6.46
N ASP A 16 -11.86 -7.73 5.69
CA ASP A 16 -11.50 -9.11 5.99
C ASP A 16 -9.99 -9.22 6.23
N GLY A 17 -9.57 -10.19 7.01
CA GLY A 17 -8.16 -10.32 7.33
C GLY A 17 -7.56 -11.56 6.70
N GLY A 18 -6.70 -12.24 7.44
CA GLY A 18 -6.12 -13.46 6.94
C GLY A 18 -4.84 -13.22 6.17
N GLU A 19 -4.85 -13.50 4.87
CA GLU A 19 -3.67 -13.33 4.04
C GLU A 19 -3.58 -11.89 3.56
N LEU A 20 -3.22 -11.01 4.48
CA LEU A 20 -3.12 -9.59 4.20
C LEU A 20 -1.69 -9.19 3.86
N ILE A 21 -1.57 -8.13 3.08
CA ILE A 21 -0.29 -7.53 2.84
C ILE A 21 -0.35 -6.06 3.25
N CYS A 22 0.45 -5.70 4.23
CA CYS A 22 0.44 -4.35 4.77
C CYS A 22 1.53 -3.51 4.11
N CYS A 23 1.15 -2.32 3.69
CA CYS A 23 2.07 -1.40 3.04
C CYS A 23 3.18 -0.97 4.00
N ASP A 24 4.34 -0.68 3.44
CA ASP A 24 5.51 -0.26 4.21
C ASP A 24 5.44 1.24 4.50
N GLY A 25 4.57 1.91 3.78
CA GLY A 25 4.39 3.34 3.96
C GLY A 25 3.10 3.66 4.70
N CYS A 26 2.06 2.90 4.39
CA CYS A 26 0.76 3.09 5.01
C CYS A 26 0.38 1.85 5.81
N PRO A 27 -0.13 2.02 7.04
CA PRO A 27 -0.47 0.90 7.93
C PRO A 27 -1.62 0.05 7.39
N ARG A 28 -2.26 0.52 6.32
CA ARG A 28 -3.40 -0.17 5.72
C ARG A 28 -3.00 -1.55 5.19
N ALA A 29 -3.85 -2.53 5.46
CA ALA A 29 -3.67 -3.87 4.92
C ALA A 29 -4.60 -4.09 3.75
N PHE A 30 -4.19 -4.92 2.81
CA PHE A 30 -4.98 -5.20 1.61
C PHE A 30 -4.89 -6.66 1.23
N HIS A 31 -5.84 -7.12 0.43
CA HIS A 31 -5.78 -8.45 -0.16
C HIS A 31 -5.27 -8.36 -1.59
N LEU A 32 -4.59 -9.40 -2.03
CA LEU A 32 -3.93 -9.41 -3.34
C LEU A 32 -4.89 -8.98 -4.46
N ALA A 33 -5.99 -9.71 -4.60
CA ALA A 33 -6.95 -9.46 -5.67
C ALA A 33 -7.70 -8.15 -5.48
N CYS A 34 -7.67 -7.62 -4.26
CA CYS A 34 -8.36 -6.39 -3.95
C CYS A 34 -7.60 -5.18 -4.45
N LEU A 35 -6.29 -5.32 -4.63
CA LEU A 35 -5.49 -4.26 -5.23
C LEU A 35 -5.90 -4.00 -6.68
N SER A 36 -5.51 -2.84 -7.20
CA SER A 36 -5.72 -2.50 -8.58
C SER A 36 -4.43 -1.92 -9.16
N PRO A 37 -3.73 -2.63 -10.06
CA PRO A 37 -4.17 -3.95 -10.56
C PRO A 37 -4.06 -5.05 -9.49
N PRO A 38 -4.93 -6.06 -9.57
CA PRO A 38 -4.95 -7.17 -8.60
C PRO A 38 -3.65 -7.97 -8.61
N LEU A 39 -3.04 -8.07 -7.44
CA LEU A 39 -1.81 -8.83 -7.28
C LEU A 39 -2.09 -10.31 -7.39
N ARG A 40 -1.27 -11.02 -8.15
CA ARG A 40 -1.45 -12.44 -8.37
C ARG A 40 -0.63 -13.24 -7.38
N GLU A 41 0.44 -12.64 -6.90
CA GLU A 41 1.31 -13.26 -5.91
C GLU A 41 1.73 -12.22 -4.88
N ILE A 42 1.98 -12.66 -3.65
CA ILE A 42 2.39 -11.75 -2.58
C ILE A 42 3.83 -11.30 -2.79
N PRO A 43 4.04 -10.00 -3.01
CA PRO A 43 5.39 -9.43 -3.16
C PRO A 43 6.20 -9.54 -1.87
N SER A 44 7.42 -10.04 -2.00
CA SER A 44 8.29 -10.21 -0.86
C SER A 44 9.25 -9.03 -0.72
N GLY A 45 8.91 -8.12 0.16
CA GLY A 45 9.76 -6.96 0.40
C GLY A 45 8.95 -5.74 0.78
N THR A 46 9.51 -4.57 0.57
CA THR A 46 8.82 -3.32 0.85
C THR A 46 7.77 -3.02 -0.22
N TRP A 47 6.50 -3.09 0.17
CA TRP A 47 5.40 -2.87 -0.76
C TRP A 47 4.75 -1.52 -0.50
N ARG A 48 4.28 -0.86 -1.56
CA ARG A 48 3.66 0.45 -1.46
C ARG A 48 2.27 0.44 -2.07
N CYS A 49 1.29 0.91 -1.31
CA CYS A 49 -0.08 0.96 -1.78
C CYS A 49 -0.34 2.21 -2.62
N SER A 50 -1.60 2.41 -3.01
CA SER A 50 -1.97 3.52 -3.89
C SER A 50 -1.62 4.87 -3.27
N SER A 51 -1.84 5.00 -1.97
CA SER A 51 -1.51 6.22 -1.24
C SER A 51 -0.04 6.62 -1.46
N CYS A 52 0.85 5.64 -1.41
CA CYS A 52 2.27 5.89 -1.61
C CYS A 52 2.57 6.17 -3.08
N LEU A 53 1.84 5.51 -3.98
CA LEU A 53 2.05 5.71 -5.41
C LEU A 53 1.62 7.11 -5.82
N GLN A 54 0.48 7.56 -5.28
CA GLN A 54 -0.06 8.86 -5.61
C GLN A 54 0.62 9.95 -4.78
N ALA A 55 1.60 9.55 -3.96
CA ALA A 55 2.38 10.50 -3.18
C ALA A 55 3.39 11.18 -4.09
N THR A 56 3.69 10.53 -5.21
CA THR A 56 4.56 11.09 -6.22
C THR A 56 3.74 11.42 -7.47
N VAL A 57 3.53 12.70 -7.73
CA VAL A 57 2.75 13.12 -8.89
C VAL A 57 3.69 13.58 -10.00
N GLN A 58 3.43 13.09 -11.21
CA GLN A 58 4.28 13.42 -12.35
C GLN A 58 3.51 14.21 -13.41
N GLU A 59 2.26 14.54 -13.10
CA GLU A 59 1.42 15.28 -14.02
C GLU A 59 1.38 16.75 -13.65
N VAL A 60 1.37 17.62 -14.65
CA VAL A 60 1.29 19.05 -14.41
C VAL A 60 -0.05 19.59 -14.92
N GLN A 61 -0.80 20.21 -14.03
CA GLN A 61 -2.12 20.72 -14.39
C GLN A 61 -2.00 22.14 -14.95
N PRO A 62 -2.89 22.50 -15.89
CA PRO A 62 -2.87 23.81 -16.55
C PRO A 62 -3.47 24.92 -15.66
N ARG A 63 -3.28 24.78 -14.36
CA ARG A 63 -3.81 25.74 -13.40
C ARG A 63 -2.67 26.36 -12.61
N ALA A 64 -2.70 27.68 -12.46
CA ALA A 64 -1.59 28.43 -11.89
C ALA A 64 -1.73 28.60 -10.38
N GLU A 65 -2.89 29.04 -9.92
CA GLU A 65 -3.10 29.33 -8.51
C GLU A 65 -3.53 28.09 -7.73
N GLU A 66 -3.56 26.96 -8.40
CA GLU A 66 -3.95 25.71 -7.78
C GLU A 66 -3.31 24.53 -8.51
ZN ZN B . -9.97 -7.62 0.61
ZN ZN C . 1.09 3.04 1.93
N GLY A 1 10.07 -2.16 6.71
CA GLY A 1 9.57 -1.33 7.84
C GLY A 1 8.51 -2.04 8.64
N ALA A 2 7.32 -1.45 8.69
CA ALA A 2 6.18 -2.02 9.40
C ALA A 2 6.46 -2.14 10.90
N MET A 3 7.29 -1.25 11.42
CA MET A 3 7.61 -1.24 12.84
C MET A 3 7.25 0.11 13.47
N ALA A 4 7.24 1.16 12.64
CA ALA A 4 6.86 2.48 13.10
C ALA A 4 5.37 2.52 13.42
N GLN A 5 4.55 2.33 12.41
CA GLN A 5 3.11 2.24 12.60
C GLN A 5 2.70 0.78 12.66
N LYS A 6 1.81 0.44 13.59
CA LYS A 6 1.26 -0.90 13.66
C LYS A 6 0.36 -1.12 12.46
N ASN A 7 0.34 -2.32 11.91
CA ASN A 7 -0.44 -2.60 10.73
C ASN A 7 -1.82 -3.06 11.13
N GLU A 8 -2.84 -2.59 10.42
CA GLU A 8 -4.21 -2.92 10.73
C GLU A 8 -4.57 -4.27 10.10
N ASP A 9 -5.21 -5.13 10.88
CA ASP A 9 -5.53 -6.49 10.43
C ASP A 9 -6.86 -6.50 9.67
N GLU A 10 -7.13 -5.43 8.93
CA GLU A 10 -8.35 -5.35 8.15
C GLU A 10 -8.05 -4.84 6.75
N CYS A 11 -8.54 -5.54 5.76
CA CYS A 11 -8.45 -5.06 4.39
C CYS A 11 -9.45 -3.95 4.17
N ALA A 12 -8.93 -2.74 4.00
CA ALA A 12 -9.76 -1.54 3.78
C ALA A 12 -10.81 -1.74 2.67
N VAL A 13 -10.58 -2.73 1.80
CA VAL A 13 -11.52 -3.02 0.73
C VAL A 13 -12.76 -3.75 1.27
N CYS A 14 -12.60 -4.99 1.72
CA CYS A 14 -13.74 -5.83 2.06
C CYS A 14 -13.89 -6.04 3.57
N ARG A 15 -13.13 -5.28 4.35
CA ARG A 15 -13.21 -5.28 5.81
C ARG A 15 -12.79 -6.61 6.44
N ASP A 16 -12.12 -7.47 5.66
CA ASP A 16 -11.73 -8.77 6.16
C ASP A 16 -10.22 -8.86 6.32
N GLY A 17 -9.76 -9.85 7.08
CA GLY A 17 -8.34 -10.01 7.32
C GLY A 17 -7.81 -11.30 6.75
N GLY A 18 -7.07 -12.05 7.56
CA GLY A 18 -6.52 -13.32 7.11
C GLY A 18 -5.30 -13.14 6.23
N GLU A 19 -5.46 -13.43 4.94
CA GLU A 19 -4.36 -13.33 3.98
C GLU A 19 -4.16 -11.89 3.55
N LEU A 20 -3.55 -11.10 4.42
CA LEU A 20 -3.38 -9.68 4.16
C LEU A 20 -1.98 -9.32 3.74
N ILE A 21 -1.89 -8.27 2.96
CA ILE A 21 -0.62 -7.65 2.63
C ILE A 21 -0.71 -6.16 2.96
N CYS A 22 0.10 -5.71 3.91
CA CYS A 22 0.04 -4.34 4.37
C CYS A 22 1.19 -3.54 3.79
N CYS A 23 0.91 -2.29 3.45
CA CYS A 23 1.92 -1.41 2.88
C CYS A 23 3.06 -1.15 3.87
N ASP A 24 4.28 -1.13 3.37
CA ASP A 24 5.46 -1.02 4.22
C ASP A 24 5.34 0.17 5.20
N GLY A 25 5.15 1.37 4.65
CA GLY A 25 5.03 2.54 5.49
C GLY A 25 3.60 2.93 5.81
N CYS A 26 2.65 2.19 5.27
CA CYS A 26 1.23 2.49 5.51
C CYS A 26 0.56 1.35 6.26
N PRO A 27 -0.03 1.66 7.44
CA PRO A 27 -0.65 0.67 8.32
C PRO A 27 -1.81 -0.09 7.67
N ARG A 28 -2.35 0.46 6.59
CA ARG A 28 -3.50 -0.13 5.91
C ARG A 28 -3.13 -1.45 5.22
N ALA A 29 -3.95 -2.47 5.43
CA ALA A 29 -3.73 -3.77 4.82
C ALA A 29 -4.78 -4.03 3.74
N PHE A 30 -4.43 -4.90 2.81
CA PHE A 30 -5.30 -5.22 1.67
C PHE A 30 -5.15 -6.69 1.30
N HIS A 31 -6.09 -7.19 0.51
CA HIS A 31 -5.98 -8.52 -0.06
C HIS A 31 -5.40 -8.42 -1.46
N LEU A 32 -4.64 -9.44 -1.86
CA LEU A 32 -3.94 -9.41 -3.14
C LEU A 32 -4.89 -9.08 -4.29
N ALA A 33 -5.94 -9.87 -4.45
CA ALA A 33 -6.88 -9.70 -5.57
C ALA A 33 -7.74 -8.46 -5.39
N CYS A 34 -7.75 -7.91 -4.18
CA CYS A 34 -8.54 -6.73 -3.90
C CYS A 34 -7.82 -5.46 -4.35
N LEU A 35 -6.51 -5.56 -4.58
CA LEU A 35 -5.77 -4.47 -5.21
C LEU A 35 -6.21 -4.25 -6.65
N SER A 36 -5.93 -3.07 -7.17
CA SER A 36 -6.14 -2.78 -8.58
C SER A 36 -4.93 -2.05 -9.16
N PRO A 37 -4.16 -2.68 -10.05
CA PRO A 37 -4.43 -4.04 -10.54
C PRO A 37 -4.25 -5.11 -9.45
N PRO A 38 -5.06 -6.17 -9.51
CA PRO A 38 -5.03 -7.25 -8.53
C PRO A 38 -3.70 -7.99 -8.51
N LEU A 39 -3.12 -8.12 -7.33
CA LEU A 39 -1.87 -8.82 -7.15
C LEU A 39 -2.10 -10.33 -7.12
N ARG A 40 -1.19 -11.08 -7.72
CA ARG A 40 -1.30 -12.52 -7.73
C ARG A 40 -0.33 -13.11 -6.72
N GLU A 41 0.72 -12.38 -6.42
CA GLU A 41 1.75 -12.82 -5.50
C GLU A 41 2.20 -11.66 -4.62
N ILE A 42 2.55 -11.95 -3.38
CA ILE A 42 3.10 -10.94 -2.48
C ILE A 42 4.54 -10.61 -2.88
N PRO A 43 4.77 -9.37 -3.33
CA PRO A 43 6.11 -8.91 -3.77
C PRO A 43 7.12 -8.90 -2.62
N SER A 44 8.36 -9.19 -2.94
CA SER A 44 9.42 -9.23 -1.95
C SER A 44 9.97 -7.83 -1.67
N GLY A 45 10.37 -7.60 -0.43
CA GLY A 45 10.92 -6.31 -0.06
C GLY A 45 9.87 -5.40 0.56
N THR A 46 9.73 -4.21 0.00
CA THR A 46 8.75 -3.27 0.49
C THR A 46 7.63 -3.09 -0.52
N TRP A 47 6.40 -3.18 -0.05
CA TRP A 47 5.24 -2.97 -0.92
C TRP A 47 4.65 -1.58 -0.68
N ARG A 48 4.17 -0.96 -1.75
CA ARG A 48 3.61 0.38 -1.67
C ARG A 48 2.17 0.38 -2.19
N CYS A 49 1.25 0.89 -1.42
CA CYS A 49 -0.14 0.95 -1.83
C CYS A 49 -0.42 2.24 -2.60
N SER A 50 -1.69 2.54 -2.83
CA SER A 50 -2.10 3.65 -3.69
C SER A 50 -1.56 5.00 -3.19
N SER A 51 -1.62 5.21 -1.88
CA SER A 51 -1.13 6.44 -1.28
C SER A 51 0.32 6.73 -1.66
N CYS A 52 1.16 5.72 -1.60
CA CYS A 52 2.57 5.86 -1.91
C CYS A 52 2.79 6.00 -3.43
N LEU A 53 2.11 5.16 -4.21
CA LEU A 53 2.28 5.16 -5.66
C LEU A 53 1.79 6.47 -6.28
N GLN A 54 0.69 6.99 -5.75
CA GLN A 54 0.14 8.26 -6.21
C GLN A 54 1.11 9.41 -5.93
N ALA A 55 1.85 9.31 -4.82
CA ALA A 55 2.82 10.33 -4.47
C ALA A 55 4.04 10.25 -5.37
N THR A 56 4.75 9.13 -5.30
CA THR A 56 5.94 8.91 -6.10
C THR A 56 5.58 8.18 -7.39
N VAL A 57 5.65 8.90 -8.51
CA VAL A 57 5.38 8.30 -9.80
C VAL A 57 6.64 7.74 -10.41
N GLN A 58 6.56 6.50 -10.83
CA GLN A 58 7.72 5.80 -11.34
C GLN A 58 7.71 5.79 -12.86
N GLU A 59 8.00 6.95 -13.44
CA GLU A 59 8.08 7.10 -14.88
C GLU A 59 9.32 6.39 -15.41
N VAL A 60 9.11 5.52 -16.39
CA VAL A 60 10.19 4.68 -16.94
C VAL A 60 10.96 5.43 -18.01
N GLN A 61 12.20 5.04 -18.21
CA GLN A 61 13.05 5.65 -19.22
C GLN A 61 13.38 4.65 -20.32
N PRO A 62 12.88 4.87 -21.53
CA PRO A 62 13.11 3.96 -22.66
C PRO A 62 14.57 3.95 -23.09
N ARG A 63 15.33 2.98 -22.60
CA ARG A 63 16.73 2.86 -22.94
C ARG A 63 17.09 1.40 -23.23
N ALA A 64 17.13 1.05 -24.52
CA ALA A 64 17.60 -0.25 -24.97
C ALA A 64 16.73 -1.40 -24.46
N GLU A 65 15.68 -1.71 -25.22
CA GLU A 65 14.85 -2.87 -24.92
C GLU A 65 15.45 -4.10 -25.60
N GLU A 66 16.24 -3.83 -26.63
CA GLU A 66 16.99 -4.87 -27.35
C GLU A 66 16.05 -5.87 -28.02
ZN ZN B . -10.14 -7.27 0.44
ZN ZN C . 1.33 3.18 0.95
N GLY A 1 8.24 -2.51 7.99
CA GLY A 1 9.44 -2.56 8.87
C GLY A 1 9.21 -1.88 10.21
N ALA A 2 10.11 -1.00 10.59
CA ALA A 2 10.06 -0.37 11.90
C ALA A 2 9.24 0.92 11.89
N MET A 3 8.86 1.37 10.70
CA MET A 3 8.03 2.56 10.59
C MET A 3 6.57 2.19 10.81
N ALA A 4 6.15 1.11 10.17
CA ALA A 4 4.77 0.64 10.29
C ALA A 4 4.60 -0.22 11.54
N GLN A 5 4.73 0.41 12.70
CA GLN A 5 4.48 -0.27 13.96
C GLN A 5 2.99 -0.34 14.21
N LYS A 6 2.24 0.37 13.39
CA LYS A 6 0.79 0.29 13.40
C LYS A 6 0.37 -0.51 12.17
N ASN A 7 -0.67 -1.32 12.30
CA ASN A 7 -1.05 -2.21 11.23
C ASN A 7 -2.48 -2.67 11.37
N GLU A 8 -3.27 -2.44 10.33
CA GLU A 8 -4.64 -2.92 10.30
C GLU A 8 -4.66 -4.40 9.95
N ASP A 9 -5.38 -5.18 10.75
CA ASP A 9 -5.58 -6.59 10.42
C ASP A 9 -6.88 -6.75 9.64
N GLU A 10 -7.26 -5.70 8.94
CA GLU A 10 -8.46 -5.72 8.11
C GLU A 10 -8.12 -5.12 6.77
N CYS A 11 -8.50 -5.79 5.70
CA CYS A 11 -8.34 -5.24 4.37
C CYS A 11 -9.27 -4.06 4.20
N ALA A 12 -8.70 -2.86 4.03
CA ALA A 12 -9.46 -1.64 3.78
C ALA A 12 -10.25 -1.66 2.47
N VAL A 13 -10.88 -2.79 2.21
CA VAL A 13 -11.74 -2.98 1.05
C VAL A 13 -12.96 -3.81 1.45
N CYS A 14 -12.70 -4.98 2.07
CA CYS A 14 -13.77 -5.90 2.44
C CYS A 14 -13.86 -6.07 3.96
N ARG A 15 -12.97 -5.40 4.69
CA ARG A 15 -12.93 -5.44 6.16
C ARG A 15 -12.41 -6.78 6.70
N ASP A 16 -12.18 -7.74 5.82
CA ASP A 16 -11.74 -9.07 6.23
C ASP A 16 -10.22 -9.17 6.25
N GLY A 17 -9.72 -10.24 6.83
CA GLY A 17 -8.29 -10.45 6.92
C GLY A 17 -7.85 -11.73 6.25
N GLY A 18 -6.78 -12.34 6.74
CA GLY A 18 -6.28 -13.55 6.14
C GLY A 18 -5.00 -13.31 5.36
N GLU A 19 -5.11 -13.32 4.04
CA GLU A 19 -3.96 -13.06 3.17
C GLU A 19 -3.74 -11.57 2.98
N LEU A 20 -3.25 -10.92 4.02
CA LEU A 20 -3.10 -9.47 4.00
C LEU A 20 -1.68 -9.06 3.68
N ILE A 21 -1.56 -7.99 2.92
CA ILE A 21 -0.29 -7.38 2.62
C ILE A 21 -0.32 -5.91 3.04
N CYS A 22 0.58 -5.53 3.93
CA CYS A 22 0.60 -4.18 4.47
C CYS A 22 1.67 -3.36 3.77
N CYS A 23 1.34 -2.11 3.44
CA CYS A 23 2.27 -1.21 2.79
C CYS A 23 3.48 -0.94 3.68
N ASP A 24 4.60 -0.64 3.04
CA ASP A 24 5.87 -0.42 3.73
C ASP A 24 5.73 0.49 4.94
N GLY A 25 5.48 1.77 4.71
CA GLY A 25 5.32 2.70 5.80
C GLY A 25 3.87 3.07 6.08
N CYS A 26 2.95 2.30 5.52
CA CYS A 26 1.52 2.57 5.72
C CYS A 26 0.87 1.39 6.45
N PRO A 27 0.17 1.67 7.56
CA PRO A 27 -0.53 0.65 8.36
C PRO A 27 -1.65 -0.03 7.57
N ARG A 28 -1.97 0.50 6.40
CA ARG A 28 -3.00 -0.04 5.53
C ARG A 28 -2.70 -1.48 5.12
N ALA A 29 -3.70 -2.35 5.26
CA ALA A 29 -3.59 -3.73 4.82
C ALA A 29 -4.64 -4.05 3.77
N PHE A 30 -4.29 -4.92 2.83
CA PHE A 30 -5.15 -5.23 1.70
C PHE A 30 -4.99 -6.69 1.29
N HIS A 31 -5.95 -7.20 0.53
CA HIS A 31 -5.84 -8.53 -0.05
C HIS A 31 -5.29 -8.43 -1.47
N LEU A 32 -4.74 -9.51 -1.97
CA LEU A 32 -4.13 -9.51 -3.29
C LEU A 32 -5.11 -9.08 -4.39
N ALA A 33 -6.22 -9.81 -4.51
CA ALA A 33 -7.21 -9.53 -5.55
C ALA A 33 -8.03 -8.29 -5.25
N CYS A 34 -7.99 -7.84 -4.00
CA CYS A 34 -8.72 -6.63 -3.63
C CYS A 34 -7.95 -5.38 -4.07
N LEU A 35 -6.66 -5.55 -4.30
CA LEU A 35 -5.84 -4.47 -4.85
C LEU A 35 -6.27 -4.15 -6.27
N SER A 36 -6.01 -2.92 -6.70
CA SER A 36 -6.22 -2.53 -8.07
C SER A 36 -5.00 -1.77 -8.58
N PRO A 37 -4.19 -2.39 -9.46
CA PRO A 37 -4.45 -3.72 -10.02
C PRO A 37 -4.26 -4.85 -9.01
N PRO A 38 -5.03 -5.94 -9.17
CA PRO A 38 -4.95 -7.11 -8.29
C PRO A 38 -3.59 -7.79 -8.35
N LEU A 39 -2.99 -7.99 -7.19
CA LEU A 39 -1.68 -8.62 -7.10
C LEU A 39 -1.81 -10.12 -7.30
N ARG A 40 -0.83 -10.70 -7.99
CA ARG A 40 -0.83 -12.13 -8.28
C ARG A 40 -0.25 -12.92 -7.11
N GLU A 41 0.77 -12.35 -6.47
CA GLU A 41 1.39 -12.97 -5.31
C GLU A 41 1.72 -11.90 -4.27
N ILE A 42 2.00 -12.34 -3.05
CA ILE A 42 2.47 -11.44 -2.00
C ILE A 42 3.98 -11.28 -2.11
N PRO A 43 4.44 -10.13 -2.62
CA PRO A 43 5.87 -9.88 -2.84
C PRO A 43 6.67 -9.77 -1.55
N SER A 44 7.92 -10.18 -1.61
CA SER A 44 8.81 -10.13 -0.47
C SER A 44 9.73 -8.92 -0.59
N GLY A 45 9.34 -7.82 0.04
CA GLY A 45 10.11 -6.60 -0.03
C GLY A 45 9.31 -5.41 0.46
N THR A 46 9.58 -4.24 -0.08
CA THR A 46 8.85 -3.05 0.30
C THR A 46 7.77 -2.73 -0.72
N TRP A 47 6.52 -2.95 -0.34
CA TRP A 47 5.40 -2.73 -1.24
C TRP A 47 4.73 -1.39 -0.97
N ARG A 48 4.30 -0.72 -2.03
CA ARG A 48 3.66 0.58 -1.92
C ARG A 48 2.30 0.56 -2.60
N CYS A 49 1.26 0.95 -1.88
CA CYS A 49 -0.08 0.94 -2.42
C CYS A 49 -0.32 2.11 -3.38
N SER A 50 -1.53 2.21 -3.93
CA SER A 50 -1.84 3.26 -4.89
C SER A 50 -1.67 4.63 -4.26
N SER A 51 -2.11 4.75 -3.01
CA SER A 51 -1.96 5.98 -2.24
C SER A 51 -0.47 6.37 -2.15
N CYS A 52 0.39 5.40 -1.87
CA CYS A 52 1.83 5.64 -1.82
C CYS A 52 2.35 6.10 -3.18
N LEU A 53 1.91 5.42 -4.23
CA LEU A 53 2.35 5.73 -5.59
C LEU A 53 1.93 7.15 -6.00
N GLN A 54 0.81 7.62 -5.45
CA GLN A 54 0.32 8.95 -5.75
C GLN A 54 1.19 10.03 -5.12
N ALA A 55 1.69 9.75 -3.92
CA ALA A 55 2.45 10.74 -3.17
C ALA A 55 3.89 10.80 -3.64
N THR A 56 4.58 9.69 -3.51
CA THR A 56 5.97 9.60 -3.89
C THR A 56 6.11 9.68 -5.41
N VAL A 57 6.90 10.64 -5.87
CA VAL A 57 7.11 10.81 -7.30
C VAL A 57 8.39 10.14 -7.75
N GLN A 58 8.30 9.40 -8.84
CA GLN A 58 9.46 8.79 -9.45
C GLN A 58 10.25 9.85 -10.21
N GLU A 59 11.57 9.78 -10.11
CA GLU A 59 12.43 10.81 -10.68
C GLU A 59 12.58 10.61 -12.18
N VAL A 60 11.54 10.99 -12.90
CA VAL A 60 11.49 10.82 -14.34
C VAL A 60 12.40 11.83 -15.05
N GLN A 61 12.95 11.41 -16.17
CA GLN A 61 13.80 12.26 -16.99
C GLN A 61 13.02 12.78 -18.20
N PRO A 62 13.09 14.10 -18.44
CA PRO A 62 12.41 14.74 -19.57
C PRO A 62 13.01 14.33 -20.91
N ARG A 63 12.19 13.81 -21.79
CA ARG A 63 12.65 13.37 -23.10
C ARG A 63 12.09 14.25 -24.20
N ALA A 64 12.96 14.63 -25.12
CA ALA A 64 12.54 15.34 -26.31
C ALA A 64 12.36 14.34 -27.45
N GLU A 65 11.15 13.81 -27.56
CA GLU A 65 10.87 12.74 -28.50
C GLU A 65 11.11 13.18 -29.95
N GLU A 66 12.13 12.59 -30.58
CA GLU A 66 12.44 12.88 -31.98
C GLU A 66 12.74 11.59 -32.74
ZN ZN B . -10.12 -7.41 0.85
ZN ZN C . 0.47 2.42 1.77
N GLY A 1 12.42 -7.21 8.72
CA GLY A 1 11.13 -7.80 9.14
C GLY A 1 10.07 -6.74 9.37
N ALA A 2 9.39 -6.84 10.50
CA ALA A 2 8.34 -5.89 10.84
C ALA A 2 8.93 -4.63 11.44
N MET A 3 9.30 -3.68 10.58
CA MET A 3 9.83 -2.41 11.04
C MET A 3 8.68 -1.50 11.45
N ALA A 4 7.56 -1.65 10.77
CA ALA A 4 6.34 -0.93 11.13
C ALA A 4 5.51 -1.75 12.11
N GLN A 5 5.16 -1.15 13.23
CA GLN A 5 4.33 -1.82 14.23
C GLN A 5 2.87 -1.48 14.01
N LYS A 6 2.63 -0.32 13.41
CA LYS A 6 1.26 0.10 13.10
C LYS A 6 0.84 -0.52 11.78
N ASN A 7 0.16 -1.66 11.85
CA ASN A 7 -0.27 -2.36 10.65
C ASN A 7 -1.68 -2.89 10.87
N GLU A 8 -2.61 -2.46 10.04
CA GLU A 8 -4.00 -2.85 10.18
C GLU A 8 -4.14 -4.34 9.89
N ASP A 9 -4.81 -5.06 10.78
CA ASP A 9 -5.01 -6.50 10.60
C ASP A 9 -6.31 -6.79 9.85
N GLU A 10 -6.73 -5.87 9.01
CA GLU A 10 -7.91 -6.06 8.19
C GLU A 10 -7.71 -5.39 6.82
N CYS A 11 -8.31 -5.99 5.79
CA CYS A 11 -8.28 -5.42 4.47
C CYS A 11 -9.22 -4.22 4.38
N ALA A 12 -8.62 -3.04 4.30
CA ALA A 12 -9.38 -1.77 4.19
C ALA A 12 -10.31 -1.70 2.98
N VAL A 13 -10.37 -2.78 2.20
CA VAL A 13 -11.28 -2.86 1.07
C VAL A 13 -12.60 -3.51 1.47
N CYS A 14 -12.53 -4.74 1.95
CA CYS A 14 -13.74 -5.50 2.26
C CYS A 14 -13.86 -5.82 3.75
N ARG A 15 -12.98 -5.24 4.56
CA ARG A 15 -12.97 -5.45 6.01
C ARG A 15 -12.83 -6.93 6.36
N ASP A 16 -12.03 -7.64 5.59
CA ASP A 16 -11.85 -9.08 5.80
C ASP A 16 -10.38 -9.36 6.08
N GLY A 17 -10.09 -10.46 6.79
CA GLY A 17 -8.72 -10.79 7.12
C GLY A 17 -8.22 -11.97 6.34
N GLY A 18 -7.14 -12.58 6.80
CA GLY A 18 -6.55 -13.72 6.10
C GLY A 18 -5.12 -13.44 5.69
N GLU A 19 -4.76 -13.85 4.48
CA GLU A 19 -3.42 -13.58 3.96
C GLU A 19 -3.32 -12.13 3.51
N LEU A 20 -3.16 -11.24 4.48
CA LEU A 20 -3.17 -9.81 4.24
C LEU A 20 -1.76 -9.29 3.95
N ILE A 21 -1.70 -8.20 3.22
CA ILE A 21 -0.44 -7.54 2.95
C ILE A 21 -0.54 -6.08 3.40
N CYS A 22 0.29 -5.68 4.35
CA CYS A 22 0.28 -4.33 4.87
C CYS A 22 1.35 -3.48 4.21
N CYS A 23 0.98 -2.27 3.82
CA CYS A 23 1.88 -1.38 3.11
C CYS A 23 3.03 -0.88 3.99
N ASP A 24 4.16 -0.59 3.34
CA ASP A 24 5.36 -0.09 3.98
C ASP A 24 5.20 1.38 4.40
N GLY A 25 4.30 2.07 3.73
CA GLY A 25 4.09 3.49 4.01
C GLY A 25 2.77 3.76 4.70
N CYS A 26 1.77 2.96 4.37
CA CYS A 26 0.45 3.12 4.94
C CYS A 26 0.09 1.87 5.76
N PRO A 27 -0.40 2.07 6.98
CA PRO A 27 -0.75 0.97 7.89
C PRO A 27 -1.88 0.08 7.34
N ARG A 28 -2.56 0.56 6.32
CA ARG A 28 -3.67 -0.16 5.72
C ARG A 28 -3.20 -1.47 5.11
N ALA A 29 -3.95 -2.54 5.39
CA ALA A 29 -3.69 -3.83 4.79
C ALA A 29 -4.73 -4.12 3.71
N PHE A 30 -4.37 -5.00 2.80
CA PHE A 30 -5.24 -5.31 1.67
C PHE A 30 -5.11 -6.79 1.27
N HIS A 31 -6.08 -7.27 0.51
CA HIS A 31 -6.00 -8.60 -0.08
C HIS A 31 -5.43 -8.50 -1.49
N LEU A 32 -4.77 -9.56 -1.93
CA LEU A 32 -4.06 -9.56 -3.19
C LEU A 32 -4.95 -9.12 -4.36
N ALA A 33 -6.06 -9.81 -4.55
CA ALA A 33 -6.95 -9.52 -5.67
C ALA A 33 -7.75 -8.23 -5.44
N CYS A 34 -7.80 -7.79 -4.20
CA CYS A 34 -8.51 -6.56 -3.87
C CYS A 34 -7.70 -5.33 -4.30
N LEU A 35 -6.40 -5.51 -4.48
CA LEU A 35 -5.54 -4.47 -5.01
C LEU A 35 -5.96 -4.06 -6.42
N SER A 36 -5.65 -2.83 -6.79
CA SER A 36 -5.83 -2.36 -8.14
C SER A 36 -4.57 -1.60 -8.58
N PRO A 37 -3.74 -2.20 -9.47
CA PRO A 37 -4.01 -3.51 -10.09
C PRO A 37 -3.81 -4.66 -9.12
N PRO A 38 -4.62 -5.73 -9.28
CA PRO A 38 -4.61 -6.89 -8.37
C PRO A 38 -3.31 -7.69 -8.41
N LEU A 39 -2.82 -8.07 -7.25
CA LEU A 39 -1.61 -8.86 -7.14
C LEU A 39 -1.93 -10.34 -7.24
N ARG A 40 -1.10 -11.06 -7.97
CA ARG A 40 -1.26 -12.50 -8.14
C ARG A 40 -0.76 -13.25 -6.91
N GLU A 41 0.32 -12.75 -6.32
CA GLU A 41 0.87 -13.33 -5.11
C GLU A 41 1.35 -12.23 -4.18
N ILE A 42 1.72 -12.60 -2.95
CA ILE A 42 2.28 -11.66 -2.00
C ILE A 42 3.73 -11.32 -2.38
N PRO A 43 3.97 -10.09 -2.84
CA PRO A 43 5.31 -9.67 -3.27
C PRO A 43 6.28 -9.53 -2.10
N SER A 44 7.54 -9.82 -2.35
CA SER A 44 8.56 -9.77 -1.32
C SER A 44 9.35 -8.46 -1.42
N GLY A 45 9.38 -7.72 -0.34
CA GLY A 45 10.11 -6.47 -0.30
C GLY A 45 9.31 -5.36 0.33
N THR A 46 9.57 -4.14 -0.09
CA THR A 46 8.86 -2.99 0.43
C THR A 46 7.68 -2.63 -0.47
N TRP A 47 6.51 -3.09 -0.09
CA TRP A 47 5.32 -2.89 -0.90
C TRP A 47 4.64 -1.57 -0.51
N ARG A 48 4.32 -0.76 -1.50
CA ARG A 48 3.71 0.53 -1.26
C ARG A 48 2.40 0.65 -2.05
N CYS A 49 1.33 0.96 -1.35
CA CYS A 49 0.01 1.02 -1.95
C CYS A 49 -0.15 2.26 -2.83
N SER A 50 -1.33 2.42 -3.40
CA SER A 50 -1.58 3.47 -4.39
C SER A 50 -1.32 4.87 -3.80
N SER A 51 -1.75 5.08 -2.56
CA SER A 51 -1.53 6.36 -1.89
C SER A 51 -0.04 6.68 -1.78
N CYS A 52 0.79 5.67 -1.56
CA CYS A 52 2.23 5.85 -1.51
C CYS A 52 2.78 6.09 -2.92
N LEU A 53 2.30 5.33 -3.88
CA LEU A 53 2.74 5.46 -5.27
C LEU A 53 2.36 6.83 -5.83
N GLN A 54 1.22 7.34 -5.36
CA GLN A 54 0.72 8.64 -5.77
C GLN A 54 1.66 9.76 -5.33
N ALA A 55 2.49 9.47 -4.33
CA ALA A 55 3.39 10.46 -3.77
C ALA A 55 4.72 10.50 -4.52
N THR A 56 4.95 9.52 -5.39
CA THR A 56 6.20 9.47 -6.13
C THR A 56 6.23 10.58 -7.18
N VAL A 57 7.32 11.32 -7.23
CA VAL A 57 7.44 12.43 -8.15
C VAL A 57 8.04 12.00 -9.47
N GLN A 58 7.39 12.39 -10.55
CA GLN A 58 7.86 12.12 -11.89
C GLN A 58 7.75 13.39 -12.73
N GLU A 59 8.01 13.28 -14.02
CA GLU A 59 7.94 14.43 -14.92
C GLU A 59 6.50 14.80 -15.22
N VAL A 60 5.88 15.53 -14.31
CA VAL A 60 4.52 16.00 -14.53
C VAL A 60 4.52 17.29 -15.34
N GLN A 61 3.75 17.29 -16.41
CA GLN A 61 3.63 18.47 -17.26
C GLN A 61 2.88 19.56 -16.51
N PRO A 62 3.54 20.70 -16.30
CA PRO A 62 2.97 21.83 -15.54
C PRO A 62 1.68 22.34 -16.20
N ARG A 63 0.55 22.03 -15.57
CA ARG A 63 -0.74 22.44 -16.08
C ARG A 63 -1.01 23.91 -15.74
N ALA A 64 -0.18 24.77 -16.28
CA ALA A 64 -0.31 26.20 -16.08
C ALA A 64 -0.10 26.92 -17.40
N GLU A 65 -1.18 27.40 -17.98
CA GLU A 65 -1.10 28.13 -19.23
C GLU A 65 -0.98 29.62 -18.95
N GLU A 66 -0.35 30.34 -19.87
CA GLU A 66 -0.11 31.78 -19.74
C GLU A 66 0.78 32.07 -18.53
ZN ZN B . -10.09 -7.52 0.55
ZN ZN C . 0.82 2.94 1.93
N GLY A 1 12.28 5.25 13.29
CA GLY A 1 11.98 4.04 14.08
C GLY A 1 10.50 3.80 14.19
N ALA A 2 10.10 2.76 14.93
CA ALA A 2 8.71 2.40 15.14
C ALA A 2 8.03 2.03 13.83
N MET A 3 8.81 1.56 12.88
CA MET A 3 8.27 1.22 11.58
C MET A 3 7.92 -0.26 11.54
N ALA A 4 6.87 -0.60 10.81
CA ALA A 4 6.36 -1.97 10.73
C ALA A 4 5.82 -2.45 12.08
N GLN A 5 5.59 -1.51 12.98
CA GLN A 5 5.02 -1.81 14.29
C GLN A 5 3.50 -1.72 14.24
N LYS A 6 3.00 -0.57 13.82
CA LYS A 6 1.56 -0.38 13.69
C LYS A 6 1.12 -0.80 12.29
N ASN A 7 0.26 -1.80 12.23
CA ASN A 7 -0.27 -2.29 10.96
C ASN A 7 -1.73 -2.67 11.15
N GLU A 8 -2.58 -2.26 10.22
CA GLU A 8 -3.99 -2.57 10.30
C GLU A 8 -4.19 -4.06 10.04
N ASP A 9 -4.89 -4.74 10.93
CA ASP A 9 -5.14 -6.17 10.78
C ASP A 9 -6.39 -6.43 9.96
N GLU A 10 -6.74 -5.48 9.12
CA GLU A 10 -7.96 -5.56 8.31
C GLU A 10 -7.71 -5.00 6.93
N CYS A 11 -8.18 -5.70 5.91
CA CYS A 11 -8.11 -5.20 4.54
C CYS A 11 -9.03 -4.02 4.37
N ALA A 12 -8.44 -2.83 4.26
CA ALA A 12 -9.19 -1.58 4.08
C ALA A 12 -10.28 -1.68 3.00
N VAL A 13 -10.14 -2.62 2.08
CA VAL A 13 -11.11 -2.79 1.01
C VAL A 13 -12.40 -3.44 1.53
N CYS A 14 -12.30 -4.64 2.08
CA CYS A 14 -13.49 -5.42 2.47
C CYS A 14 -13.58 -5.65 3.97
N ARG A 15 -12.64 -5.06 4.73
CA ARG A 15 -12.56 -5.23 6.18
C ARG A 15 -12.47 -6.70 6.58
N ASP A 16 -11.73 -7.47 5.79
CA ASP A 16 -11.51 -8.88 6.07
C ASP A 16 -10.03 -9.14 6.27
N GLY A 17 -9.70 -10.28 6.86
CA GLY A 17 -8.30 -10.60 7.10
C GLY A 17 -7.91 -11.87 6.38
N GLY A 18 -6.85 -12.52 6.85
CA GLY A 18 -6.40 -13.76 6.23
C GLY A 18 -5.10 -13.58 5.49
N GLU A 19 -5.15 -13.76 4.17
CA GLU A 19 -3.98 -13.60 3.33
C GLU A 19 -3.77 -12.13 3.03
N LEU A 20 -3.31 -11.39 4.02
CA LEU A 20 -3.22 -9.94 3.91
C LEU A 20 -1.82 -9.50 3.51
N ILE A 21 -1.76 -8.38 2.81
CA ILE A 21 -0.51 -7.71 2.54
C ILE A 21 -0.63 -6.25 2.99
N CYS A 22 0.18 -5.87 3.96
CA CYS A 22 0.13 -4.52 4.50
C CYS A 22 1.20 -3.66 3.84
N CYS A 23 0.81 -2.48 3.43
CA CYS A 23 1.74 -1.55 2.79
C CYS A 23 2.86 -1.14 3.75
N ASP A 24 4.02 -0.88 3.18
CA ASP A 24 5.20 -0.52 3.96
C ASP A 24 5.30 0.98 4.14
N GLY A 25 4.36 1.71 3.54
CA GLY A 25 4.28 3.13 3.74
C GLY A 25 3.02 3.50 4.50
N CYS A 26 1.97 2.75 4.26
CA CYS A 26 0.71 2.92 4.97
C CYS A 26 0.39 1.64 5.71
N PRO A 27 0.10 1.71 7.02
CA PRO A 27 -0.18 0.53 7.85
C PRO A 27 -1.39 -0.28 7.35
N ARG A 28 -2.14 0.31 6.44
CA ARG A 28 -3.35 -0.29 5.87
C ARG A 28 -3.01 -1.60 5.17
N ALA A 29 -3.82 -2.62 5.46
CA ALA A 29 -3.64 -3.94 4.85
C ALA A 29 -4.64 -4.15 3.72
N PHE A 30 -4.29 -5.00 2.79
CA PHE A 30 -5.12 -5.26 1.61
C PHE A 30 -5.05 -6.73 1.21
N HIS A 31 -6.00 -7.15 0.38
CA HIS A 31 -5.97 -8.47 -0.21
C HIS A 31 -5.49 -8.37 -1.66
N LEU A 32 -4.82 -9.41 -2.14
CA LEU A 32 -4.17 -9.37 -3.45
C LEU A 32 -5.13 -8.99 -4.57
N ALA A 33 -6.23 -9.74 -4.72
CA ALA A 33 -7.16 -9.52 -5.82
C ALA A 33 -8.05 -8.31 -5.59
N CYS A 34 -8.15 -7.88 -4.34
CA CYS A 34 -8.95 -6.71 -4.01
C CYS A 34 -8.23 -5.44 -4.43
N LEU A 35 -6.91 -5.55 -4.58
CA LEU A 35 -6.09 -4.45 -5.07
C LEU A 35 -6.33 -4.22 -6.56
N SER A 36 -6.06 -3.01 -7.00
CA SER A 36 -6.12 -2.68 -8.42
C SER A 36 -4.87 -1.89 -8.82
N PRO A 37 -4.02 -2.45 -9.68
CA PRO A 37 -4.21 -3.77 -10.28
C PRO A 37 -4.05 -4.91 -9.26
N PRO A 38 -4.80 -6.01 -9.45
CA PRO A 38 -4.77 -7.16 -8.54
C PRO A 38 -3.44 -7.90 -8.58
N LEU A 39 -2.81 -8.01 -7.42
CA LEU A 39 -1.54 -8.71 -7.31
C LEU A 39 -1.75 -10.21 -7.43
N ARG A 40 -0.78 -10.87 -8.04
CA ARG A 40 -0.85 -12.31 -8.24
C ARG A 40 -0.31 -13.07 -7.03
N GLU A 41 0.77 -12.55 -6.46
CA GLU A 41 1.35 -13.12 -5.25
C GLU A 41 1.80 -12.00 -4.33
N ILE A 42 2.06 -12.34 -3.08
CA ILE A 42 2.54 -11.36 -2.10
C ILE A 42 4.02 -11.08 -2.30
N PRO A 43 4.37 -9.86 -2.74
CA PRO A 43 5.76 -9.46 -2.96
C PRO A 43 6.58 -9.45 -1.66
N SER A 44 7.73 -10.10 -1.71
CA SER A 44 8.63 -10.14 -0.58
C SER A 44 9.45 -8.85 -0.50
N GLY A 45 9.20 -8.06 0.54
CA GLY A 45 9.91 -6.82 0.70
C GLY A 45 8.98 -5.65 0.97
N THR A 46 9.47 -4.45 0.73
CA THR A 46 8.68 -3.25 0.94
C THR A 46 7.69 -3.01 -0.21
N TRP A 47 6.41 -3.04 0.12
CA TRP A 47 5.36 -2.82 -0.87
C TRP A 47 4.69 -1.48 -0.63
N ARG A 48 4.26 -0.82 -1.71
CA ARG A 48 3.68 0.51 -1.61
C ARG A 48 2.29 0.51 -2.24
N CYS A 49 1.31 0.97 -1.50
CA CYS A 49 -0.06 1.01 -2.00
C CYS A 49 -0.28 2.23 -2.90
N SER A 50 -1.48 2.35 -3.46
CA SER A 50 -1.79 3.42 -4.40
C SER A 50 -1.62 4.79 -3.74
N SER A 51 -2.07 4.89 -2.49
CA SER A 51 -1.94 6.13 -1.71
C SER A 51 -0.48 6.61 -1.69
N CYS A 52 0.44 5.69 -1.41
CA CYS A 52 1.86 6.02 -1.36
C CYS A 52 2.37 6.41 -2.75
N LEU A 53 1.96 5.64 -3.76
CA LEU A 53 2.44 5.85 -5.12
C LEU A 53 2.06 7.24 -5.64
N GLN A 54 0.85 7.68 -5.31
CA GLN A 54 0.38 8.97 -5.80
C GLN A 54 0.81 10.10 -4.89
N ALA A 55 1.39 9.76 -3.74
CA ALA A 55 1.79 10.77 -2.77
C ALA A 55 3.31 10.96 -2.78
N THR A 56 3.94 10.54 -3.86
CA THR A 56 5.37 10.70 -4.00
C THR A 56 5.71 12.07 -4.56
N VAL A 57 6.27 12.92 -3.72
CA VAL A 57 6.65 14.26 -4.14
C VAL A 57 8.16 14.36 -4.26
N GLN A 58 8.62 15.23 -5.14
CA GLN A 58 10.05 15.38 -5.38
C GLN A 58 10.48 16.81 -5.12
N GLU A 59 10.16 17.28 -3.93
CA GLU A 59 10.45 18.64 -3.53
C GLU A 59 11.70 18.70 -2.68
N VAL A 60 12.50 19.73 -2.85
CA VAL A 60 13.62 19.98 -1.96
C VAL A 60 13.12 20.68 -0.71
N GLN A 61 12.85 19.89 0.31
CA GLN A 61 12.21 20.38 1.52
C GLN A 61 13.22 20.53 2.64
N PRO A 62 13.12 21.63 3.40
CA PRO A 62 13.89 21.80 4.64
C PRO A 62 13.64 20.64 5.58
N ARG A 63 14.64 20.34 6.40
CA ARG A 63 14.67 19.13 7.22
C ARG A 63 13.45 19.02 8.12
N ALA A 64 12.89 20.16 8.51
CA ALA A 64 11.62 20.22 9.25
C ALA A 64 11.60 19.23 10.40
N GLU A 65 12.61 19.34 11.24
CA GLU A 65 12.80 18.41 12.34
C GLU A 65 12.52 19.07 13.69
N GLU A 66 12.83 18.36 14.75
CA GLU A 66 12.53 18.81 16.10
C GLU A 66 13.61 19.76 16.64
ZN ZN B . -9.92 -7.36 0.49
ZN ZN C . 0.77 2.89 2.00
N GLY A 1 -5.52 5.39 17.87
CA GLY A 1 -4.30 6.18 17.53
C GLY A 1 -3.07 5.29 17.42
N ALA A 2 -1.90 5.92 17.44
CA ALA A 2 -0.63 5.21 17.29
C ALA A 2 -0.59 4.44 15.97
N MET A 3 -1.08 5.09 14.91
CA MET A 3 -1.20 4.45 13.60
C MET A 3 0.14 4.29 12.90
N ALA A 4 1.20 4.79 13.52
CA ALA A 4 2.53 4.66 12.98
C ALA A 4 3.23 3.44 13.57
N GLN A 5 2.75 2.98 14.72
CA GLN A 5 3.33 1.85 15.40
C GLN A 5 2.48 0.60 15.16
N LYS A 6 1.19 0.80 15.00
CA LYS A 6 0.26 -0.29 14.76
C LYS A 6 -0.11 -0.33 13.28
N ASN A 7 0.03 -1.48 12.65
CA ASN A 7 -0.41 -1.64 11.28
C ASN A 7 -1.81 -2.26 11.29
N GLU A 8 -2.61 -1.92 10.30
CA GLU A 8 -3.99 -2.36 10.28
C GLU A 8 -4.10 -3.78 9.76
N ASP A 9 -4.79 -4.62 10.50
CA ASP A 9 -4.99 -6.01 10.11
C ASP A 9 -6.35 -6.19 9.46
N GLU A 10 -6.80 -5.14 8.76
CA GLU A 10 -8.08 -5.15 8.07
C GLU A 10 -7.88 -4.64 6.65
N CYS A 11 -8.41 -5.36 5.68
CA CYS A 11 -8.31 -4.94 4.29
C CYS A 11 -9.21 -3.74 4.04
N ALA A 12 -8.58 -2.60 3.77
CA ALA A 12 -9.30 -1.35 3.48
C ALA A 12 -10.29 -1.50 2.32
N VAL A 13 -10.11 -2.53 1.51
CA VAL A 13 -11.01 -2.78 0.39
C VAL A 13 -12.33 -3.41 0.87
N CYS A 14 -12.25 -4.64 1.36
CA CYS A 14 -13.46 -5.40 1.65
C CYS A 14 -13.74 -5.53 3.15
N ARG A 15 -12.94 -4.81 3.95
CA ARG A 15 -13.09 -4.82 5.42
C ARG A 15 -13.02 -6.24 5.98
N ASP A 16 -12.09 -7.03 5.45
CA ASP A 16 -11.90 -8.41 5.89
C ASP A 16 -10.42 -8.65 6.16
N GLY A 17 -10.09 -9.74 6.84
CA GLY A 17 -8.70 -10.00 7.18
C GLY A 17 -8.22 -11.31 6.61
N GLY A 18 -7.20 -11.89 7.24
CA GLY A 18 -6.66 -13.15 6.76
C GLY A 18 -5.33 -12.99 6.05
N GLU A 19 -5.30 -13.35 4.77
CA GLU A 19 -4.08 -13.27 3.98
C GLU A 19 -3.87 -11.84 3.50
N LEU A 20 -3.50 -10.98 4.41
CA LEU A 20 -3.32 -9.58 4.12
C LEU A 20 -1.86 -9.26 3.86
N ILE A 21 -1.66 -8.22 3.09
CA ILE A 21 -0.34 -7.66 2.89
C ILE A 21 -0.38 -6.19 3.27
N CYS A 22 0.33 -5.82 4.32
CA CYS A 22 0.32 -4.46 4.79
C CYS A 22 1.43 -3.68 4.12
N CYS A 23 1.13 -2.46 3.72
CA CYS A 23 2.12 -1.62 3.07
C CYS A 23 3.28 -1.32 4.01
N ASP A 24 4.50 -1.34 3.46
CA ASP A 24 5.71 -1.13 4.24
C ASP A 24 5.90 0.33 4.60
N GLY A 25 4.94 1.15 4.24
CA GLY A 25 4.97 2.55 4.59
C GLY A 25 3.66 3.02 5.18
N CYS A 26 2.58 2.38 4.74
CA CYS A 26 1.24 2.73 5.20
C CYS A 26 0.63 1.56 5.96
N PRO A 27 0.06 1.81 7.13
CA PRO A 27 -0.48 0.74 8.00
C PRO A 27 -1.66 0.00 7.37
N ARG A 28 -2.23 0.58 6.31
CA ARG A 28 -3.38 0.00 5.64
C ARG A 28 -3.02 -1.31 4.95
N ALA A 29 -3.91 -2.30 5.08
CA ALA A 29 -3.68 -3.63 4.54
C ALA A 29 -4.67 -3.97 3.44
N PHE A 30 -4.30 -4.89 2.57
CA PHE A 30 -5.13 -5.28 1.44
C PHE A 30 -4.95 -6.76 1.12
N HIS A 31 -5.92 -7.34 0.42
CA HIS A 31 -5.79 -8.70 -0.11
C HIS A 31 -5.23 -8.66 -1.52
N LEU A 32 -4.54 -9.70 -1.92
CA LEU A 32 -3.84 -9.72 -3.22
C LEU A 32 -4.79 -9.40 -4.37
N ALA A 33 -5.86 -10.18 -4.51
CA ALA A 33 -6.79 -10.01 -5.62
C ALA A 33 -7.69 -8.79 -5.43
N CYS A 34 -7.72 -8.26 -4.22
CA CYS A 34 -8.50 -7.07 -3.93
C CYS A 34 -7.80 -5.82 -4.47
N LEU A 35 -6.49 -5.91 -4.65
CA LEU A 35 -5.73 -4.84 -5.31
C LEU A 35 -6.27 -4.59 -6.72
N SER A 36 -6.09 -3.37 -7.20
CA SER A 36 -6.41 -3.04 -8.58
C SER A 36 -5.29 -2.21 -9.19
N PRO A 37 -4.51 -2.78 -10.14
CA PRO A 37 -4.71 -4.14 -10.66
C PRO A 37 -4.41 -5.21 -9.61
N PRO A 38 -5.16 -6.33 -9.66
CA PRO A 38 -5.05 -7.42 -8.69
C PRO A 38 -3.64 -7.99 -8.62
N LEU A 39 -3.10 -8.02 -7.42
CA LEU A 39 -1.78 -8.60 -7.18
C LEU A 39 -1.90 -10.11 -7.14
N ARG A 40 -1.01 -10.79 -7.84
CA ARG A 40 -1.10 -12.24 -8.01
C ARG A 40 -0.45 -12.98 -6.85
N GLU A 41 0.72 -12.53 -6.43
CA GLU A 41 1.46 -13.19 -5.37
C GLU A 41 2.09 -12.15 -4.45
N ILE A 42 2.50 -12.60 -3.26
CA ILE A 42 3.13 -11.72 -2.30
C ILE A 42 4.57 -11.44 -2.67
N PRO A 43 4.90 -10.17 -2.97
CA PRO A 43 6.27 -9.77 -3.34
C PRO A 43 7.20 -9.83 -2.15
N SER A 44 8.41 -10.32 -2.38
CA SER A 44 9.41 -10.43 -1.33
C SER A 44 10.24 -9.15 -1.24
N GLY A 45 9.58 -8.07 -0.88
CA GLY A 45 10.23 -6.78 -0.78
C GLY A 45 9.32 -5.74 -0.20
N THR A 46 9.79 -4.50 -0.14
CA THR A 46 9.00 -3.40 0.40
C THR A 46 7.89 -2.99 -0.57
N TRP A 47 6.66 -3.14 -0.14
CA TRP A 47 5.50 -2.89 -0.97
C TRP A 47 4.88 -1.54 -0.63
N ARG A 48 4.36 -0.86 -1.65
CA ARG A 48 3.70 0.42 -1.45
C ARG A 48 2.28 0.36 -2.01
N CYS A 49 1.32 0.77 -1.20
CA CYS A 49 -0.07 0.73 -1.61
C CYS A 49 -0.44 2.00 -2.38
N SER A 50 -1.72 2.15 -2.71
CA SER A 50 -2.18 3.29 -3.49
C SER A 50 -1.89 4.59 -2.76
N SER A 51 -2.04 4.57 -1.44
CA SER A 51 -1.78 5.74 -0.60
C SER A 51 -0.36 6.29 -0.80
N CYS A 52 0.61 5.39 -0.97
CA CYS A 52 1.98 5.79 -1.26
C CYS A 52 2.09 6.44 -2.65
N LEU A 53 1.30 5.95 -3.58
CA LEU A 53 1.34 6.45 -4.95
C LEU A 53 0.58 7.78 -5.08
N GLN A 54 -0.52 7.90 -4.37
CA GLN A 54 -1.33 9.12 -4.43
C GLN A 54 -0.68 10.25 -3.63
N ALA A 55 0.42 9.92 -2.96
CA ALA A 55 1.20 10.94 -2.26
C ALA A 55 1.92 11.81 -3.27
N THR A 56 2.18 11.24 -4.44
CA THR A 56 2.75 11.99 -5.55
C THR A 56 1.63 12.51 -6.44
N VAL A 57 1.63 13.80 -6.66
CA VAL A 57 0.60 14.44 -7.46
C VAL A 57 1.08 14.60 -8.90
N GLN A 58 0.34 14.05 -9.83
CA GLN A 58 0.64 14.24 -11.23
C GLN A 58 -0.04 15.52 -11.72
N GLU A 59 0.74 16.39 -12.35
CA GLU A 59 0.22 17.67 -12.79
C GLU A 59 -0.54 17.52 -14.10
N VAL A 60 -1.85 17.69 -14.02
CA VAL A 60 -2.71 17.57 -15.19
C VAL A 60 -2.58 18.78 -16.08
N GLN A 61 -1.72 18.67 -17.08
CA GLN A 61 -1.47 19.78 -17.99
C GLN A 61 -2.33 19.62 -19.25
N PRO A 62 -2.95 20.71 -19.73
CA PRO A 62 -3.87 20.68 -20.87
C PRO A 62 -3.22 20.29 -22.19
N ARG A 63 -1.98 19.86 -22.14
CA ARG A 63 -1.31 19.30 -23.30
C ARG A 63 -1.66 17.84 -23.43
N ALA A 64 -1.52 17.11 -22.34
CA ALA A 64 -1.82 15.68 -22.32
C ALA A 64 -3.29 15.45 -22.02
N GLU A 65 -3.96 16.51 -21.52
CA GLU A 65 -5.40 16.49 -21.22
C GLU A 65 -5.68 15.68 -19.95
N GLU A 66 -5.12 14.49 -19.87
CA GLU A 66 -5.31 13.62 -18.70
C GLU A 66 -4.20 13.85 -17.68
ZN ZN B . -9.70 -7.44 0.45
ZN ZN C . 1.21 2.70 1.59
N GLY A 1 -0.87 10.84 17.62
CA GLY A 1 -2.15 10.38 17.01
C GLY A 1 -1.93 9.62 15.73
N ALA A 2 -1.06 8.61 15.79
CA ALA A 2 -0.75 7.79 14.64
C ALA A 2 -0.49 6.36 15.08
N MET A 3 -0.66 5.41 14.17
CA MET A 3 -0.50 3.99 14.49
C MET A 3 0.98 3.61 14.53
N ALA A 4 1.84 4.58 14.23
CA ALA A 4 3.30 4.46 14.42
C ALA A 4 3.86 3.15 13.88
N GLN A 5 3.77 2.98 12.57
CA GLN A 5 4.33 1.82 11.86
C GLN A 5 3.52 0.54 12.08
N LYS A 6 2.65 0.51 13.09
CA LYS A 6 1.77 -0.63 13.28
C LYS A 6 0.68 -0.62 12.21
N ASN A 7 0.71 -1.62 11.34
CA ASN A 7 -0.24 -1.70 10.25
C ASN A 7 -1.50 -2.43 10.69
N GLU A 8 -2.63 -1.96 10.17
CA GLU A 8 -3.94 -2.51 10.53
C GLU A 8 -4.07 -3.93 10.00
N ASP A 9 -4.68 -4.79 10.82
CA ASP A 9 -4.85 -6.19 10.47
C ASP A 9 -6.17 -6.40 9.72
N GLU A 10 -6.61 -5.37 9.02
CA GLU A 10 -7.89 -5.39 8.32
C GLU A 10 -7.71 -4.82 6.92
N CYS A 11 -8.25 -5.52 5.94
CA CYS A 11 -8.26 -5.02 4.57
C CYS A 11 -9.18 -3.81 4.48
N ALA A 12 -8.90 -2.91 3.54
CA ALA A 12 -9.63 -1.65 3.46
C ALA A 12 -10.74 -1.75 2.43
N VAL A 13 -10.78 -2.87 1.73
CA VAL A 13 -11.73 -3.07 0.65
C VAL A 13 -12.99 -3.76 1.15
N CYS A 14 -12.86 -4.94 1.74
CA CYS A 14 -14.01 -5.75 2.09
C CYS A 14 -14.14 -5.96 3.60
N ARG A 15 -13.37 -5.17 4.38
CA ARG A 15 -13.39 -5.25 5.85
C ARG A 15 -13.09 -6.70 6.30
N ASP A 16 -12.16 -7.35 5.63
CA ASP A 16 -11.86 -8.75 5.92
C ASP A 16 -10.37 -8.90 6.19
N GLY A 17 -9.98 -9.99 6.86
CA GLY A 17 -8.60 -10.22 7.17
C GLY A 17 -8.13 -11.56 6.68
N GLY A 18 -7.27 -12.23 7.45
CA GLY A 18 -6.78 -13.52 7.05
C GLY A 18 -5.46 -13.44 6.32
N GLU A 19 -5.50 -13.68 5.02
CA GLU A 19 -4.29 -13.63 4.19
C GLU A 19 -4.13 -12.22 3.65
N LEU A 20 -3.28 -11.44 4.32
CA LEU A 20 -3.19 -10.02 4.04
C LEU A 20 -1.78 -9.61 3.62
N ILE A 21 -1.73 -8.56 2.83
CA ILE A 21 -0.48 -7.90 2.51
C ILE A 21 -0.58 -6.43 2.92
N CYS A 22 0.20 -6.05 3.91
CA CYS A 22 0.14 -4.68 4.44
C CYS A 22 1.28 -3.85 3.89
N CYS A 23 0.95 -2.62 3.51
CA CYS A 23 1.92 -1.69 2.94
C CYS A 23 3.00 -1.29 3.95
N ASP A 24 4.16 -0.95 3.41
CA ASP A 24 5.28 -0.50 4.24
C ASP A 24 5.03 0.91 4.79
N GLY A 25 5.02 1.90 3.91
CA GLY A 25 4.83 3.27 4.32
C GLY A 25 3.45 3.56 4.90
N CYS A 26 2.45 2.82 4.46
CA CYS A 26 1.08 3.04 4.90
C CYS A 26 0.57 1.84 5.67
N PRO A 27 -0.19 2.08 6.77
CA PRO A 27 -0.80 1.01 7.58
C PRO A 27 -1.92 0.28 6.83
N ARG A 28 -2.13 0.68 5.59
CA ARG A 28 -3.12 0.06 4.71
C ARG A 28 -2.82 -1.43 4.49
N ALA A 29 -3.80 -2.26 4.77
CA ALA A 29 -3.72 -3.67 4.49
C ALA A 29 -4.74 -4.05 3.42
N PHE A 30 -4.36 -4.99 2.56
CA PHE A 30 -5.21 -5.37 1.45
C PHE A 30 -5.13 -6.86 1.18
N HIS A 31 -6.10 -7.36 0.44
CA HIS A 31 -6.03 -8.71 -0.10
C HIS A 31 -5.50 -8.61 -1.53
N LEU A 32 -4.83 -9.66 -1.99
CA LEU A 32 -4.14 -9.61 -3.27
C LEU A 32 -5.07 -9.23 -4.41
N ALA A 33 -6.17 -9.97 -4.59
CA ALA A 33 -7.09 -9.73 -5.70
C ALA A 33 -8.04 -8.56 -5.41
N CYS A 34 -8.10 -8.14 -4.16
CA CYS A 34 -8.91 -7.00 -3.79
C CYS A 34 -8.19 -5.70 -4.16
N LEU A 35 -6.89 -5.78 -4.29
CA LEU A 35 -6.08 -4.64 -4.69
C LEU A 35 -6.40 -4.24 -6.14
N SER A 36 -6.13 -2.99 -6.47
CA SER A 36 -6.21 -2.53 -7.85
C SER A 36 -4.96 -1.69 -8.18
N PRO A 37 -4.11 -2.16 -9.10
CA PRO A 37 -4.27 -3.45 -9.77
C PRO A 37 -4.01 -4.64 -8.85
N PRO A 38 -4.82 -5.71 -9.00
CA PRO A 38 -4.71 -6.90 -8.15
C PRO A 38 -3.36 -7.61 -8.29
N LEU A 39 -2.83 -8.10 -7.19
CA LEU A 39 -1.58 -8.81 -7.20
C LEU A 39 -1.82 -10.30 -7.38
N ARG A 40 -0.96 -10.94 -8.17
CA ARG A 40 -1.05 -12.36 -8.42
C ARG A 40 -0.40 -13.12 -7.27
N GLU A 41 0.71 -12.58 -6.80
CA GLU A 41 1.43 -13.17 -5.68
C GLU A 41 1.95 -12.08 -4.75
N ILE A 42 2.43 -12.50 -3.59
CA ILE A 42 2.93 -11.58 -2.58
C ILE A 42 4.39 -11.21 -2.82
N PRO A 43 4.66 -9.94 -3.16
CA PRO A 43 6.01 -9.45 -3.40
C PRO A 43 6.88 -9.41 -2.14
N SER A 44 8.12 -9.82 -2.29
CA SER A 44 9.08 -9.81 -1.20
C SER A 44 9.87 -8.50 -1.18
N GLY A 45 9.75 -7.77 -0.08
CA GLY A 45 10.47 -6.52 0.04
C GLY A 45 9.58 -5.42 0.58
N THR A 46 9.87 -4.18 0.20
CA THR A 46 9.12 -3.04 0.67
C THR A 46 8.01 -2.70 -0.32
N TRP A 47 6.80 -3.13 0.02
CA TRP A 47 5.66 -2.94 -0.85
C TRP A 47 4.99 -1.61 -0.56
N ARG A 48 4.58 -0.91 -1.62
CA ARG A 48 3.94 0.39 -1.50
C ARG A 48 2.59 0.36 -2.22
N CYS A 49 1.53 0.63 -1.48
CA CYS A 49 0.19 0.61 -2.05
C CYS A 49 -0.11 1.89 -2.82
N SER A 50 -1.35 2.03 -3.30
CA SER A 50 -1.73 3.18 -4.10
C SER A 50 -1.56 4.48 -3.29
N SER A 51 -1.84 4.40 -2.00
CA SER A 51 -1.66 5.52 -1.10
C SER A 51 -0.22 6.05 -1.18
N CYS A 52 0.75 5.16 -1.16
CA CYS A 52 2.16 5.53 -1.27
C CYS A 52 2.48 6.07 -2.67
N LEU A 53 1.83 5.49 -3.68
CA LEU A 53 2.06 5.92 -5.07
C LEU A 53 1.66 7.38 -5.25
N GLN A 54 0.59 7.79 -4.56
CA GLN A 54 0.13 9.17 -4.58
C GLN A 54 0.91 10.01 -3.57
N ALA A 55 1.63 9.35 -2.67
CA ALA A 55 2.39 10.04 -1.64
C ALA A 55 3.73 10.49 -2.20
N THR A 56 4.26 9.70 -3.11
CA THR A 56 5.47 10.06 -3.82
C THR A 56 5.15 11.12 -4.87
N VAL A 57 5.79 12.28 -4.74
CA VAL A 57 5.56 13.38 -5.67
C VAL A 57 6.32 13.14 -6.97
N GLN A 58 5.71 13.46 -8.10
CA GLN A 58 6.33 13.26 -9.40
C GLN A 58 7.33 14.38 -9.69
N GLU A 59 7.40 15.35 -8.80
CA GLU A 59 8.40 16.39 -8.89
C GLU A 59 9.40 16.25 -7.74
N VAL A 60 10.67 16.49 -8.04
CA VAL A 60 11.70 16.42 -7.02
C VAL A 60 12.03 17.82 -6.50
N GLN A 61 11.89 17.99 -5.21
CA GLN A 61 12.18 19.27 -4.56
C GLN A 61 13.68 19.38 -4.31
N PRO A 62 14.23 20.60 -4.40
CA PRO A 62 15.67 20.85 -4.21
C PRO A 62 16.13 20.63 -2.77
N ARG A 63 15.22 20.16 -1.94
CA ARG A 63 15.52 19.85 -0.56
C ARG A 63 15.44 18.34 -0.34
N ALA A 64 16.11 17.60 -1.21
CA ALA A 64 16.09 16.14 -1.14
C ALA A 64 17.21 15.63 -0.24
N GLU A 65 17.98 16.57 0.31
CA GLU A 65 19.08 16.25 1.23
C GLU A 65 20.10 15.35 0.56
N GLU A 66 20.39 15.62 -0.71
CA GLU A 66 21.29 14.78 -1.49
C GLU A 66 21.95 15.60 -2.60
ZN ZN B . -10.14 -7.27 0.48
ZN ZN C . 0.93 2.85 1.36
N GLY A 1 11.83 -3.77 9.39
CA GLY A 1 11.54 -2.93 8.22
C GLY A 1 10.30 -2.07 8.42
N ALA A 2 9.13 -2.70 8.44
CA ALA A 2 7.88 -1.95 8.57
C ALA A 2 6.79 -2.77 9.23
N MET A 3 6.52 -2.45 10.49
CA MET A 3 5.33 -2.95 11.19
C MET A 3 4.50 -1.77 11.67
N ALA A 4 5.20 -0.67 11.95
CA ALA A 4 4.58 0.62 12.27
C ALA A 4 3.84 0.61 13.61
N GLN A 5 3.99 -0.47 14.37
CA GLN A 5 3.35 -0.64 15.68
C GLN A 5 1.85 -0.84 15.54
N LYS A 6 1.19 0.06 14.81
CA LYS A 6 -0.24 -0.03 14.57
C LYS A 6 -0.50 -0.37 13.12
N ASN A 7 -0.77 -1.63 12.85
CA ASN A 7 -1.10 -2.09 11.51
C ASN A 7 -2.59 -2.43 11.49
N GLU A 8 -3.26 -2.15 10.39
CA GLU A 8 -4.68 -2.45 10.31
C GLU A 8 -4.89 -3.91 9.98
N ASP A 9 -5.71 -4.58 10.79
CA ASP A 9 -6.00 -6.00 10.61
C ASP A 9 -7.15 -6.22 9.63
N GLU A 10 -7.27 -5.35 8.65
CA GLU A 10 -8.33 -5.47 7.68
C GLU A 10 -7.90 -4.89 6.33
N CYS A 11 -8.32 -5.56 5.28
CA CYS A 11 -8.09 -5.08 3.92
C CYS A 11 -8.98 -3.89 3.63
N ALA A 12 -8.36 -2.73 3.40
CA ALA A 12 -9.08 -1.49 3.06
C ALA A 12 -9.82 -1.57 1.71
N VAL A 13 -10.39 -2.72 1.45
CA VAL A 13 -11.22 -2.96 0.27
C VAL A 13 -12.48 -3.72 0.67
N CYS A 14 -12.30 -4.80 1.41
CA CYS A 14 -13.42 -5.66 1.80
C CYS A 14 -13.66 -5.66 3.31
N ARG A 15 -12.80 -4.96 4.06
CA ARG A 15 -12.92 -4.89 5.54
C ARG A 15 -12.63 -6.27 6.19
N ASP A 16 -12.23 -7.22 5.38
CA ASP A 16 -11.92 -8.57 5.87
C ASP A 16 -10.44 -8.71 6.19
N GLY A 17 -10.12 -9.71 7.00
CA GLY A 17 -8.73 -10.00 7.34
C GLY A 17 -8.33 -11.36 6.86
N GLY A 18 -7.32 -11.94 7.50
CA GLY A 18 -6.83 -13.24 7.07
C GLY A 18 -5.45 -13.17 6.46
N GLU A 19 -5.36 -13.54 5.18
CA GLU A 19 -4.10 -13.53 4.46
C GLU A 19 -3.81 -12.12 3.93
N LEU A 20 -3.43 -11.23 4.84
CA LEU A 20 -3.23 -9.83 4.50
C LEU A 20 -1.78 -9.52 4.22
N ILE A 21 -1.57 -8.54 3.36
CA ILE A 21 -0.25 -8.00 3.10
C ILE A 21 -0.25 -6.52 3.50
N CYS A 22 0.66 -6.15 4.39
CA CYS A 22 0.72 -4.78 4.87
C CYS A 22 1.62 -3.94 3.99
N CYS A 23 1.39 -2.65 3.99
CA CYS A 23 2.18 -1.73 3.19
C CYS A 23 3.35 -1.22 4.01
N ASP A 24 4.51 -1.11 3.38
CA ASP A 24 5.73 -0.72 4.09
C ASP A 24 5.79 0.79 4.30
N GLY A 25 4.84 1.50 3.71
CA GLY A 25 4.75 2.93 3.91
C GLY A 25 3.50 3.33 4.66
N CYS A 26 2.42 2.62 4.40
CA CYS A 26 1.14 2.90 5.04
C CYS A 26 0.70 1.70 5.88
N PRO A 27 0.15 1.93 7.08
CA PRO A 27 -0.28 0.86 7.98
C PRO A 27 -1.55 0.13 7.51
N ARG A 28 -1.95 0.40 6.27
CA ARG A 28 -3.09 -0.27 5.67
C ARG A 28 -2.71 -1.68 5.20
N ALA A 29 -3.62 -2.62 5.41
CA ALA A 29 -3.46 -3.98 4.93
C ALA A 29 -4.38 -4.23 3.75
N PHE A 30 -3.98 -5.14 2.87
CA PHE A 30 -4.75 -5.42 1.68
C PHE A 30 -4.70 -6.90 1.34
N HIS A 31 -5.63 -7.34 0.50
CA HIS A 31 -5.63 -8.68 -0.05
C HIS A 31 -5.17 -8.64 -1.49
N LEU A 32 -4.52 -9.71 -1.93
CA LEU A 32 -3.89 -9.76 -3.25
C LEU A 32 -4.87 -9.36 -4.36
N ALA A 33 -5.97 -10.10 -4.49
CA ALA A 33 -6.91 -9.89 -5.58
C ALA A 33 -7.81 -8.69 -5.31
N CYS A 34 -7.89 -8.26 -4.06
CA CYS A 34 -8.73 -7.12 -3.70
C CYS A 34 -8.11 -5.82 -4.18
N LEU A 35 -6.81 -5.84 -4.41
CA LEU A 35 -6.10 -4.69 -4.98
C LEU A 35 -6.57 -4.39 -6.40
N SER A 36 -6.37 -3.16 -6.84
CA SER A 36 -6.63 -2.78 -8.22
C SER A 36 -5.47 -1.97 -8.78
N PRO A 37 -4.74 -2.51 -9.79
CA PRO A 37 -5.03 -3.82 -10.38
C PRO A 37 -4.73 -4.98 -9.42
N PRO A 38 -5.51 -6.07 -9.53
CA PRO A 38 -5.38 -7.24 -8.64
C PRO A 38 -4.01 -7.90 -8.72
N LEU A 39 -3.45 -8.18 -7.55
CA LEU A 39 -2.15 -8.83 -7.45
C LEU A 39 -2.35 -10.34 -7.31
N ARG A 40 -1.46 -11.11 -7.92
CA ARG A 40 -1.61 -12.56 -7.92
C ARG A 40 -0.65 -13.23 -6.96
N GLU A 41 0.56 -12.70 -6.83
CA GLU A 41 1.60 -13.33 -6.02
C GLU A 41 2.16 -12.33 -5.02
N ILE A 42 2.58 -12.84 -3.88
CA ILE A 42 3.12 -12.02 -2.80
C ILE A 42 4.55 -11.60 -3.10
N PRO A 43 4.79 -10.29 -3.21
CA PRO A 43 6.12 -9.74 -3.51
C PRO A 43 6.97 -9.57 -2.26
N SER A 44 8.28 -9.62 -2.45
CA SER A 44 9.22 -9.42 -1.37
C SER A 44 9.90 -8.06 -1.52
N GLY A 45 10.16 -7.40 -0.40
CA GLY A 45 10.78 -6.09 -0.43
C GLY A 45 9.93 -5.06 0.27
N THR A 46 9.94 -3.84 -0.23
CA THR A 46 9.10 -2.79 0.33
C THR A 46 7.91 -2.52 -0.56
N TRP A 47 6.75 -3.01 -0.15
CA TRP A 47 5.54 -2.86 -0.94
C TRP A 47 4.84 -1.56 -0.58
N ARG A 48 4.43 -0.82 -1.59
CA ARG A 48 3.80 0.48 -1.40
C ARG A 48 2.43 0.49 -2.07
N CYS A 49 1.41 0.87 -1.33
CA CYS A 49 0.05 0.89 -1.85
C CYS A 49 -0.25 2.20 -2.59
N SER A 50 -1.49 2.39 -2.97
CA SER A 50 -1.89 3.55 -3.76
C SER A 50 -1.61 4.86 -3.03
N SER A 51 -1.86 4.86 -1.71
CA SER A 51 -1.58 6.02 -0.87
C SER A 51 -0.13 6.48 -1.04
N CYS A 52 0.80 5.53 -1.02
CA CYS A 52 2.21 5.84 -1.22
C CYS A 52 2.48 6.32 -2.64
N LEU A 53 1.79 5.71 -3.61
CA LEU A 53 2.00 6.05 -5.01
C LEU A 53 1.53 7.46 -5.32
N GLN A 54 0.46 7.88 -4.67
CA GLN A 54 -0.07 9.23 -4.87
C GLN A 54 0.52 10.22 -3.86
N ALA A 55 1.34 9.71 -2.94
CA ALA A 55 2.00 10.56 -1.97
C ALA A 55 3.09 11.36 -2.65
N THR A 56 3.90 10.67 -3.41
CA THR A 56 4.87 11.31 -4.27
C THR A 56 4.26 11.50 -5.65
N VAL A 57 3.97 12.74 -6.00
CA VAL A 57 3.29 13.01 -7.26
C VAL A 57 4.22 12.75 -8.43
N GLN A 58 3.86 11.75 -9.21
CA GLN A 58 4.68 11.33 -10.34
C GLN A 58 3.86 11.32 -11.62
N GLU A 59 2.57 11.05 -11.49
CA GLU A 59 1.68 11.15 -12.64
C GLU A 59 1.13 12.57 -12.73
N VAL A 60 1.93 13.47 -13.27
CA VAL A 60 1.54 14.85 -13.41
C VAL A 60 0.34 14.98 -14.35
N GLN A 61 -0.82 15.26 -13.75
CA GLN A 61 -2.05 15.35 -14.51
C GLN A 61 -2.07 16.61 -15.37
N PRO A 62 -2.63 16.52 -16.58
CA PRO A 62 -2.73 17.63 -17.51
C PRO A 62 -3.83 18.62 -17.11
N ARG A 63 -3.82 19.02 -15.85
CA ARG A 63 -4.79 19.97 -15.35
C ARG A 63 -4.12 20.98 -14.44
N ALA A 64 -4.74 22.13 -14.31
CA ALA A 64 -4.28 23.15 -13.38
C ALA A 64 -5.33 23.38 -12.30
N GLU A 65 -5.73 22.30 -11.65
CA GLU A 65 -6.76 22.36 -10.61
C GLU A 65 -6.25 23.13 -9.41
N GLU A 66 -6.83 24.31 -9.19
CA GLU A 66 -6.42 25.17 -8.08
C GLU A 66 -7.41 25.09 -6.94
ZN ZN B . -9.42 -7.74 0.69
ZN ZN C . 1.03 2.68 1.72
N GLY A 1 13.32 -4.20 10.51
CA GLY A 1 11.87 -3.95 10.38
C GLY A 1 11.04 -4.89 11.23
N ALA A 2 9.86 -4.44 11.62
CA ALA A 2 8.93 -5.26 12.36
C ALA A 2 7.58 -5.26 11.65
N MET A 3 7.02 -6.44 11.43
CA MET A 3 5.80 -6.55 10.64
C MET A 3 4.55 -6.48 11.50
N ALA A 4 4.72 -6.31 12.80
CA ALA A 4 3.58 -6.27 13.70
C ALA A 4 3.75 -5.22 14.79
N GLN A 5 3.99 -3.99 14.39
CA GLN A 5 4.05 -2.88 15.35
C GLN A 5 2.66 -2.27 15.48
N LYS A 6 2.35 -1.32 14.62
CA LYS A 6 0.99 -0.84 14.51
C LYS A 6 0.53 -1.06 13.09
N ASN A 7 0.27 -2.32 12.76
CA ASN A 7 -0.13 -2.69 11.42
C ASN A 7 -1.52 -3.28 11.51
N GLU A 8 -2.46 -2.71 10.78
CA GLU A 8 -3.86 -3.07 10.92
C GLU A 8 -4.09 -4.49 10.44
N ASP A 9 -4.76 -5.28 11.26
CA ASP A 9 -5.00 -6.69 10.95
C ASP A 9 -6.28 -6.85 10.15
N GLU A 10 -6.59 -5.85 9.34
CA GLU A 10 -7.80 -5.86 8.55
C GLU A 10 -7.58 -5.13 7.23
N CYS A 11 -8.21 -5.64 6.18
CA CYS A 11 -8.18 -4.99 4.88
C CYS A 11 -9.08 -3.75 4.90
N ALA A 12 -8.76 -2.79 4.05
CA ALA A 12 -9.46 -1.51 4.07
C ALA A 12 -10.47 -1.47 2.91
N VAL A 13 -10.44 -2.54 2.11
CA VAL A 13 -11.32 -2.65 0.96
C VAL A 13 -12.57 -3.45 1.29
N CYS A 14 -12.36 -4.67 1.80
CA CYS A 14 -13.48 -5.60 2.00
C CYS A 14 -13.71 -5.91 3.48
N ARG A 15 -13.03 -5.18 4.37
CA ARG A 15 -13.18 -5.35 5.83
C ARG A 15 -12.61 -6.69 6.32
N ASP A 16 -12.17 -7.54 5.42
CA ASP A 16 -11.74 -8.90 5.77
C ASP A 16 -10.27 -8.94 6.12
N GLY A 17 -9.84 -10.07 6.65
CA GLY A 17 -8.43 -10.28 6.95
C GLY A 17 -7.93 -11.58 6.38
N GLY A 18 -7.02 -12.23 7.09
CA GLY A 18 -6.50 -13.49 6.62
C GLY A 18 -5.22 -13.32 5.84
N GLU A 19 -5.30 -13.48 4.51
CA GLU A 19 -4.13 -13.36 3.66
C GLU A 19 -3.87 -11.89 3.35
N LEU A 20 -3.38 -11.16 4.33
CA LEU A 20 -3.19 -9.74 4.19
C LEU A 20 -1.73 -9.37 3.92
N ILE A 21 -1.56 -8.33 3.13
CA ILE A 21 -0.26 -7.74 2.92
C ILE A 21 -0.34 -6.26 3.31
N CYS A 22 0.47 -5.87 4.28
CA CYS A 22 0.43 -4.51 4.78
C CYS A 22 1.36 -3.62 3.97
N CYS A 23 1.05 -2.34 3.93
CA CYS A 23 1.83 -1.41 3.14
C CYS A 23 2.91 -0.77 4.01
N ASP A 24 4.07 -0.51 3.42
CA ASP A 24 5.19 0.06 4.16
C ASP A 24 4.96 1.54 4.39
N GLY A 25 4.10 2.14 3.58
CA GLY A 25 3.76 3.54 3.76
C GLY A 25 2.52 3.72 4.62
N CYS A 26 1.55 2.84 4.42
CA CYS A 26 0.30 2.91 5.16
C CYS A 26 0.12 1.65 5.99
N PRO A 27 -0.09 1.77 7.31
CA PRO A 27 -0.27 0.61 8.21
C PRO A 27 -1.48 -0.26 7.85
N ARG A 28 -2.30 0.26 6.93
CA ARG A 28 -3.45 -0.46 6.42
C ARG A 28 -3.05 -1.76 5.74
N ALA A 29 -3.93 -2.75 5.78
CA ALA A 29 -3.68 -4.02 5.15
C ALA A 29 -4.58 -4.21 3.93
N PHE A 30 -4.14 -5.03 2.99
CA PHE A 30 -4.88 -5.25 1.76
C PHE A 30 -4.78 -6.71 1.32
N HIS A 31 -5.72 -7.13 0.48
CA HIS A 31 -5.67 -8.46 -0.13
C HIS A 31 -5.18 -8.35 -1.57
N LEU A 32 -4.53 -9.38 -2.06
CA LEU A 32 -3.91 -9.33 -3.38
C LEU A 32 -4.89 -8.90 -4.46
N ALA A 33 -5.98 -9.65 -4.62
CA ALA A 33 -6.96 -9.36 -5.68
C ALA A 33 -7.81 -8.15 -5.36
N CYS A 34 -7.71 -7.64 -4.14
CA CYS A 34 -8.46 -6.46 -3.75
C CYS A 34 -7.75 -5.19 -4.19
N LEU A 35 -6.44 -5.29 -4.43
CA LEU A 35 -5.69 -4.18 -5.00
C LEU A 35 -6.19 -3.85 -6.40
N SER A 36 -5.93 -2.62 -6.82
CA SER A 36 -6.23 -2.20 -8.18
C SER A 36 -5.05 -1.40 -8.74
N PRO A 37 -4.32 -1.95 -9.73
CA PRO A 37 -4.59 -3.28 -10.32
C PRO A 37 -4.32 -4.42 -9.33
N PRO A 38 -5.12 -5.50 -9.42
CA PRO A 38 -5.04 -6.64 -8.50
C PRO A 38 -3.70 -7.37 -8.58
N LEU A 39 -3.17 -7.69 -7.41
CA LEU A 39 -1.92 -8.42 -7.31
C LEU A 39 -2.16 -9.91 -7.52
N ARG A 40 -1.19 -10.57 -8.13
CA ARG A 40 -1.31 -12.00 -8.38
C ARG A 40 -0.45 -12.78 -7.41
N GLU A 41 0.71 -12.22 -7.07
CA GLU A 41 1.68 -12.91 -6.22
C GLU A 41 2.20 -11.93 -5.17
N ILE A 42 2.51 -12.45 -3.99
CA ILE A 42 2.93 -11.62 -2.86
C ILE A 42 4.41 -11.22 -2.99
N PRO A 43 4.68 -9.91 -3.11
CA PRO A 43 6.04 -9.37 -3.19
C PRO A 43 6.75 -9.44 -1.84
N SER A 44 7.95 -9.98 -1.84
CA SER A 44 8.74 -10.13 -0.62
C SER A 44 9.59 -8.87 -0.37
N GLY A 45 9.06 -7.93 0.39
CA GLY A 45 9.80 -6.73 0.72
C GLY A 45 8.89 -5.57 1.06
N THR A 46 9.44 -4.36 1.00
CA THR A 46 8.67 -3.16 1.28
C THR A 46 7.74 -2.83 0.11
N TRP A 47 6.45 -3.03 0.35
CA TRP A 47 5.45 -2.84 -0.68
C TRP A 47 4.74 -1.49 -0.50
N ARG A 48 4.36 -0.87 -1.60
CA ARG A 48 3.69 0.42 -1.57
C ARG A 48 2.36 0.32 -2.29
N CYS A 49 1.28 0.67 -1.63
CA CYS A 49 -0.03 0.63 -2.24
C CYS A 49 -0.20 1.76 -3.25
N SER A 50 -1.31 1.75 -3.99
CA SER A 50 -1.54 2.74 -5.04
C SER A 50 -1.52 4.15 -4.48
N SER A 51 -2.13 4.31 -3.31
CA SER A 51 -2.15 5.59 -2.60
C SER A 51 -0.73 6.14 -2.42
N CYS A 52 0.21 5.26 -2.06
CA CYS A 52 1.60 5.65 -1.88
C CYS A 52 2.30 5.89 -3.22
N LEU A 53 1.97 5.07 -4.21
CA LEU A 53 2.59 5.16 -5.54
C LEU A 53 2.32 6.52 -6.18
N GLN A 54 1.11 7.01 -6.03
CA GLN A 54 0.73 8.30 -6.63
C GLN A 54 1.15 9.46 -5.75
N ALA A 55 1.74 9.16 -4.60
CA ALA A 55 2.18 10.20 -3.67
C ALA A 55 3.69 10.37 -3.76
N THR A 56 4.37 9.37 -4.31
CA THR A 56 5.81 9.42 -4.47
C THR A 56 6.19 9.49 -5.95
N VAL A 57 7.19 10.30 -6.27
CA VAL A 57 7.65 10.41 -7.64
C VAL A 57 8.60 9.27 -7.95
N GLN A 58 8.19 8.41 -8.86
CA GLN A 58 8.97 7.27 -9.29
C GLN A 58 9.05 7.23 -10.80
N GLU A 59 8.07 7.86 -11.45
CA GLU A 59 8.00 7.87 -12.89
C GLU A 59 8.85 9.00 -13.47
N VAL A 60 9.60 8.69 -14.51
CA VAL A 60 10.48 9.67 -15.12
C VAL A 60 9.96 10.07 -16.50
N GLN A 61 10.05 11.36 -16.81
CA GLN A 61 9.60 11.86 -18.09
C GLN A 61 10.79 12.05 -19.03
N PRO A 62 10.59 11.86 -20.33
CA PRO A 62 11.63 12.07 -21.34
C PRO A 62 11.95 13.56 -21.50
N ARG A 63 12.69 14.11 -20.54
CA ARG A 63 13.07 15.51 -20.59
C ARG A 63 14.57 15.65 -20.84
N ALA A 64 15.34 14.66 -20.37
CA ALA A 64 16.79 14.70 -20.50
C ALA A 64 17.22 14.21 -21.87
N GLU A 65 16.75 14.88 -22.91
CA GLU A 65 17.03 14.48 -24.27
C GLU A 65 18.39 15.01 -24.74
N GLU A 66 19.44 14.57 -24.07
CA GLU A 66 20.81 14.98 -24.40
C GLU A 66 21.79 13.90 -24.00
ZN ZN B . -9.44 -7.01 0.59
ZN ZN C . 0.24 2.76 1.89
N GLY A 1 9.12 -9.86 10.23
CA GLY A 1 8.27 -10.31 9.10
C GLY A 1 7.73 -9.13 8.29
N ALA A 2 6.51 -9.27 7.79
CA ALA A 2 5.91 -8.21 6.97
C ALA A 2 5.40 -7.07 7.83
N MET A 3 4.88 -7.41 9.01
CA MET A 3 4.40 -6.41 9.95
C MET A 3 5.57 -5.92 10.79
N ALA A 4 6.16 -4.82 10.38
CA ALA A 4 7.34 -4.26 11.04
C ALA A 4 7.05 -3.91 12.50
N GLN A 5 6.08 -3.03 12.69
CA GLN A 5 5.68 -2.63 14.04
C GLN A 5 4.16 -2.67 14.18
N LYS A 6 3.50 -1.80 13.44
CA LYS A 6 2.05 -1.64 13.55
C LYS A 6 1.39 -1.92 12.22
N ASN A 7 0.21 -2.53 12.26
CA ASN A 7 -0.52 -2.88 11.06
C ASN A 7 -2.00 -2.98 11.36
N GLU A 8 -2.84 -2.54 10.42
CA GLU A 8 -4.27 -2.72 10.54
C GLU A 8 -4.66 -4.10 10.03
N ASP A 9 -5.44 -4.81 10.83
CA ASP A 9 -5.90 -6.14 10.44
C ASP A 9 -7.15 -6.07 9.59
N GLU A 10 -7.25 -5.03 8.78
CA GLU A 10 -8.44 -4.83 7.97
C GLU A 10 -8.05 -4.63 6.51
N CYS A 11 -8.70 -5.35 5.62
CA CYS A 11 -8.60 -5.04 4.21
C CYS A 11 -9.64 -4.01 3.88
N ALA A 12 -9.19 -2.78 3.70
CA ALA A 12 -10.06 -1.62 3.39
C ALA A 12 -11.12 -1.94 2.33
N VAL A 13 -10.81 -2.86 1.42
CA VAL A 13 -11.75 -3.20 0.35
C VAL A 13 -12.94 -4.02 0.85
N CYS A 14 -12.68 -5.21 1.38
CA CYS A 14 -13.75 -6.14 1.73
C CYS A 14 -14.02 -6.24 3.24
N ARG A 15 -13.27 -5.47 4.02
CA ARG A 15 -13.44 -5.42 5.49
C ARG A 15 -13.19 -6.80 6.12
N ASP A 16 -12.22 -7.53 5.57
CA ASP A 16 -11.87 -8.85 6.09
C ASP A 16 -10.36 -8.90 6.35
N GLY A 17 -9.89 -9.94 7.04
CA GLY A 17 -8.48 -10.06 7.36
C GLY A 17 -7.88 -11.34 6.82
N GLY A 18 -6.94 -11.91 7.55
CA GLY A 18 -6.35 -13.17 7.11
C GLY A 18 -5.07 -12.97 6.33
N GLU A 19 -5.12 -13.29 5.04
CA GLU A 19 -3.96 -13.17 4.17
C GLU A 19 -3.78 -11.73 3.71
N LEU A 20 -3.35 -10.88 4.62
CA LEU A 20 -3.20 -9.47 4.35
C LEU A 20 -1.75 -9.11 4.03
N ILE A 21 -1.60 -8.10 3.20
CA ILE A 21 -0.30 -7.53 2.88
C ILE A 21 -0.30 -6.06 3.29
N CYS A 22 0.53 -5.72 4.26
CA CYS A 22 0.57 -4.36 4.78
C CYS A 22 1.62 -3.54 4.06
N CYS A 23 1.24 -2.32 3.68
CA CYS A 23 2.15 -1.41 3.03
C CYS A 23 3.30 -0.99 3.94
N ASP A 24 4.45 -0.74 3.33
CA ASP A 24 5.67 -0.35 4.05
C ASP A 24 5.60 1.13 4.44
N GLY A 25 4.66 1.84 3.85
CA GLY A 25 4.52 3.25 4.12
C GLY A 25 3.25 3.56 4.91
N CYS A 26 2.20 2.83 4.61
CA CYS A 26 0.91 3.02 5.27
C CYS A 26 0.52 1.74 6.00
N PRO A 27 0.04 1.86 7.25
CA PRO A 27 -0.36 0.69 8.06
C PRO A 27 -1.63 0.00 7.56
N ARG A 28 -2.12 0.45 6.40
CA ARG A 28 -3.29 -0.18 5.78
C ARG A 28 -2.93 -1.52 5.17
N ALA A 29 -3.80 -2.50 5.38
CA ALA A 29 -3.60 -3.83 4.83
C ALA A 29 -4.62 -4.10 3.72
N PHE A 30 -4.24 -4.99 2.80
CA PHE A 30 -5.10 -5.30 1.66
C PHE A 30 -4.94 -6.76 1.29
N HIS A 31 -5.91 -7.29 0.56
CA HIS A 31 -5.82 -8.64 0.03
C HIS A 31 -5.29 -8.61 -1.39
N LEU A 32 -4.61 -9.68 -1.79
CA LEU A 32 -3.89 -9.72 -3.07
C LEU A 32 -4.80 -9.37 -4.24
N ALA A 33 -5.89 -10.11 -4.41
CA ALA A 33 -6.78 -9.92 -5.55
C ALA A 33 -7.73 -8.75 -5.33
N CYS A 34 -7.87 -8.35 -4.07
CA CYS A 34 -8.72 -7.22 -3.74
C CYS A 34 -8.06 -5.90 -4.14
N LEU A 35 -6.75 -5.96 -4.38
CA LEU A 35 -6.01 -4.82 -4.89
C LEU A 35 -6.38 -4.53 -6.34
N SER A 36 -6.14 -3.31 -6.77
CA SER A 36 -6.24 -2.95 -8.17
C SER A 36 -5.04 -2.08 -8.55
N PRO A 37 -4.11 -2.60 -9.38
CA PRO A 37 -4.19 -3.95 -9.92
C PRO A 37 -3.97 -5.04 -8.87
N PRO A 38 -4.67 -6.18 -9.02
CA PRO A 38 -4.58 -7.28 -8.08
C PRO A 38 -3.29 -8.09 -8.22
N LEU A 39 -2.72 -8.47 -7.09
CA LEU A 39 -1.51 -9.27 -7.10
C LEU A 39 -1.87 -10.76 -7.17
N ARG A 40 -1.20 -11.47 -8.07
CA ARG A 40 -1.44 -12.88 -8.25
C ARG A 40 -0.65 -13.70 -7.24
N GLU A 41 0.49 -13.16 -6.84
CA GLU A 41 1.33 -13.80 -5.84
C GLU A 41 1.90 -12.73 -4.91
N ILE A 42 2.26 -13.14 -3.69
CA ILE A 42 2.82 -12.23 -2.71
C ILE A 42 4.26 -11.87 -3.09
N PRO A 43 4.53 -10.58 -3.30
CA PRO A 43 5.85 -10.10 -3.70
C PRO A 43 6.83 -10.00 -2.54
N SER A 44 8.11 -10.15 -2.87
CA SER A 44 9.17 -9.98 -1.89
C SER A 44 9.77 -8.59 -2.04
N GLY A 45 9.80 -7.84 -0.95
CA GLY A 45 10.33 -6.50 -1.01
C GLY A 45 9.37 -5.48 -0.43
N THR A 46 9.76 -4.23 -0.41
CA THR A 46 8.92 -3.16 0.12
C THR A 46 7.77 -2.82 -0.84
N TRP A 47 6.55 -3.03 -0.37
CA TRP A 47 5.36 -2.77 -1.16
C TRP A 47 4.71 -1.46 -0.72
N ARG A 48 4.27 -0.67 -1.69
CA ARG A 48 3.70 0.64 -1.42
C ARG A 48 2.31 0.74 -2.06
N CYS A 49 1.35 1.24 -1.30
CA CYS A 49 -0.01 1.36 -1.80
C CYS A 49 -0.22 2.67 -2.56
N SER A 50 -1.46 2.94 -2.97
CA SER A 50 -1.75 4.06 -3.87
C SER A 50 -1.39 5.40 -3.22
N SER A 51 -1.70 5.53 -1.94
CA SER A 51 -1.40 6.77 -1.21
C SER A 51 0.10 7.08 -1.22
N CYS A 52 0.92 6.05 -1.06
CA CYS A 52 2.38 6.20 -1.14
C CYS A 52 2.83 6.61 -2.54
N LEU A 53 2.19 6.02 -3.54
CA LEU A 53 2.52 6.34 -4.93
C LEU A 53 2.06 7.75 -5.28
N GLN A 54 0.96 8.17 -4.68
CA GLN A 54 0.39 9.50 -4.92
C GLN A 54 1.20 10.56 -4.18
N ALA A 55 2.15 10.12 -3.36
CA ALA A 55 2.95 11.04 -2.55
C ALA A 55 4.09 11.63 -3.37
N THR A 56 4.15 11.26 -4.65
CA THR A 56 5.15 11.81 -5.54
C THR A 56 4.79 13.24 -5.92
N VAL A 57 5.56 14.18 -5.40
CA VAL A 57 5.23 15.59 -5.56
C VAL A 57 5.83 16.17 -6.84
N GLN A 58 4.99 16.86 -7.59
CA GLN A 58 5.43 17.60 -8.76
C GLN A 58 6.16 18.87 -8.31
N GLU A 59 7.42 19.00 -8.73
CA GLU A 59 8.26 20.06 -8.23
C GLU A 59 7.94 21.40 -8.87
N VAL A 60 7.34 22.28 -8.08
CA VAL A 60 7.09 23.64 -8.50
C VAL A 60 8.28 24.53 -8.16
N GLN A 61 8.44 25.61 -8.89
CA GLN A 61 9.58 26.51 -8.70
C GLN A 61 9.29 27.53 -7.60
N PRO A 62 10.10 27.53 -6.54
CA PRO A 62 9.94 28.42 -5.40
C PRO A 62 10.29 29.88 -5.74
N ARG A 63 9.56 30.80 -5.15
CA ARG A 63 9.80 32.23 -5.37
C ARG A 63 10.30 32.86 -4.08
N ALA A 64 11.58 32.75 -3.83
CA ALA A 64 12.18 33.21 -2.59
C ALA A 64 12.41 34.72 -2.60
N GLU A 65 11.82 35.40 -1.65
CA GLU A 65 12.01 36.84 -1.50
C GLU A 65 13.09 37.11 -0.46
N GLU A 66 14.33 36.90 -0.87
CA GLU A 66 15.47 36.99 0.04
C GLU A 66 15.84 38.45 0.28
ZN ZN B . -9.88 -7.65 0.41
ZN ZN C . 1.09 2.95 2.20
N GLY A 1 7.02 -8.78 12.09
CA GLY A 1 5.98 -8.80 13.15
C GLY A 1 6.44 -8.10 14.40
N ALA A 2 5.59 -8.09 15.42
CA ALA A 2 5.87 -7.44 16.71
C ALA A 2 5.92 -5.91 16.57
N MET A 3 5.36 -5.22 17.57
CA MET A 3 5.30 -3.77 17.58
C MET A 3 4.59 -3.24 16.34
N ALA A 4 3.31 -3.56 16.22
CA ALA A 4 2.51 -3.08 15.12
C ALA A 4 1.70 -1.86 15.55
N GLN A 5 2.40 -0.76 15.80
CA GLN A 5 1.78 0.49 16.22
C GLN A 5 0.69 0.89 15.23
N LYS A 6 1.10 1.10 13.98
CA LYS A 6 0.17 1.48 12.95
C LYS A 6 0.20 0.45 11.82
N ASN A 7 -0.36 -0.71 12.08
CA ASN A 7 -0.48 -1.77 11.08
C ASN A 7 -1.82 -2.45 11.28
N GLU A 8 -2.74 -2.21 10.38
CA GLU A 8 -4.09 -2.74 10.53
C GLU A 8 -4.21 -4.13 9.93
N ASP A 9 -4.78 -5.03 10.70
CA ASP A 9 -5.07 -6.38 10.24
C ASP A 9 -6.46 -6.42 9.59
N GLU A 10 -6.81 -5.32 8.95
CA GLU A 10 -8.12 -5.16 8.33
C GLU A 10 -7.94 -4.81 6.86
N CYS A 11 -8.63 -5.51 5.98
CA CYS A 11 -8.62 -5.15 4.57
C CYS A 11 -9.53 -3.95 4.33
N ALA A 12 -8.92 -2.81 4.09
CA ALA A 12 -9.65 -1.56 3.84
C ALA A 12 -10.50 -1.61 2.56
N VAL A 13 -10.62 -2.78 1.96
CA VAL A 13 -11.48 -2.96 0.80
C VAL A 13 -12.69 -3.81 1.15
N CYS A 14 -12.45 -5.05 1.60
CA CYS A 14 -13.52 -5.99 1.83
C CYS A 14 -13.89 -6.12 3.31
N ARG A 15 -13.21 -5.34 4.15
CA ARG A 15 -13.46 -5.34 5.59
C ARG A 15 -13.29 -6.73 6.19
N ASP A 16 -12.24 -7.42 5.73
CA ASP A 16 -12.01 -8.81 6.12
C ASP A 16 -10.52 -9.04 6.35
N GLY A 17 -10.19 -10.10 7.06
CA GLY A 17 -8.79 -10.41 7.32
C GLY A 17 -8.35 -11.63 6.55
N GLY A 18 -7.26 -12.25 6.98
CA GLY A 18 -6.78 -13.44 6.30
C GLY A 18 -5.48 -13.20 5.56
N GLU A 19 -5.50 -13.43 4.25
CA GLU A 19 -4.34 -13.22 3.41
C GLU A 19 -4.14 -11.73 3.16
N LEU A 20 -3.61 -11.03 4.16
CA LEU A 20 -3.46 -9.60 4.08
C LEU A 20 -2.01 -9.24 3.84
N ILE A 21 -1.81 -8.13 3.18
CA ILE A 21 -0.49 -7.56 2.99
C ILE A 21 -0.50 -6.12 3.49
N CYS A 22 0.29 -5.83 4.50
CA CYS A 22 0.33 -4.51 5.09
C CYS A 22 1.44 -3.69 4.45
N CYS A 23 1.08 -2.49 4.03
CA CYS A 23 2.02 -1.59 3.36
C CYS A 23 3.16 -1.18 4.28
N ASP A 24 4.32 -0.97 3.67
CA ASP A 24 5.51 -0.58 4.41
C ASP A 24 5.51 0.91 4.70
N GLY A 25 4.54 1.62 4.14
CA GLY A 25 4.47 3.06 4.35
C GLY A 25 3.20 3.48 5.08
N CYS A 26 2.09 2.80 4.80
CA CYS A 26 0.81 3.15 5.40
C CYS A 26 0.32 2.01 6.29
N PRO A 27 -0.53 2.31 7.28
CA PRO A 27 -1.07 1.30 8.20
C PRO A 27 -2.12 0.40 7.55
N ARG A 28 -2.45 0.71 6.29
CA ARG A 28 -3.50 -0.01 5.58
C ARG A 28 -3.03 -1.39 5.12
N ALA A 29 -3.96 -2.34 5.13
CA ALA A 29 -3.71 -3.68 4.63
C ALA A 29 -4.79 -4.07 3.64
N PHE A 30 -4.46 -4.96 2.73
CA PHE A 30 -5.38 -5.35 1.66
C PHE A 30 -5.20 -6.82 1.29
N HIS A 31 -6.19 -7.38 0.61
CA HIS A 31 -6.06 -8.71 0.03
C HIS A 31 -5.46 -8.60 -1.36
N LEU A 32 -4.76 -9.64 -1.78
CA LEU A 32 -4.02 -9.61 -3.04
C LEU A 32 -4.89 -9.19 -4.23
N ALA A 33 -5.97 -9.92 -4.47
CA ALA A 33 -6.82 -9.67 -5.64
C ALA A 33 -7.76 -8.49 -5.41
N CYS A 34 -7.87 -8.07 -4.17
CA CYS A 34 -8.70 -6.91 -3.83
C CYS A 34 -7.96 -5.61 -4.13
N LEU A 35 -6.65 -5.71 -4.31
CA LEU A 35 -5.84 -4.57 -4.73
C LEU A 35 -6.16 -4.15 -6.16
N SER A 36 -5.89 -2.89 -6.48
CA SER A 36 -6.00 -2.39 -7.84
C SER A 36 -4.74 -1.58 -8.18
N PRO A 37 -3.87 -2.08 -9.07
CA PRO A 37 -4.06 -3.36 -9.77
C PRO A 37 -3.92 -4.57 -8.85
N PRO A 38 -4.71 -5.63 -9.12
CA PRO A 38 -4.74 -6.83 -8.29
C PRO A 38 -3.40 -7.55 -8.25
N LEU A 39 -2.77 -7.54 -7.09
CA LEU A 39 -1.53 -8.26 -6.86
C LEU A 39 -1.82 -9.76 -6.79
N ARG A 40 -1.04 -10.56 -7.50
CA ARG A 40 -1.34 -11.99 -7.56
C ARG A 40 -0.49 -12.79 -6.57
N GLU A 41 0.73 -12.32 -6.31
CA GLU A 41 1.62 -13.01 -5.39
C GLU A 41 2.35 -12.00 -4.52
N ILE A 42 2.77 -12.42 -3.34
CA ILE A 42 3.50 -11.54 -2.44
C ILE A 42 4.92 -11.35 -2.93
N PRO A 43 5.26 -10.12 -3.37
CA PRO A 43 6.57 -9.80 -3.95
C PRO A 43 7.67 -9.83 -2.90
N SER A 44 8.85 -10.24 -3.32
CA SER A 44 9.99 -10.32 -2.43
C SER A 44 10.66 -8.94 -2.30
N GLY A 45 10.13 -8.12 -1.42
CA GLY A 45 10.67 -6.79 -1.21
C GLY A 45 9.79 -5.96 -0.30
N THR A 46 9.71 -4.67 -0.59
CA THR A 46 8.87 -3.75 0.17
C THR A 46 7.69 -3.31 -0.67
N TRP A 47 6.49 -3.34 -0.12
CA TRP A 47 5.29 -3.01 -0.88
C TRP A 47 4.71 -1.67 -0.43
N ARG A 48 4.28 -0.87 -1.40
CA ARG A 48 3.68 0.43 -1.12
C ARG A 48 2.32 0.50 -1.80
N CYS A 49 1.31 0.90 -1.05
CA CYS A 49 -0.06 0.92 -1.57
C CYS A 49 -0.27 2.03 -2.60
N SER A 50 -1.45 2.08 -3.18
CA SER A 50 -1.77 3.05 -4.23
C SER A 50 -1.61 4.48 -3.72
N SER A 51 -2.05 4.72 -2.47
CA SER A 51 -1.86 6.02 -1.83
C SER A 51 -0.40 6.44 -1.85
N CYS A 52 0.49 5.50 -1.54
CA CYS A 52 1.92 5.78 -1.53
C CYS A 52 2.46 5.96 -2.96
N LEU A 53 1.91 5.19 -3.90
CA LEU A 53 2.34 5.28 -5.29
C LEU A 53 1.89 6.60 -5.92
N GLN A 54 0.73 7.09 -5.50
CA GLN A 54 0.20 8.35 -6.01
C GLN A 54 0.85 9.53 -5.27
N ALA A 55 1.50 9.23 -4.16
CA ALA A 55 2.16 10.25 -3.35
C ALA A 55 3.57 10.52 -3.87
N THR A 56 3.71 10.52 -5.18
CA THR A 56 4.99 10.75 -5.80
C THR A 56 5.09 12.17 -6.32
N VAL A 57 6.20 12.83 -6.02
CA VAL A 57 6.39 14.21 -6.42
C VAL A 57 6.84 14.30 -7.88
N GLN A 58 5.87 14.32 -8.76
CA GLN A 58 6.13 14.43 -10.18
C GLN A 58 5.65 15.79 -10.68
N GLU A 59 4.53 16.23 -10.15
CA GLU A 59 4.00 17.56 -10.43
C GLU A 59 3.61 18.24 -9.13
N VAL A 60 3.98 19.50 -9.00
CA VAL A 60 3.62 20.29 -7.83
C VAL A 60 2.99 21.61 -8.25
N GLN A 61 1.85 21.94 -7.66
CA GLN A 61 1.12 23.14 -8.04
C GLN A 61 1.26 24.23 -6.99
N PRO A 62 1.88 25.36 -7.35
CA PRO A 62 1.93 26.54 -6.50
C PRO A 62 0.60 27.28 -6.52
N ARG A 63 0.27 27.97 -5.43
CA ARG A 63 -1.01 28.66 -5.33
C ARG A 63 -1.01 29.94 -6.16
N ALA A 64 -1.08 29.76 -7.47
CA ALA A 64 -1.14 30.86 -8.42
C ALA A 64 -1.88 30.40 -9.67
N GLU A 65 -1.61 29.17 -10.07
CA GLU A 65 -2.30 28.55 -11.19
C GLU A 65 -3.70 28.08 -10.77
N GLU A 66 -3.74 26.97 -10.04
CA GLU A 66 -5.00 26.39 -9.54
C GLU A 66 -6.04 26.28 -10.65
ZN ZN B . -10.45 -7.47 0.37
ZN ZN C . 0.77 2.66 1.85
N GLY A 1 4.61 13.22 12.02
CA GLY A 1 3.57 12.63 12.89
C GLY A 1 3.00 11.35 12.32
N ALA A 2 1.91 10.87 12.93
CA ALA A 2 1.26 9.62 12.51
C ALA A 2 2.26 8.47 12.50
N MET A 3 2.63 8.00 13.67
CA MET A 3 3.62 6.94 13.80
C MET A 3 3.02 5.58 13.46
N ALA A 4 3.31 5.10 12.25
CA ALA A 4 2.82 3.81 11.81
C ALA A 4 3.72 2.70 12.31
N GLN A 5 3.56 2.36 13.59
CA GLN A 5 4.39 1.36 14.23
C GLN A 5 3.85 -0.04 13.92
N LYS A 6 2.57 -0.23 14.19
CA LYS A 6 1.91 -1.50 13.96
C LYS A 6 1.08 -1.42 12.70
N ASN A 7 0.94 -2.54 12.01
CA ASN A 7 0.10 -2.60 10.83
C ASN A 7 -1.36 -2.79 11.25
N GLU A 8 -2.26 -2.23 10.47
CA GLU A 8 -3.68 -2.47 10.69
C GLU A 8 -4.03 -3.81 10.06
N ASP A 9 -4.69 -4.66 10.82
CA ASP A 9 -4.95 -6.03 10.38
C ASP A 9 -6.33 -6.14 9.75
N GLU A 10 -6.76 -5.05 9.10
CA GLU A 10 -8.05 -4.99 8.48
C GLU A 10 -7.89 -4.57 7.02
N CYS A 11 -8.56 -5.27 6.11
CA CYS A 11 -8.52 -4.90 4.71
C CYS A 11 -9.45 -3.74 4.43
N ALA A 12 -8.86 -2.57 4.25
CA ALA A 12 -9.61 -1.35 3.93
C ALA A 12 -10.58 -1.53 2.76
N VAL A 13 -10.32 -2.53 1.92
CA VAL A 13 -11.16 -2.75 0.75
C VAL A 13 -12.46 -3.49 1.11
N CYS A 14 -12.35 -4.72 1.58
CA CYS A 14 -13.52 -5.57 1.76
C CYS A 14 -13.79 -5.91 3.21
N ARG A 15 -13.08 -5.25 4.13
CA ARG A 15 -13.26 -5.47 5.57
C ARG A 15 -13.07 -6.94 5.95
N ASP A 16 -12.08 -7.59 5.35
CA ASP A 16 -11.79 -8.99 5.63
C ASP A 16 -10.34 -9.13 6.07
N GLY A 17 -10.02 -10.23 6.73
CA GLY A 17 -8.65 -10.42 7.21
C GLY A 17 -8.04 -11.68 6.65
N GLY A 18 -7.33 -12.42 7.51
CA GLY A 18 -6.67 -13.63 7.06
C GLY A 18 -5.30 -13.35 6.48
N GLU A 19 -5.12 -13.70 5.22
CA GLU A 19 -3.83 -13.52 4.56
C GLU A 19 -3.73 -12.11 3.96
N LEU A 20 -3.51 -11.15 4.84
CA LEU A 20 -3.38 -9.76 4.43
C LEU A 20 -1.94 -9.38 4.17
N ILE A 21 -1.77 -8.38 3.31
CA ILE A 21 -0.45 -7.81 3.05
C ILE A 21 -0.48 -6.34 3.41
N CYS A 22 0.31 -5.94 4.39
CA CYS A 22 0.32 -4.57 4.86
C CYS A 22 1.36 -3.76 4.11
N CYS A 23 0.99 -2.55 3.74
CA CYS A 23 1.91 -1.63 3.08
C CYS A 23 2.98 -1.14 4.05
N ASP A 24 4.17 -0.90 3.50
CA ASP A 24 5.32 -0.44 4.28
C ASP A 24 5.19 1.05 4.59
N GLY A 25 4.38 1.73 3.79
CA GLY A 25 4.19 3.17 3.99
C GLY A 25 2.90 3.46 4.73
N CYS A 26 1.86 2.71 4.43
CA CYS A 26 0.57 2.89 5.07
C CYS A 26 0.21 1.63 5.84
N PRO A 27 -0.23 1.78 7.11
CA PRO A 27 -0.53 0.63 7.98
C PRO A 27 -1.72 -0.20 7.46
N ARG A 28 -2.44 0.35 6.50
CA ARG A 28 -3.57 -0.34 5.88
C ARG A 28 -3.15 -1.66 5.24
N ALA A 29 -3.97 -2.68 5.43
CA ALA A 29 -3.74 -3.99 4.85
C ALA A 29 -4.72 -4.25 3.73
N PHE A 30 -4.31 -5.11 2.79
CA PHE A 30 -5.11 -5.40 1.61
C PHE A 30 -4.99 -6.86 1.22
N HIS A 31 -5.88 -7.33 0.36
CA HIS A 31 -5.77 -8.65 -0.24
C HIS A 31 -5.27 -8.52 -1.65
N LEU A 32 -4.63 -9.57 -2.15
CA LEU A 32 -3.97 -9.54 -3.47
C LEU A 32 -4.90 -9.04 -4.57
N ALA A 33 -6.03 -9.70 -4.75
CA ALA A 33 -6.97 -9.36 -5.82
C ALA A 33 -7.91 -8.22 -5.40
N CYS A 34 -7.65 -7.64 -4.24
CA CYS A 34 -8.43 -6.52 -3.78
C CYS A 34 -7.76 -5.22 -4.17
N LEU A 35 -6.47 -5.29 -4.48
CA LEU A 35 -5.77 -4.17 -5.08
C LEU A 35 -6.29 -3.91 -6.49
N SER A 36 -6.17 -2.66 -6.94
CA SER A 36 -6.48 -2.29 -8.31
C SER A 36 -5.39 -1.35 -8.85
N PRO A 37 -4.47 -1.85 -9.70
CA PRO A 37 -4.47 -3.23 -10.22
C PRO A 37 -4.16 -4.28 -9.15
N PRO A 38 -4.74 -5.48 -9.28
CA PRO A 38 -4.58 -6.54 -8.30
C PRO A 38 -3.24 -7.27 -8.40
N LEU A 39 -2.73 -7.67 -7.25
CA LEU A 39 -1.47 -8.41 -7.20
C LEU A 39 -1.72 -9.89 -7.45
N ARG A 40 -0.77 -10.53 -8.11
CA ARG A 40 -0.87 -11.96 -8.41
C ARG A 40 -0.35 -12.78 -7.23
N GLU A 41 0.77 -12.34 -6.67
CA GLU A 41 1.36 -13.00 -5.53
C GLU A 41 1.93 -11.96 -4.56
N ILE A 42 2.33 -12.39 -3.38
CA ILE A 42 2.95 -11.49 -2.40
C ILE A 42 4.37 -11.15 -2.83
N PRO A 43 4.63 -9.87 -3.15
CA PRO A 43 5.96 -9.42 -3.57
C PRO A 43 6.93 -9.40 -2.40
N SER A 44 8.08 -10.00 -2.60
CA SER A 44 9.12 -10.04 -1.57
C SER A 44 9.82 -8.69 -1.47
N GLY A 45 9.74 -8.07 -0.32
CA GLY A 45 10.40 -6.80 -0.10
C GLY A 45 9.52 -5.80 0.64
N THR A 46 9.65 -4.54 0.28
CA THR A 46 8.85 -3.49 0.87
C THR A 46 7.78 -3.02 -0.11
N TRP A 47 6.53 -3.27 0.22
CA TRP A 47 5.43 -3.03 -0.69
C TRP A 47 4.77 -1.68 -0.39
N ARG A 48 4.38 -0.98 -1.45
CA ARG A 48 3.71 0.31 -1.31
C ARG A 48 2.38 0.26 -2.03
N CYS A 49 1.32 0.61 -1.33
CA CYS A 49 -0.01 0.58 -1.91
C CYS A 49 -0.22 1.72 -2.89
N SER A 50 -1.37 1.74 -3.54
CA SER A 50 -1.68 2.76 -4.55
C SER A 50 -1.62 4.16 -3.95
N SER A 51 -2.13 4.29 -2.74
CA SER A 51 -2.09 5.55 -2.00
C SER A 51 -0.65 6.09 -1.91
N CYS A 52 0.30 5.22 -1.62
CA CYS A 52 1.71 5.61 -1.52
C CYS A 52 2.26 6.01 -2.89
N LEU A 53 1.84 5.31 -3.92
CA LEU A 53 2.31 5.58 -5.28
C LEU A 53 1.74 6.91 -5.78
N GLN A 54 0.53 7.23 -5.37
CA GLN A 54 -0.12 8.47 -5.77
C GLN A 54 0.32 9.63 -4.86
N ALA A 55 0.93 9.29 -3.73
CA ALA A 55 1.37 10.29 -2.76
C ALA A 55 2.68 10.92 -3.17
N THR A 56 2.73 11.47 -4.37
CA THR A 56 3.93 12.05 -4.89
C THR A 56 3.90 13.57 -4.78
N VAL A 57 4.71 14.10 -3.89
CA VAL A 57 4.72 15.52 -3.57
C VAL A 57 5.51 16.30 -4.62
N GLN A 58 5.21 17.58 -4.75
CA GLN A 58 5.93 18.48 -5.65
C GLN A 58 7.40 18.56 -5.24
N GLU A 59 8.27 18.08 -6.11
CA GLU A 59 9.69 18.01 -5.79
C GLU A 59 10.39 19.28 -6.27
N VAL A 60 10.50 20.25 -5.38
CA VAL A 60 11.14 21.52 -5.70
C VAL A 60 12.67 21.38 -5.61
N GLN A 61 13.36 22.06 -6.52
CA GLN A 61 14.81 22.05 -6.52
C GLN A 61 15.33 23.43 -6.13
N PRO A 62 15.78 23.59 -4.87
CA PRO A 62 16.33 24.85 -4.38
C PRO A 62 17.72 25.14 -4.95
N ARG A 63 18.24 26.33 -4.62
CA ARG A 63 19.56 26.77 -5.06
C ARG A 63 19.60 26.98 -6.57
N ALA A 64 19.09 28.12 -7.00
CA ALA A 64 19.05 28.45 -8.42
C ALA A 64 19.78 29.77 -8.67
N GLU A 65 20.99 29.86 -8.16
CA GLU A 65 21.83 31.03 -8.36
C GLU A 65 22.92 30.72 -9.37
N GLU A 66 23.94 31.58 -9.41
CA GLU A 66 25.13 31.36 -10.26
C GLU A 66 24.76 31.42 -11.74
ZN ZN B . -9.45 -7.41 0.52
ZN ZN C . 0.64 2.56 2.06
N GLY A 1 7.06 -15.42 12.74
CA GLY A 1 7.68 -14.24 12.08
C GLY A 1 7.75 -13.07 13.01
N ALA A 2 8.78 -12.24 12.86
CA ALA A 2 8.96 -11.07 13.69
C ALA A 2 7.97 -9.98 13.30
N MET A 3 6.89 -9.87 14.06
CA MET A 3 5.88 -8.85 13.83
C MET A 3 6.22 -7.60 14.62
N ALA A 4 7.13 -6.80 14.08
CA ALA A 4 7.59 -5.60 14.77
C ALA A 4 7.18 -4.36 13.99
N GLN A 5 6.01 -4.42 13.38
CA GLN A 5 5.49 -3.28 12.64
C GLN A 5 4.00 -3.10 12.94
N LYS A 6 3.57 -1.86 12.97
CA LYS A 6 2.18 -1.54 13.24
C LYS A 6 1.39 -1.45 11.94
N ASN A 7 0.20 -2.02 11.94
CA ASN A 7 -0.62 -2.08 10.74
C ASN A 7 -2.08 -2.33 11.10
N GLU A 8 -2.97 -2.07 10.14
CA GLU A 8 -4.37 -2.41 10.30
C GLU A 8 -4.59 -3.86 9.92
N ASP A 9 -5.23 -4.60 10.81
CA ASP A 9 -5.51 -6.02 10.57
C ASP A 9 -6.77 -6.20 9.75
N GLU A 10 -7.15 -5.16 9.03
CA GLU A 10 -8.39 -5.17 8.27
C GLU A 10 -8.11 -4.74 6.85
N CYS A 11 -8.61 -5.51 5.89
CA CYS A 11 -8.49 -5.12 4.49
C CYS A 11 -9.36 -3.91 4.23
N ALA A 12 -8.73 -2.77 3.99
CA ALA A 12 -9.42 -1.51 3.74
C ALA A 12 -10.40 -1.57 2.57
N VAL A 13 -10.40 -2.68 1.83
CA VAL A 13 -11.31 -2.83 0.70
C VAL A 13 -12.60 -3.54 1.12
N CYS A 14 -12.49 -4.77 1.61
CA CYS A 14 -13.68 -5.59 1.90
C CYS A 14 -13.82 -5.90 3.39
N ARG A 15 -12.99 -5.28 4.23
CA ARG A 15 -13.04 -5.46 5.69
C ARG A 15 -12.82 -6.90 6.12
N ASP A 16 -11.98 -7.63 5.40
CA ASP A 16 -11.64 -9.01 5.77
C ASP A 16 -10.16 -9.11 6.11
N GLY A 17 -9.76 -10.24 6.68
CA GLY A 17 -8.37 -10.45 7.02
C GLY A 17 -7.85 -11.74 6.44
N GLY A 18 -6.92 -12.37 7.12
CA GLY A 18 -6.35 -13.62 6.63
C GLY A 18 -5.14 -13.39 5.77
N GLU A 19 -5.33 -13.50 4.45
CA GLU A 19 -4.23 -13.33 3.50
C GLU A 19 -4.02 -11.84 3.22
N LEU A 20 -3.47 -11.12 4.19
CA LEU A 20 -3.28 -9.69 4.05
C LEU A 20 -1.84 -9.34 3.77
N ILE A 21 -1.65 -8.21 3.12
CA ILE A 21 -0.33 -7.64 2.91
C ILE A 21 -0.33 -6.20 3.39
N CYS A 22 0.60 -5.88 4.29
CA CYS A 22 0.70 -4.52 4.80
C CYS A 22 1.69 -3.73 3.97
N CYS A 23 1.26 -2.55 3.56
CA CYS A 23 2.11 -1.63 2.83
C CYS A 23 3.29 -1.19 3.68
N ASP A 24 4.39 -0.83 3.03
CA ASP A 24 5.59 -0.40 3.73
C ASP A 24 5.35 0.89 4.51
N GLY A 25 5.18 1.99 3.79
CA GLY A 25 4.99 3.29 4.43
C GLY A 25 3.60 3.50 5.01
N CYS A 26 2.64 2.72 4.56
CA CYS A 26 1.27 2.87 5.02
C CYS A 26 0.80 1.62 5.75
N PRO A 27 0.11 1.79 6.89
CA PRO A 27 -0.38 0.66 7.72
C PRO A 27 -1.56 -0.04 7.07
N ARG A 28 -1.87 0.37 5.84
CA ARG A 28 -2.96 -0.20 5.07
C ARG A 28 -2.69 -1.67 4.72
N ALA A 29 -3.67 -2.52 5.01
CA ALA A 29 -3.61 -3.93 4.63
C ALA A 29 -4.66 -4.24 3.57
N PHE A 30 -4.29 -5.10 2.62
CA PHE A 30 -5.17 -5.43 1.51
C PHE A 30 -5.02 -6.90 1.12
N HIS A 31 -6.01 -7.44 0.42
CA HIS A 31 -5.91 -8.77 -0.16
C HIS A 31 -5.34 -8.68 -1.56
N LEU A 32 -4.68 -9.73 -2.01
CA LEU A 32 -4.00 -9.71 -3.30
C LEU A 32 -4.96 -9.39 -4.44
N ALA A 33 -6.01 -10.19 -4.58
CA ALA A 33 -6.95 -10.03 -5.69
C ALA A 33 -7.88 -8.84 -5.46
N CYS A 34 -8.00 -8.41 -4.21
CA CYS A 34 -8.80 -7.24 -3.89
C CYS A 34 -8.07 -5.95 -4.22
N LEU A 35 -6.76 -6.06 -4.43
CA LEU A 35 -5.95 -4.93 -4.84
C LEU A 35 -6.19 -4.61 -6.30
N SER A 36 -5.80 -3.42 -6.70
CA SER A 36 -5.88 -3.00 -8.09
C SER A 36 -4.56 -2.33 -8.48
N PRO A 37 -3.76 -2.93 -9.37
CA PRO A 37 -4.08 -4.20 -10.02
C PRO A 37 -3.99 -5.39 -9.06
N PRO A 38 -4.86 -6.39 -9.26
CA PRO A 38 -4.91 -7.58 -8.41
C PRO A 38 -3.65 -8.43 -8.51
N LEU A 39 -3.02 -8.67 -7.39
CA LEU A 39 -1.79 -9.46 -7.34
C LEU A 39 -2.11 -10.95 -7.36
N ARG A 40 -1.15 -11.73 -7.84
CA ARG A 40 -1.29 -13.18 -7.89
C ARG A 40 -0.60 -13.81 -6.69
N GLU A 41 0.49 -13.20 -6.27
CA GLU A 41 1.28 -13.68 -5.15
C GLU A 41 1.72 -12.50 -4.29
N ILE A 42 2.02 -12.76 -3.03
CA ILE A 42 2.47 -11.72 -2.11
C ILE A 42 3.90 -11.29 -2.43
N PRO A 43 4.08 -10.03 -2.84
CA PRO A 43 5.40 -9.48 -3.17
C PRO A 43 6.34 -9.49 -1.99
N SER A 44 7.56 -9.92 -2.22
CA SER A 44 8.58 -9.99 -1.19
C SER A 44 9.48 -8.75 -1.25
N GLY A 45 9.26 -7.82 -0.34
CA GLY A 45 10.06 -6.61 -0.30
C GLY A 45 9.28 -5.40 0.19
N THR A 46 9.56 -4.25 -0.39
CA THR A 46 8.90 -3.03 0.00
C THR A 46 7.75 -2.69 -0.95
N TRP A 47 6.53 -2.92 -0.51
CA TRP A 47 5.36 -2.68 -1.32
C TRP A 47 4.73 -1.34 -0.96
N ARG A 48 4.27 -0.61 -1.96
CA ARG A 48 3.71 0.72 -1.74
C ARG A 48 2.29 0.79 -2.32
N CYS A 49 1.34 1.20 -1.50
CA CYS A 49 -0.04 1.28 -1.94
C CYS A 49 -0.32 2.61 -2.65
N SER A 50 -1.59 2.87 -2.96
CA SER A 50 -1.98 4.05 -3.73
C SER A 50 -1.58 5.33 -3.00
N SER A 51 -1.78 5.33 -1.67
CA SER A 51 -1.43 6.49 -0.85
C SER A 51 0.04 6.88 -1.05
N CYS A 52 0.92 5.88 -1.02
CA CYS A 52 2.36 6.11 -1.18
C CYS A 52 2.66 6.74 -2.55
N LEU A 53 1.95 6.29 -3.56
CA LEU A 53 2.14 6.78 -4.92
C LEU A 53 1.74 8.24 -5.03
N GLN A 54 0.77 8.65 -4.22
CA GLN A 54 0.25 10.01 -4.24
C GLN A 54 0.94 10.87 -3.17
N ALA A 55 1.72 10.22 -2.31
CA ALA A 55 2.39 10.93 -1.22
C ALA A 55 3.80 11.35 -1.64
N THR A 56 4.05 11.29 -2.94
CA THR A 56 5.33 11.68 -3.49
C THR A 56 5.41 13.19 -3.68
N VAL A 57 6.39 13.80 -3.05
CA VAL A 57 6.57 15.24 -3.12
C VAL A 57 7.57 15.60 -4.21
N GLN A 58 7.16 16.50 -5.10
CA GLN A 58 8.01 16.94 -6.18
C GLN A 58 8.46 18.38 -5.98
N GLU A 59 7.95 19.00 -4.91
CA GLU A 59 8.34 20.36 -4.55
C GLU A 59 9.60 20.30 -3.68
N VAL A 60 10.75 20.51 -4.31
CA VAL A 60 12.03 20.38 -3.64
C VAL A 60 12.50 21.71 -3.06
N GLN A 61 13.33 21.61 -2.02
CA GLN A 61 13.91 22.79 -1.39
C GLN A 61 15.24 23.14 -2.05
N PRO A 62 15.42 24.42 -2.42
CA PRO A 62 16.65 24.92 -3.04
C PRO A 62 17.80 24.99 -2.05
N ARG A 63 18.27 23.83 -1.60
CA ARG A 63 19.36 23.74 -0.64
C ARG A 63 20.69 24.20 -1.24
N ALA A 64 20.94 23.82 -2.48
CA ALA A 64 22.21 24.14 -3.12
C ALA A 64 22.24 25.61 -3.55
N GLU A 65 21.47 25.95 -4.58
CA GLU A 65 21.43 27.32 -5.07
C GLU A 65 20.24 27.57 -5.99
N GLU A 66 19.63 26.49 -6.48
CA GLU A 66 18.47 26.57 -7.38
C GLU A 66 18.84 27.27 -8.67
ZN ZN B . -9.79 -7.49 0.20
ZN ZN C . 1.15 2.85 1.65
N GLY A 1 14.00 3.36 6.02
CA GLY A 1 13.18 4.05 4.99
C GLY A 1 11.77 4.32 5.47
N ALA A 2 11.25 3.46 6.34
CA ALA A 2 9.93 3.63 6.89
C ALA A 2 9.86 3.09 8.32
N MET A 3 9.21 3.84 9.20
CA MET A 3 9.05 3.42 10.58
C MET A 3 7.71 2.72 10.77
N ALA A 4 7.62 1.50 10.25
CA ALA A 4 6.39 0.73 10.32
C ALA A 4 6.39 -0.18 11.53
N GLN A 5 5.73 0.24 12.59
CA GLN A 5 5.62 -0.55 13.80
C GLN A 5 4.23 -1.17 13.88
N LYS A 6 3.29 -0.57 13.14
CA LYS A 6 1.91 -0.99 13.19
C LYS A 6 1.40 -1.28 11.79
N ASN A 7 0.65 -2.37 11.66
CA ASN A 7 -0.03 -2.70 10.43
C ASN A 7 -1.46 -3.11 10.75
N GLU A 8 -2.41 -2.58 10.00
CA GLU A 8 -3.81 -2.84 10.28
C GLU A 8 -4.20 -4.22 9.78
N ASP A 9 -4.89 -4.97 10.61
CA ASP A 9 -5.28 -6.34 10.26
C ASP A 9 -6.67 -6.35 9.63
N GLU A 10 -7.01 -5.26 8.96
CA GLU A 10 -8.30 -5.13 8.31
C GLU A 10 -8.08 -4.71 6.87
N CYS A 11 -8.72 -5.40 5.94
CA CYS A 11 -8.62 -5.03 4.53
C CYS A 11 -9.43 -3.77 4.26
N ALA A 12 -8.72 -2.70 3.94
CA ALA A 12 -9.34 -1.39 3.64
C ALA A 12 -10.35 -1.49 2.48
N VAL A 13 -10.38 -2.62 1.80
CA VAL A 13 -11.33 -2.82 0.72
C VAL A 13 -12.66 -3.37 1.25
N CYS A 14 -12.62 -4.58 1.80
CA CYS A 14 -13.86 -5.29 2.15
C CYS A 14 -14.11 -5.34 3.66
N ARG A 15 -13.18 -4.78 4.44
CA ARG A 15 -13.25 -4.83 5.92
C ARG A 15 -13.12 -6.27 6.42
N ASP A 16 -12.47 -7.12 5.65
CA ASP A 16 -12.23 -8.50 6.05
C ASP A 16 -10.74 -8.71 6.31
N GLY A 17 -10.40 -9.85 6.90
CA GLY A 17 -9.01 -10.15 7.16
C GLY A 17 -8.55 -11.41 6.48
N GLY A 18 -7.45 -11.99 6.94
CA GLY A 18 -6.94 -13.19 6.34
C GLY A 18 -5.53 -13.02 5.82
N GLU A 19 -5.29 -13.48 4.60
CA GLU A 19 -3.97 -13.32 3.97
C GLU A 19 -3.83 -11.91 3.43
N LEU A 20 -3.56 -10.98 4.34
CA LEU A 20 -3.44 -9.59 3.98
C LEU A 20 -1.99 -9.22 3.69
N ILE A 21 -1.81 -8.21 2.88
CA ILE A 21 -0.50 -7.65 2.62
C ILE A 21 -0.51 -6.17 2.97
N CYS A 22 0.32 -5.78 3.93
CA CYS A 22 0.37 -4.39 4.37
C CYS A 22 1.43 -3.64 3.59
N CYS A 23 1.10 -2.40 3.23
CA CYS A 23 2.05 -1.54 2.56
C CYS A 23 3.25 -1.25 3.46
N ASP A 24 4.42 -1.08 2.84
CA ASP A 24 5.67 -0.93 3.58
C ASP A 24 5.59 0.14 4.67
N GLY A 25 5.38 1.39 4.27
CA GLY A 25 5.28 2.46 5.23
C GLY A 25 3.86 2.86 5.55
N CYS A 26 2.89 2.19 4.94
CA CYS A 26 1.49 2.50 5.16
C CYS A 26 0.78 1.31 5.81
N PRO A 27 0.15 1.53 6.97
CA PRO A 27 -0.48 0.46 7.75
C PRO A 27 -1.72 -0.16 7.09
N ARG A 28 -2.13 0.40 5.96
CA ARG A 28 -3.29 -0.11 5.24
C ARG A 28 -3.01 -1.48 4.65
N ALA A 29 -3.85 -2.44 4.98
CA ALA A 29 -3.71 -3.80 4.46
C ALA A 29 -4.77 -4.09 3.41
N PHE A 30 -4.42 -4.96 2.49
CA PHE A 30 -5.30 -5.30 1.37
C PHE A 30 -5.15 -6.77 1.03
N HIS A 31 -6.16 -7.35 0.38
CA HIS A 31 -6.07 -8.69 -0.13
C HIS A 31 -5.48 -8.65 -1.54
N LEU A 32 -4.82 -9.72 -1.96
CA LEU A 32 -4.13 -9.74 -3.25
C LEU A 32 -5.04 -9.35 -4.40
N ALA A 33 -6.15 -10.08 -4.55
CA ALA A 33 -7.07 -9.86 -5.66
C ALA A 33 -7.92 -8.61 -5.47
N CYS A 34 -8.03 -8.14 -4.22
CA CYS A 34 -8.80 -6.96 -3.93
C CYS A 34 -8.04 -5.70 -4.33
N LEU A 35 -6.71 -5.83 -4.39
CA LEU A 35 -5.87 -4.74 -4.83
C LEU A 35 -6.16 -4.43 -6.31
N SER A 36 -6.00 -3.17 -6.69
CA SER A 36 -6.12 -2.78 -8.08
C SER A 36 -4.90 -1.95 -8.47
N PRO A 37 -4.02 -2.49 -9.35
CA PRO A 37 -4.21 -3.80 -9.98
C PRO A 37 -3.95 -4.97 -9.03
N PRO A 38 -4.71 -6.06 -9.18
CA PRO A 38 -4.64 -7.22 -8.28
C PRO A 38 -3.29 -7.91 -8.32
N LEU A 39 -2.71 -8.12 -7.14
CA LEU A 39 -1.43 -8.79 -7.01
C LEU A 39 -1.60 -10.30 -7.12
N ARG A 40 -0.62 -10.94 -7.73
CA ARG A 40 -0.63 -12.39 -7.85
C ARG A 40 -0.04 -13.04 -6.61
N GLU A 41 1.12 -12.56 -6.19
CA GLU A 41 1.84 -13.13 -5.06
C GLU A 41 2.43 -12.02 -4.22
N ILE A 42 2.66 -12.29 -2.95
CA ILE A 42 3.21 -11.29 -2.03
C ILE A 42 4.71 -11.11 -2.27
N PRO A 43 5.12 -9.90 -2.69
CA PRO A 43 6.52 -9.60 -2.97
C PRO A 43 7.35 -9.47 -1.69
N SER A 44 8.53 -10.09 -1.71
CA SER A 44 9.43 -10.03 -0.59
C SER A 44 10.27 -8.75 -0.66
N GLY A 45 9.71 -7.66 -0.14
CA GLY A 45 10.41 -6.40 -0.16
C GLY A 45 9.51 -5.24 0.20
N THR A 46 9.69 -4.11 -0.46
CA THR A 46 8.91 -2.92 -0.17
C THR A 46 7.75 -2.79 -1.14
N TRP A 47 6.54 -3.05 -0.67
CA TRP A 47 5.36 -2.88 -1.49
C TRP A 47 4.68 -1.55 -1.18
N ARG A 48 4.16 -0.90 -2.20
CA ARG A 48 3.52 0.40 -2.04
C ARG A 48 2.08 0.34 -2.53
N CYS A 49 1.15 0.78 -1.70
CA CYS A 49 -0.25 0.79 -2.06
C CYS A 49 -0.64 2.11 -2.73
N SER A 50 -1.94 2.33 -2.91
CA SER A 50 -2.43 3.52 -3.58
C SER A 50 -1.98 4.79 -2.85
N SER A 51 -2.02 4.74 -1.52
CA SER A 51 -1.62 5.87 -0.70
C SER A 51 -0.21 6.35 -1.07
N CYS A 52 0.73 5.42 -1.20
CA CYS A 52 2.10 5.77 -1.54
C CYS A 52 2.20 6.30 -2.97
N LEU A 53 1.42 5.72 -3.87
CA LEU A 53 1.47 6.10 -5.28
C LEU A 53 0.97 7.52 -5.47
N GLN A 54 -0.08 7.88 -4.75
CA GLN A 54 -0.68 9.20 -4.87
C GLN A 54 -0.09 10.18 -3.84
N ALA A 55 0.85 9.69 -3.05
CA ALA A 55 1.49 10.52 -2.03
C ALA A 55 2.40 11.57 -2.67
N THR A 56 3.00 11.21 -3.78
CA THR A 56 3.86 12.13 -4.50
C THR A 56 3.04 12.97 -5.48
N VAL A 57 2.84 14.23 -5.16
CA VAL A 57 1.99 15.10 -5.95
C VAL A 57 2.77 16.26 -6.56
N GLN A 58 2.44 16.56 -7.82
CA GLN A 58 2.92 17.75 -8.49
C GLN A 58 1.91 18.15 -9.56
N GLU A 59 1.10 19.14 -9.22
CA GLU A 59 0.00 19.56 -10.08
C GLU A 59 0.50 20.40 -11.25
N VAL A 60 0.45 19.82 -12.44
CA VAL A 60 0.84 20.51 -13.66
C VAL A 60 -0.32 21.35 -14.16
N GLN A 61 -0.31 22.63 -13.80
CA GLN A 61 -1.39 23.54 -14.15
C GLN A 61 -1.31 23.94 -15.62
N PRO A 62 -2.40 23.74 -16.37
CA PRO A 62 -2.48 24.07 -17.80
C PRO A 62 -2.43 25.59 -18.03
N ARG A 63 -1.28 26.07 -18.53
CA ARG A 63 -1.02 27.49 -18.71
C ARG A 63 -0.89 28.19 -17.36
N ALA A 64 -1.96 28.15 -16.59
CA ALA A 64 -1.99 28.68 -15.24
C ALA A 64 -3.24 28.17 -14.53
N GLU A 65 -4.38 28.62 -15.03
CA GLU A 65 -5.67 28.14 -14.56
C GLU A 65 -6.55 27.88 -15.77
N GLU A 66 -7.78 27.41 -15.53
CA GLU A 66 -8.71 27.12 -16.62
C GLU A 66 -8.19 25.99 -17.51
ZN ZN B . -10.30 -7.39 0.45
ZN ZN C . 1.05 3.01 1.14
N GLY A 1 8.11 1.89 16.90
CA GLY A 1 8.23 1.87 15.42
C GLY A 1 7.31 2.87 14.77
N ALA A 2 7.82 3.59 13.77
CA ALA A 2 7.03 4.58 13.06
C ALA A 2 6.19 3.90 11.99
N MET A 3 5.06 3.34 12.41
CA MET A 3 4.17 2.57 11.54
C MET A 3 4.86 1.30 11.08
N ALA A 4 4.24 0.56 10.15
CA ALA A 4 4.78 -0.68 9.61
C ALA A 4 4.68 -1.83 10.62
N GLN A 5 4.75 -1.51 11.90
CA GLN A 5 4.53 -2.48 12.96
C GLN A 5 3.06 -2.53 13.34
N LYS A 6 2.49 -1.36 13.60
CA LYS A 6 1.08 -1.28 13.96
C LYS A 6 0.21 -1.18 12.70
N ASN A 7 -0.06 -2.32 12.09
CA ASN A 7 -0.92 -2.38 10.92
C ASN A 7 -2.25 -3.00 11.32
N GLU A 8 -3.33 -2.51 10.74
CA GLU A 8 -4.64 -3.07 11.00
C GLU A 8 -4.78 -4.40 10.29
N ASP A 9 -5.26 -5.41 10.98
CA ASP A 9 -5.40 -6.74 10.42
C ASP A 9 -6.66 -6.87 9.56
N GLU A 10 -7.02 -5.77 8.92
CA GLU A 10 -8.25 -5.71 8.14
C GLU A 10 -7.94 -5.11 6.77
N CYS A 11 -8.44 -5.75 5.73
CA CYS A 11 -8.30 -5.22 4.38
C CYS A 11 -9.17 -3.98 4.23
N ALA A 12 -8.52 -2.83 4.02
CA ALA A 12 -9.23 -1.54 3.81
C ALA A 12 -10.05 -1.51 2.53
N VAL A 13 -10.60 -2.65 2.15
CA VAL A 13 -11.51 -2.78 1.03
C VAL A 13 -12.78 -3.49 1.46
N CYS A 14 -12.61 -4.68 2.04
CA CYS A 14 -13.74 -5.51 2.43
C CYS A 14 -13.83 -5.71 3.94
N ARG A 15 -12.88 -5.12 4.68
CA ARG A 15 -12.80 -5.27 6.15
C ARG A 15 -12.47 -6.69 6.58
N ASP A 16 -12.23 -7.57 5.62
CA ASP A 16 -11.86 -8.96 5.93
C ASP A 16 -10.38 -9.07 6.20
N GLY A 17 -9.97 -10.14 6.87
CA GLY A 17 -8.58 -10.34 7.18
C GLY A 17 -8.07 -11.65 6.63
N GLY A 18 -7.23 -12.33 7.39
CA GLY A 18 -6.67 -13.59 6.93
C GLY A 18 -5.37 -13.40 6.20
N GLU A 19 -5.37 -13.67 4.90
CA GLU A 19 -4.18 -13.53 4.08
C GLU A 19 -4.06 -12.08 3.62
N LEU A 20 -3.21 -11.32 4.29
CA LEU A 20 -3.13 -9.89 4.06
C LEU A 20 -1.72 -9.44 3.72
N ILE A 21 -1.63 -8.36 2.97
CA ILE A 21 -0.37 -7.72 2.70
C ILE A 21 -0.42 -6.28 3.22
N CYS A 22 0.39 -5.99 4.23
CA CYS A 22 0.39 -4.66 4.83
C CYS A 22 1.45 -3.81 4.17
N CYS A 23 1.07 -2.60 3.77
CA CYS A 23 1.99 -1.68 3.12
C CYS A 23 3.13 -1.28 4.06
N ASP A 24 4.29 -1.02 3.48
CA ASP A 24 5.47 -0.66 4.25
C ASP A 24 5.54 0.86 4.46
N GLY A 25 4.61 1.56 3.84
CA GLY A 25 4.54 3.00 4.03
C GLY A 25 3.36 3.40 4.90
N CYS A 26 2.22 2.75 4.67
CA CYS A 26 1.00 3.04 5.42
C CYS A 26 0.56 1.79 6.16
N PRO A 27 -0.17 1.94 7.30
CA PRO A 27 -0.65 0.79 8.08
C PRO A 27 -1.86 0.09 7.43
N ARG A 28 -2.10 0.45 6.17
CA ARG A 28 -3.17 -0.14 5.39
C ARG A 28 -2.86 -1.57 5.00
N ALA A 29 -3.79 -2.48 5.26
CA ALA A 29 -3.67 -3.86 4.83
C ALA A 29 -4.70 -4.17 3.76
N PHE A 30 -4.35 -5.07 2.84
CA PHE A 30 -5.23 -5.38 1.72
C PHE A 30 -5.09 -6.84 1.31
N HIS A 31 -6.07 -7.32 0.54
CA HIS A 31 -5.99 -8.63 -0.09
C HIS A 31 -5.43 -8.47 -1.49
N LEU A 32 -4.68 -9.46 -1.95
CA LEU A 32 -3.95 -9.37 -3.21
C LEU A 32 -4.88 -9.00 -4.38
N ALA A 33 -5.92 -9.79 -4.60
CA ALA A 33 -6.83 -9.58 -5.71
C ALA A 33 -7.77 -8.41 -5.48
N CYS A 34 -7.99 -8.06 -4.22
CA CYS A 34 -8.87 -6.94 -3.88
C CYS A 34 -8.20 -5.62 -4.25
N LEU A 35 -6.89 -5.64 -4.37
CA LEU A 35 -6.13 -4.48 -4.79
C LEU A 35 -6.42 -4.12 -6.24
N SER A 36 -6.21 -2.86 -6.57
CA SER A 36 -6.28 -2.41 -7.96
C SER A 36 -5.04 -1.56 -8.28
N PRO A 37 -4.17 -2.03 -9.18
CA PRO A 37 -4.33 -3.33 -9.86
C PRO A 37 -4.08 -4.50 -8.93
N PRO A 38 -4.78 -5.63 -9.17
CA PRO A 38 -4.70 -6.81 -8.31
C PRO A 38 -3.36 -7.52 -8.41
N LEU A 39 -2.82 -7.89 -7.25
CA LEU A 39 -1.58 -8.65 -7.19
C LEU A 39 -1.88 -10.13 -7.28
N ARG A 40 -1.00 -10.87 -7.94
CA ARG A 40 -1.19 -12.31 -8.12
C ARG A 40 -0.37 -13.08 -7.11
N GLU A 41 0.73 -12.48 -6.66
CA GLU A 41 1.59 -13.07 -5.66
C GLU A 41 2.05 -12.00 -4.68
N ILE A 42 2.46 -12.43 -3.49
CA ILE A 42 2.98 -11.52 -2.49
C ILE A 42 4.40 -11.08 -2.86
N PRO A 43 4.58 -9.79 -3.14
CA PRO A 43 5.88 -9.23 -3.51
C PRO A 43 6.84 -9.20 -2.33
N SER A 44 8.04 -9.72 -2.55
CA SER A 44 9.07 -9.77 -1.52
C SER A 44 9.81 -8.44 -1.42
N GLY A 45 9.64 -7.76 -0.30
CA GLY A 45 10.29 -6.49 -0.09
C GLY A 45 9.32 -5.42 0.38
N THR A 46 9.76 -4.18 0.34
CA THR A 46 8.90 -3.07 0.74
C THR A 46 7.87 -2.76 -0.35
N TRP A 47 6.60 -2.88 0.01
CA TRP A 47 5.51 -2.64 -0.93
C TRP A 47 4.81 -1.34 -0.57
N ARG A 48 4.39 -0.60 -1.59
CA ARG A 48 3.73 0.69 -1.39
C ARG A 48 2.38 0.68 -2.10
N CYS A 49 1.34 1.06 -1.38
CA CYS A 49 -0.01 1.09 -1.94
C CYS A 49 -0.16 2.22 -2.96
N SER A 50 -1.30 2.26 -3.65
CA SER A 50 -1.52 3.26 -4.69
C SER A 50 -1.46 4.68 -4.12
N SER A 51 -2.02 4.85 -2.93
CA SER A 51 -1.97 6.13 -2.22
C SER A 51 -0.51 6.60 -2.08
N CYS A 52 0.38 5.68 -1.73
CA CYS A 52 1.80 6.00 -1.62
C CYS A 52 2.44 6.18 -3.00
N LEU A 53 2.03 5.35 -3.95
CA LEU A 53 2.59 5.38 -5.31
C LEU A 53 2.39 6.73 -5.97
N GLN A 54 1.19 7.28 -5.89
CA GLN A 54 0.89 8.53 -6.56
C GLN A 54 1.28 9.72 -5.69
N ALA A 55 1.82 9.46 -4.52
CA ALA A 55 2.33 10.51 -3.65
C ALA A 55 3.78 10.79 -4.01
N THR A 56 4.44 9.78 -4.53
CA THR A 56 5.82 9.89 -4.98
C THR A 56 5.86 10.17 -6.48
N VAL A 57 6.85 10.93 -6.91
CA VAL A 57 6.99 11.25 -8.32
C VAL A 57 7.69 10.13 -9.06
N GLN A 58 6.98 9.55 -10.00
CA GLN A 58 7.50 8.48 -10.83
C GLN A 58 7.31 8.89 -12.28
N GLU A 59 8.36 8.78 -13.07
CA GLU A 59 8.38 9.35 -14.42
C GLU A 59 7.46 8.60 -15.36
N VAL A 60 6.27 9.11 -15.54
CA VAL A 60 5.32 8.58 -16.52
C VAL A 60 4.72 9.76 -17.28
N GLN A 61 5.24 10.00 -18.48
CA GLN A 61 4.82 11.15 -19.26
C GLN A 61 3.44 10.94 -19.85
N PRO A 62 2.52 11.89 -19.63
CA PRO A 62 1.16 11.83 -20.18
C PRO A 62 1.18 11.78 -21.71
N ARG A 63 0.47 10.82 -22.26
CA ARG A 63 0.49 10.59 -23.70
C ARG A 63 -0.93 10.75 -24.25
N ALA A 64 -1.51 11.91 -23.98
CA ALA A 64 -2.88 12.20 -24.38
C ALA A 64 -2.98 12.42 -25.89
N GLU A 65 -4.07 11.96 -26.47
CA GLU A 65 -4.28 12.06 -27.91
C GLU A 65 -5.75 12.34 -28.21
N GLU A 66 -6.03 13.49 -28.79
CA GLU A 66 -7.38 13.83 -29.20
C GLU A 66 -7.61 13.46 -30.66
ZN ZN B . -10.08 -7.36 0.39
ZN ZN C . 0.89 2.53 1.12
#